data_3OME
#
_entry.id   3OME
#
_cell.length_a   145.220
_cell.length_b   86.650
_cell.length_c   140.050
_cell.angle_alpha   90.00
_cell.angle_beta   97.93
_cell.angle_gamma   90.00
#
_symmetry.space_group_name_H-M   'C 1 2 1'
#
loop_
_entity.id
_entity.type
_entity.pdbx_description
1 polymer 'Enoyl-CoA hydratase'
2 non-polymer 'ZINC ION'
3 water water
#
_entity_poly.entity_id   1
_entity_poly.type   'polypeptide(L)'
_entity_poly.pdbx_seq_one_letter_code
;MAHHHHHHMGTLEAQTQGPGSMVYIDYGVADSIATITLNRPEAANAQNPELLDELDAAWTRAAEDNEVKVIILRANGKHF
SAGHDLRGGGEVPEKISLEFIIQHEARRYLDYTLRWRNVPKPSIAAVQGRCISGGLLLCWPCDLILASDDALFSDPVALM
GIGGVEYHGHTWELGPRKAKEILFTGRALTAEEAERTGMVNRVVARDELDAQTRELAEQIATMPPFALRQAKRAVNQTLD
VQGFYAAIQSVFDIHQTGHGNALSVSGWPVLVDIEEMKANIK
;
_entity_poly.pdbx_strand_id   A,B,C,D,E,F
#
# COMPACT_ATOMS: atom_id res chain seq x y z
N MET A 22 3.23 17.86 -39.05
CA MET A 22 3.87 16.70 -38.35
C MET A 22 4.29 15.56 -39.32
N VAL A 23 5.54 15.12 -39.20
CA VAL A 23 6.11 14.08 -40.06
C VAL A 23 5.48 12.70 -39.82
N TYR A 24 5.39 12.27 -38.56
CA TYR A 24 4.99 10.88 -38.29
C TYR A 24 3.57 10.66 -37.73
N ILE A 25 2.97 11.71 -37.17
CA ILE A 25 1.68 11.60 -36.52
C ILE A 25 0.65 12.45 -37.25
N ASP A 26 -0.51 11.86 -37.57
CA ASP A 26 -1.64 12.62 -38.13
C ASP A 26 -2.56 12.99 -36.95
N TYR A 27 -3.12 14.19 -36.98
CA TYR A 27 -3.99 14.68 -35.93
C TYR A 27 -5.17 15.37 -36.56
N GLY A 28 -6.37 15.01 -36.12
CA GLY A 28 -7.57 15.69 -36.60
C GLY A 28 -8.68 15.70 -35.55
N VAL A 29 -9.51 16.73 -35.59
CA VAL A 29 -10.65 16.82 -34.68
C VAL A 29 -11.92 16.84 -35.53
N ALA A 30 -12.90 16.03 -35.15
CA ALA A 30 -14.21 16.07 -35.79
C ALA A 30 -15.26 15.61 -34.81
N ASP A 31 -16.32 16.41 -34.63
CA ASP A 31 -17.50 16.06 -33.78
C ASP A 31 -17.08 15.70 -32.35
N SER A 32 -16.22 16.55 -31.79
CA SER A 32 -15.71 16.49 -30.42
C SER A 32 -14.73 15.36 -30.15
N ILE A 33 -14.25 14.72 -31.23
CA ILE A 33 -13.34 13.59 -31.12
C ILE A 33 -11.99 13.96 -31.73
N ALA A 34 -10.92 13.82 -30.98
CA ALA A 34 -9.56 13.94 -31.52
C ALA A 34 -9.05 12.58 -31.94
N THR A 35 -8.58 12.47 -33.18
CA THR A 35 -8.01 11.23 -33.68
C THR A 35 -6.51 11.41 -33.90
N ILE A 36 -5.74 10.58 -33.22
CA ILE A 36 -4.27 10.61 -33.29
C ILE A 36 -3.87 9.35 -34.02
N THR A 37 -3.21 9.48 -35.17
CA THR A 37 -2.86 8.31 -35.99
C THR A 37 -1.35 8.19 -36.12
N LEU A 38 -0.83 7.02 -35.76
CA LEU A 38 0.59 6.70 -36.05
C LEU A 38 0.74 6.50 -37.56
N ASN A 39 1.63 7.28 -38.18
CA ASN A 39 1.76 7.27 -39.63
C ASN A 39 3.21 7.03 -40.03
N ARG A 40 3.78 5.92 -39.58
CA ARG A 40 5.12 5.48 -40.01
C ARG A 40 5.10 4.02 -40.44
N PRO A 41 4.22 3.69 -41.39
CA PRO A 41 4.07 2.28 -41.78
C PRO A 41 5.33 1.70 -42.41
N GLU A 42 6.15 2.56 -43.03
CA GLU A 42 7.46 2.14 -43.56
C GLU A 42 8.35 1.44 -42.52
N ALA A 43 8.12 1.66 -41.22
CA ALA A 43 8.83 0.92 -40.18
C ALA A 43 7.87 0.18 -39.24
N ALA A 44 6.68 -0.17 -39.73
CA ALA A 44 5.72 -0.86 -38.88
C ALA A 44 5.40 -0.03 -37.60
N ASN A 45 5.38 1.30 -37.77
CA ASN A 45 5.20 2.25 -36.70
C ASN A 45 6.15 2.07 -35.54
N ALA A 46 7.38 1.67 -35.82
CA ALA A 46 8.44 1.67 -34.84
C ALA A 46 8.66 3.11 -34.42
N GLN A 47 9.00 3.29 -33.15
CA GLN A 47 9.05 4.59 -32.51
C GLN A 47 10.45 5.16 -32.38
N ASN A 48 10.76 6.20 -33.12
CA ASN A 48 12.03 6.90 -32.86
C ASN A 48 11.74 8.09 -31.94
N PRO A 49 12.79 8.76 -31.44
CA PRO A 49 12.54 9.92 -30.59
C PRO A 49 11.65 11.02 -31.22
N GLU A 50 11.74 11.24 -32.52
CA GLU A 50 10.95 12.28 -33.17
C GLU A 50 9.47 11.89 -33.22
N LEU A 51 9.20 10.62 -33.50
CA LEU A 51 7.82 10.13 -33.48
C LEU A 51 7.19 10.26 -32.09
N LEU A 52 7.94 9.89 -31.08
CA LEU A 52 7.46 9.97 -29.70
C LEU A 52 7.20 11.44 -29.26
N ASP A 53 8.08 12.35 -29.66
CA ASP A 53 7.85 13.77 -29.40
C ASP A 53 6.61 14.33 -30.09
N GLU A 54 6.36 13.91 -31.34
CA GLU A 54 5.15 14.32 -32.03
C GLU A 54 3.92 13.70 -31.42
N LEU A 55 4.02 12.46 -30.93
CA LEU A 55 2.86 11.82 -30.30
C LEU A 55 2.49 12.52 -29.00
N ASP A 56 3.51 12.81 -28.20
CA ASP A 56 3.28 13.57 -26.99
C ASP A 56 2.68 14.94 -27.26
N ALA A 57 3.08 15.60 -28.34
CA ALA A 57 2.48 16.90 -28.71
C ALA A 57 0.99 16.76 -29.12
N ALA A 58 0.67 15.65 -29.76
CA ALA A 58 -0.69 15.36 -30.20
C ALA A 58 -1.60 15.11 -28.98
N TRP A 59 -1.14 14.30 -28.04
CA TRP A 59 -1.90 14.07 -26.81
C TRP A 59 -2.11 15.39 -26.06
N THR A 60 -1.07 16.23 -25.99
CA THR A 60 -1.19 17.54 -25.31
C THR A 60 -2.20 18.44 -26.02
N ARG A 61 -2.16 18.42 -27.34
CA ARG A 61 -3.12 19.19 -28.14
C ARG A 61 -4.56 18.79 -27.83
N ALA A 62 -4.79 17.48 -27.78
CA ALA A 62 -6.12 16.92 -27.51
C ALA A 62 -6.55 17.25 -26.09
N ALA A 63 -5.62 17.14 -25.16
CA ALA A 63 -5.87 17.45 -23.78
C ALA A 63 -6.33 18.92 -23.64
N GLU A 64 -5.69 19.82 -24.35
CA GLU A 64 -5.95 21.24 -24.13
C GLU A 64 -7.12 21.82 -24.92
N ASP A 65 -7.57 21.13 -25.97
CA ASP A 65 -8.67 21.63 -26.81
C ASP A 65 -10.00 21.33 -26.13
N ASN A 66 -10.66 22.41 -25.71
CA ASN A 66 -11.90 22.33 -24.93
C ASN A 66 -13.03 21.69 -25.74
N GLU A 67 -12.92 21.72 -27.07
CA GLU A 67 -13.87 21.04 -27.94
C GLU A 67 -13.59 19.53 -28.11
N VAL A 68 -12.47 19.02 -27.64
CA VAL A 68 -12.25 17.57 -27.70
C VAL A 68 -12.78 16.93 -26.41
N LYS A 69 -13.68 15.98 -26.57
CA LYS A 69 -14.27 15.27 -25.45
C LYS A 69 -13.72 13.84 -25.33
N VAL A 70 -13.32 13.25 -26.45
CA VAL A 70 -12.79 11.86 -26.48
C VAL A 70 -11.60 11.80 -27.44
N ILE A 71 -10.62 10.98 -27.11
CA ILE A 71 -9.41 10.80 -27.91
C ILE A 71 -9.37 9.38 -28.48
N ILE A 72 -9.12 9.24 -29.78
CA ILE A 72 -8.86 7.92 -30.41
C ILE A 72 -7.40 7.84 -30.81
N LEU A 73 -6.71 6.78 -30.41
CA LEU A 73 -5.36 6.51 -30.89
C LEU A 73 -5.42 5.30 -31.81
N ARG A 74 -4.95 5.47 -33.04
CA ARG A 74 -5.01 4.40 -34.06
C ARG A 74 -3.71 4.45 -34.87
N ALA A 75 -3.57 3.59 -35.87
CA ALA A 75 -2.28 3.40 -36.59
C ALA A 75 -2.56 3.03 -38.03
N ASN A 76 -1.85 3.65 -38.98
CA ASN A 76 -1.97 3.25 -40.40
C ASN A 76 -1.21 1.97 -40.71
N GLY A 77 -1.68 1.28 -41.74
CA GLY A 77 -0.98 0.12 -42.29
C GLY A 77 -1.39 -1.12 -41.55
N LYS A 78 -0.61 -2.19 -41.73
CA LYS A 78 -0.98 -3.52 -41.25
C LYS A 78 -0.74 -3.74 -39.75
N HIS A 79 0.16 -2.97 -39.14
CA HIS A 79 0.61 -3.22 -37.77
C HIS A 79 0.55 -1.98 -36.91
N PHE A 80 0.04 -2.16 -35.69
CA PHE A 80 -0.11 -1.07 -34.74
C PHE A 80 1.23 -0.45 -34.40
N SER A 81 2.18 -1.26 -33.94
CA SER A 81 3.53 -0.76 -33.68
C SER A 81 4.48 -1.89 -33.38
N ALA A 82 5.60 -1.91 -34.09
CA ALA A 82 6.67 -2.89 -33.88
C ALA A 82 7.53 -2.56 -32.65
N GLY A 83 7.24 -1.45 -31.94
CA GLY A 83 7.98 -1.10 -30.74
C GLY A 83 9.00 0.02 -30.94
N HIS A 84 10.00 0.06 -30.06
CA HIS A 84 11.00 1.12 -30.11
C HIS A 84 11.96 0.86 -31.28
N ASP A 85 12.22 1.93 -32.05
CA ASP A 85 13.15 1.87 -33.18
C ASP A 85 14.56 1.91 -32.59
N LEU A 86 15.27 0.79 -32.68
CA LEU A 86 16.65 0.70 -32.18
C LEU A 86 17.68 1.15 -33.24
N ARG A 87 17.31 1.05 -34.53
CA ARG A 87 18.21 1.35 -35.70
C ARG A 87 18.69 2.81 -35.82
N LYS A 95 29.92 4.64 -27.16
CA LYS A 95 29.16 3.90 -26.17
C LYS A 95 28.53 4.86 -25.14
N ILE A 96 27.48 4.38 -24.49
CA ILE A 96 26.62 5.18 -23.66
C ILE A 96 26.77 4.71 -22.22
N SER A 97 26.60 5.63 -21.26
CA SER A 97 26.49 5.25 -19.86
C SER A 97 25.04 4.86 -19.52
N LEU A 98 24.83 4.14 -18.42
CA LEU A 98 23.48 3.80 -17.96
C LEU A 98 22.74 5.11 -17.58
N GLU A 99 23.47 6.08 -17.02
CA GLU A 99 22.93 7.42 -16.74
C GLU A 99 22.27 8.03 -17.97
N PHE A 100 23.00 7.99 -19.09
CA PHE A 100 22.50 8.53 -20.35
C PHE A 100 21.21 7.82 -20.76
N ILE A 101 21.17 6.50 -20.63
CA ILE A 101 20.02 5.73 -21.08
C ILE A 101 18.79 6.08 -20.22
N ILE A 102 18.99 6.09 -18.91
CA ILE A 102 17.95 6.43 -17.96
C ILE A 102 17.38 7.83 -18.22
N GLN A 103 18.25 8.81 -18.45
CA GLN A 103 17.79 10.15 -18.76
C GLN A 103 16.81 10.13 -19.95
N HIS A 104 17.18 9.44 -21.02
CA HIS A 104 16.35 9.40 -22.22
C HIS A 104 15.09 8.56 -22.06
N GLU A 105 15.24 7.42 -21.42
CA GLU A 105 14.10 6.52 -21.23
C GLU A 105 13.09 7.00 -20.21
N ALA A 106 13.57 7.61 -19.11
CA ALA A 106 12.66 8.17 -18.12
C ALA A 106 11.78 9.25 -18.76
N ARG A 107 12.33 10.05 -19.68
CA ARG A 107 11.54 11.09 -20.34
C ARG A 107 10.50 10.48 -21.31
N ARG A 108 10.97 9.69 -22.28
CA ARG A 108 10.12 9.29 -23.39
C ARG A 108 9.31 7.98 -23.21
N TYR A 109 9.73 7.11 -22.30
CA TYR A 109 9.09 5.83 -22.14
C TYR A 109 8.32 5.78 -20.81
N LEU A 110 8.79 6.53 -19.82
CA LEU A 110 8.11 6.55 -18.53
C LEU A 110 7.22 7.79 -18.37
N ASP A 111 7.82 8.96 -18.41
CA ASP A 111 7.06 10.19 -18.22
C ASP A 111 5.96 10.48 -19.25
N TYR A 112 6.27 10.31 -20.53
CA TYR A 112 5.28 10.49 -21.59
C TYR A 112 4.13 9.57 -21.35
N THR A 113 4.41 8.28 -21.13
CA THR A 113 3.35 7.28 -20.99
C THR A 113 2.36 7.58 -19.80
N LEU A 114 2.91 7.97 -18.65
CA LEU A 114 2.09 8.30 -17.47
C LEU A 114 1.31 9.57 -17.74
N ARG A 115 1.94 10.52 -18.42
CA ARG A 115 1.20 11.71 -18.80
C ARG A 115 -0.01 11.37 -19.71
N TRP A 116 0.15 10.50 -20.69
CA TRP A 116 -1.00 10.14 -21.53
C TRP A 116 -2.07 9.44 -20.74
N ARG A 117 -1.63 8.51 -19.90
CA ARG A 117 -2.52 7.79 -18.98
C ARG A 117 -3.42 8.73 -18.17
N ASN A 118 -2.87 9.85 -17.74
CA ASN A 118 -3.59 10.75 -16.89
C ASN A 118 -4.36 11.87 -17.57
N VAL A 119 -4.36 11.94 -18.90
CA VAL A 119 -5.09 12.98 -19.59
C VAL A 119 -6.58 12.89 -19.18
N PRO A 120 -7.17 14.02 -18.79
CA PRO A 120 -8.50 13.96 -18.10
C PRO A 120 -9.70 13.88 -19.04
N LYS A 121 -9.58 13.09 -20.10
CA LYS A 121 -10.67 12.78 -21.04
C LYS A 121 -10.54 11.30 -21.43
N PRO A 122 -11.65 10.65 -21.79
CA PRO A 122 -11.57 9.27 -22.25
C PRO A 122 -10.68 9.12 -23.49
N SER A 123 -9.90 8.05 -23.54
CA SER A 123 -9.12 7.71 -24.70
C SER A 123 -9.33 6.24 -25.05
N ILE A 124 -9.31 5.95 -26.34
CA ILE A 124 -9.54 4.61 -26.86
C ILE A 124 -8.43 4.29 -27.85
N ALA A 125 -7.70 3.19 -27.63
CA ALA A 125 -6.78 2.65 -28.64
C ALA A 125 -7.48 1.64 -29.54
N ALA A 126 -7.21 1.75 -30.83
CA ALA A 126 -7.67 0.80 -31.84
C ALA A 126 -6.40 0.11 -32.33
N VAL A 127 -6.31 -1.18 -32.05
CA VAL A 127 -5.07 -1.93 -32.24
C VAL A 127 -5.26 -3.05 -33.24
N GLN A 128 -4.57 -2.96 -34.38
CA GLN A 128 -4.58 -3.95 -35.45
C GLN A 128 -3.20 -4.59 -35.57
N GLY A 129 -3.16 -5.83 -36.04
CA GLY A 129 -1.90 -6.56 -36.31
C GLY A 129 -1.02 -6.63 -35.05
N ARG A 130 0.27 -6.44 -35.25
CA ARG A 130 1.24 -6.61 -34.20
C ARG A 130 1.45 -5.35 -33.38
N CYS A 131 1.35 -5.58 -32.07
CA CYS A 131 1.71 -4.61 -31.06
C CYS A 131 2.79 -5.30 -30.20
N ILE A 132 4.06 -4.89 -30.42
CA ILE A 132 5.25 -5.56 -29.88
C ILE A 132 5.99 -4.61 -28.93
N SER A 133 6.22 -5.08 -27.69
CA SER A 133 7.09 -4.43 -26.72
C SER A 133 6.71 -2.98 -26.56
N GLY A 134 7.51 -2.05 -27.06
CA GLY A 134 7.22 -0.62 -26.92
C GLY A 134 5.85 -0.21 -27.46
N GLY A 135 5.32 -0.98 -28.40
CA GLY A 135 3.94 -0.74 -28.88
C GLY A 135 2.95 -0.66 -27.72
N LEU A 136 3.16 -1.50 -26.72
CA LEU A 136 2.30 -1.61 -25.56
C LEU A 136 2.26 -0.29 -24.80
N LEU A 137 3.33 0.49 -24.87
CA LEU A 137 3.39 1.76 -24.17
C LEU A 137 2.51 2.79 -24.84
N LEU A 138 2.02 2.50 -26.06
CA LEU A 138 1.13 3.43 -26.73
C LEU A 138 -0.35 3.15 -26.47
N CYS A 139 -0.70 1.87 -26.30
CA CYS A 139 -2.10 1.50 -26.08
C CYS A 139 -2.47 1.35 -24.62
N TRP A 140 -1.58 0.81 -23.80
CA TRP A 140 -1.86 0.68 -22.38
C TRP A 140 -2.28 1.96 -21.67
N PRO A 141 -1.65 3.13 -21.98
CA PRO A 141 -2.15 4.36 -21.32
C PRO A 141 -3.56 4.83 -21.75
N CYS A 142 -4.08 4.31 -22.86
CA CYS A 142 -5.47 4.56 -23.23
C CYS A 142 -6.43 3.88 -22.26
N ASP A 143 -7.60 4.46 -22.09
CA ASP A 143 -8.60 3.94 -21.12
C ASP A 143 -9.18 2.64 -21.60
N LEU A 144 -9.50 2.59 -22.89
CA LEU A 144 -10.13 1.41 -23.47
C LEU A 144 -9.33 0.96 -24.69
N ILE A 145 -9.37 -0.34 -24.96
CA ILE A 145 -8.68 -0.91 -26.07
C ILE A 145 -9.64 -1.79 -26.86
N LEU A 146 -9.80 -1.45 -28.13
CA LEU A 146 -10.47 -2.31 -29.08
C LEU A 146 -9.41 -2.91 -29.98
N ALA A 147 -9.47 -4.20 -30.20
CA ALA A 147 -8.48 -4.87 -31.03
C ALA A 147 -9.13 -5.63 -32.20
N SER A 148 -8.49 -5.64 -33.37
CA SER A 148 -9.02 -6.46 -34.48
C SER A 148 -8.81 -7.92 -34.16
N ASP A 149 -9.59 -8.80 -34.78
CA ASP A 149 -9.42 -10.24 -34.52
C ASP A 149 -8.02 -10.77 -34.87
N ASP A 150 -7.29 -10.09 -35.74
CA ASP A 150 -5.91 -10.51 -36.03
C ASP A 150 -4.81 -9.85 -35.19
N ALA A 151 -5.18 -9.04 -34.19
CA ALA A 151 -4.17 -8.39 -33.35
C ALA A 151 -3.37 -9.43 -32.59
N LEU A 152 -2.09 -9.14 -32.39
CA LEU A 152 -1.18 -10.02 -31.67
C LEU A 152 -0.33 -9.14 -30.79
N PHE A 153 -0.37 -9.37 -29.48
CA PHE A 153 0.36 -8.57 -28.50
C PHE A 153 1.52 -9.39 -27.93
N SER A 154 2.70 -8.81 -27.85
CA SER A 154 3.83 -9.53 -27.30
C SER A 154 4.82 -8.58 -26.66
N ASP A 155 5.73 -9.16 -25.90
CA ASP A 155 6.88 -8.40 -25.39
C ASP A 155 8.08 -9.35 -25.27
N PRO A 156 8.77 -9.61 -26.39
CA PRO A 156 9.90 -10.57 -26.41
C PRO A 156 11.24 -9.90 -26.13
N VAL A 157 11.25 -8.82 -25.36
CA VAL A 157 12.49 -8.07 -25.09
C VAL A 157 13.49 -8.84 -24.19
N ALA A 158 13.03 -9.93 -23.56
CA ALA A 158 13.95 -10.87 -22.88
C ALA A 158 15.07 -11.35 -23.81
N LEU A 159 14.75 -11.50 -25.09
CA LEU A 159 15.70 -11.86 -26.13
C LEU A 159 16.91 -10.92 -26.14
N MET A 160 16.66 -9.66 -25.80
CA MET A 160 17.68 -8.61 -25.74
C MET A 160 18.36 -8.46 -24.37
N GLY A 161 17.94 -9.29 -23.41
CA GLY A 161 18.51 -9.32 -22.07
C GLY A 161 17.78 -8.47 -21.02
N ILE A 162 16.55 -8.06 -21.34
CA ILE A 162 15.81 -7.09 -20.57
C ILE A 162 14.50 -7.70 -20.06
N GLY A 163 14.19 -7.45 -18.78
CA GLY A 163 13.01 -8.03 -18.12
C GLY A 163 11.69 -7.34 -18.41
N GLY A 164 11.29 -7.31 -19.68
CA GLY A 164 10.07 -6.58 -20.10
C GLY A 164 10.30 -5.09 -20.32
N VAL A 165 9.37 -4.44 -21.04
CA VAL A 165 9.53 -3.04 -21.41
C VAL A 165 9.47 -2.10 -20.17
N GLU A 166 9.70 -0.81 -20.41
CA GLU A 166 10.03 0.16 -19.36
C GLU A 166 8.85 0.49 -18.44
N TYR A 167 7.64 0.37 -18.98
CA TYR A 167 6.40 0.68 -18.30
C TYR A 167 5.68 -0.63 -18.13
N HIS A 168 5.72 -1.17 -16.90
CA HIS A 168 5.26 -2.54 -16.64
C HIS A 168 3.79 -2.59 -16.37
N GLY A 169 3.03 -2.46 -17.46
CA GLY A 169 1.60 -2.73 -17.43
C GLY A 169 1.25 -4.21 -17.35
N HIS A 170 2.22 -5.06 -17.64
CA HIS A 170 1.96 -6.50 -17.88
C HIS A 170 1.15 -7.18 -16.79
N THR A 171 1.64 -7.09 -15.56
CA THR A 171 1.03 -7.75 -14.41
C THR A 171 -0.39 -7.23 -14.17
N TRP A 172 -0.56 -5.90 -14.28
CA TRP A 172 -1.87 -5.26 -14.14
C TRP A 172 -2.83 -5.70 -15.22
N GLU A 173 -2.38 -5.74 -16.47
CA GLU A 173 -3.26 -5.98 -17.61
C GLU A 173 -3.60 -7.47 -17.82
N LEU A 174 -2.62 -8.32 -17.52
CA LEU A 174 -2.69 -9.72 -17.84
C LEU A 174 -2.79 -10.62 -16.63
N GLY A 175 -2.50 -10.10 -15.45
CA GLY A 175 -2.31 -10.95 -14.26
C GLY A 175 -0.85 -11.50 -14.28
N PRO A 176 -0.33 -11.90 -13.11
CA PRO A 176 1.08 -12.26 -13.05
C PRO A 176 1.46 -13.53 -13.80
N ARG A 177 0.62 -14.54 -13.82
CA ARG A 177 1.05 -15.79 -14.47
C ARG A 177 1.14 -15.62 -15.98
N LYS A 178 0.19 -14.91 -16.55
CA LYS A 178 0.18 -14.65 -17.99
C LYS A 178 1.30 -13.69 -18.34
N ALA A 179 1.57 -12.73 -17.46
CA ALA A 179 2.65 -11.76 -17.69
C ALA A 179 3.98 -12.50 -17.73
N LYS A 180 4.23 -13.36 -16.74
CA LYS A 180 5.45 -14.16 -16.75
C LYS A 180 5.50 -15.05 -17.99
N GLU A 181 4.39 -15.69 -18.36
CA GLU A 181 4.41 -16.58 -19.54
C GLU A 181 4.86 -15.86 -20.81
N ILE A 182 4.30 -14.68 -21.08
CA ILE A 182 4.69 -13.99 -22.28
C ILE A 182 6.09 -13.39 -22.20
N LEU A 183 6.55 -13.05 -21.02
CA LEU A 183 7.92 -12.48 -20.92
C LEU A 183 8.96 -13.59 -21.01
N PHE A 184 8.66 -14.74 -20.38
CA PHE A 184 9.58 -15.89 -20.41
C PHE A 184 9.72 -16.54 -21.82
N THR A 185 8.61 -16.61 -22.57
CA THR A 185 8.58 -17.37 -23.82
C THR A 185 8.76 -16.48 -25.01
N GLY A 186 8.35 -15.21 -24.87
CA GLY A 186 8.41 -14.30 -25.99
C GLY A 186 7.25 -14.47 -26.96
N ARG A 187 6.27 -15.28 -26.60
CA ARG A 187 5.15 -15.52 -27.49
C ARG A 187 4.15 -14.36 -27.51
N ALA A 188 3.28 -14.44 -28.50
CA ALA A 188 2.25 -13.44 -28.74
C ALA A 188 0.90 -13.90 -28.18
N LEU A 189 0.11 -12.97 -27.66
CA LEU A 189 -1.27 -13.22 -27.29
C LEU A 189 -2.19 -12.79 -28.41
N THR A 190 -3.17 -13.62 -28.72
CA THR A 190 -4.19 -13.27 -29.68
C THR A 190 -5.10 -12.24 -29.03
N ALA A 191 -5.85 -11.53 -29.86
CA ALA A 191 -6.82 -10.56 -29.40
C ALA A 191 -7.79 -11.18 -28.40
N GLU A 192 -8.22 -12.41 -28.68
CA GLU A 192 -9.22 -13.10 -27.83
C GLU A 192 -8.60 -13.48 -26.46
N GLU A 193 -7.35 -13.93 -26.45
CA GLU A 193 -6.65 -14.18 -25.18
C GLU A 193 -6.49 -12.90 -24.38
N ALA A 194 -6.16 -11.79 -25.05
CA ALA A 194 -6.00 -10.50 -24.36
C ALA A 194 -7.34 -10.06 -23.74
N GLU A 195 -8.42 -10.34 -24.46
CA GLU A 195 -9.76 -9.98 -24.00
C GLU A 195 -10.12 -10.76 -22.75
N ARG A 196 -9.72 -12.04 -22.70
CA ARG A 196 -10.01 -12.86 -21.55
C ARG A 196 -9.29 -12.38 -20.28
N THR A 197 -8.16 -11.68 -20.38
CA THR A 197 -7.49 -11.15 -19.17
C THR A 197 -8.03 -9.78 -18.78
N GLY A 198 -8.83 -9.18 -19.66
CA GLY A 198 -9.38 -7.86 -19.45
C GLY A 198 -8.52 -6.75 -20.02
N MET A 199 -7.41 -7.10 -20.68
CA MET A 199 -6.57 -6.09 -21.35
C MET A 199 -7.25 -5.43 -22.54
N VAL A 200 -8.05 -6.21 -23.25
CA VAL A 200 -8.77 -5.74 -24.40
C VAL A 200 -10.24 -5.71 -24.02
N ASN A 201 -10.87 -4.57 -24.31
CA ASN A 201 -12.30 -4.40 -24.03
C ASN A 201 -13.20 -5.17 -24.98
N ARG A 202 -12.84 -5.19 -26.27
CA ARG A 202 -13.63 -5.80 -27.28
C ARG A 202 -12.74 -6.18 -28.48
N VAL A 203 -13.05 -7.33 -29.06
CA VAL A 203 -12.42 -7.80 -30.29
C VAL A 203 -13.41 -7.60 -31.44
N VAL A 204 -12.94 -7.02 -32.55
CA VAL A 204 -13.81 -6.77 -33.68
C VAL A 204 -13.11 -7.21 -34.98
N ALA A 205 -13.89 -7.41 -36.05
CA ALA A 205 -13.33 -7.80 -37.35
C ALA A 205 -12.45 -6.66 -37.85
N ARG A 206 -11.28 -6.97 -38.42
CA ARG A 206 -10.32 -5.95 -38.86
C ARG A 206 -10.97 -4.81 -39.65
N ASP A 207 -11.81 -5.18 -40.62
CA ASP A 207 -12.45 -4.19 -41.49
C ASP A 207 -13.40 -3.24 -40.76
N GLU A 208 -13.78 -3.58 -39.54
CA GLU A 208 -14.77 -2.82 -38.80
C GLU A 208 -14.15 -2.04 -37.61
N LEU A 209 -12.85 -2.23 -37.39
CA LEU A 209 -12.17 -1.68 -36.22
C LEU A 209 -12.31 -0.14 -36.10
N ASP A 210 -11.97 0.57 -37.19
CA ASP A 210 -12.06 2.03 -37.20
C ASP A 210 -13.49 2.49 -36.97
N ALA A 211 -14.44 1.82 -37.61
CA ALA A 211 -15.85 2.25 -37.54
C ALA A 211 -16.42 2.00 -36.15
N GLN A 212 -16.09 0.85 -35.55
CA GLN A 212 -16.56 0.53 -34.21
C GLN A 212 -15.89 1.39 -33.14
N THR A 213 -14.63 1.76 -33.34
CA THR A 213 -13.93 2.67 -32.45
C THR A 213 -14.58 4.06 -32.53
N ARG A 214 -14.94 4.54 -33.72
CA ARG A 214 -15.49 5.90 -33.80
CA ARG A 214 -15.53 5.88 -33.91
C ARG A 214 -16.90 5.97 -33.24
N GLU A 215 -17.69 4.92 -33.45
CA GLU A 215 -19.04 4.86 -32.90
C GLU A 215 -18.99 4.80 -31.37
N LEU A 216 -18.05 4.04 -30.83
CA LEU A 216 -17.92 3.97 -29.37
C LEU A 216 -17.50 5.36 -28.86
N ALA A 217 -16.53 5.98 -29.54
CA ALA A 217 -16.12 7.35 -29.20
C ALA A 217 -17.28 8.35 -29.21
N GLU A 218 -18.06 8.35 -30.28
CA GLU A 218 -19.25 9.20 -30.37
C GLU A 218 -20.26 9.02 -29.23
N GLN A 219 -20.54 7.77 -28.86
CA GLN A 219 -21.45 7.46 -27.74
C GLN A 219 -20.91 8.08 -26.43
N ILE A 220 -19.61 7.91 -26.18
CA ILE A 220 -19.02 8.38 -24.96
C ILE A 220 -19.04 9.90 -24.91
N ALA A 221 -18.82 10.55 -26.06
CA ALA A 221 -18.79 12.00 -26.15
C ALA A 221 -20.21 12.64 -25.95
N THR A 222 -21.27 11.84 -25.84
CA THR A 222 -22.56 12.39 -25.49
C THR A 222 -22.66 12.63 -23.99
N MET A 223 -21.75 12.10 -23.18
CA MET A 223 -21.81 12.28 -21.75
C MET A 223 -21.23 13.62 -21.27
N PRO A 224 -21.63 14.03 -20.07
CA PRO A 224 -21.06 15.21 -19.43
C PRO A 224 -19.53 15.07 -19.21
N PRO A 225 -18.75 16.01 -19.73
CA PRO A 225 -17.32 15.88 -19.61
C PRO A 225 -16.81 15.77 -18.18
N PHE A 226 -17.39 16.50 -17.24
CA PHE A 226 -16.94 16.39 -15.89
C PHE A 226 -17.23 14.99 -15.32
N ALA A 227 -18.34 14.37 -15.73
CA ALA A 227 -18.63 13.02 -15.25
C ALA A 227 -17.59 12.02 -15.78
N LEU A 228 -17.21 12.18 -17.05
CA LEU A 228 -16.24 11.30 -17.63
C LEU A 228 -14.86 11.49 -16.98
N ARG A 229 -14.47 12.74 -16.76
CA ARG A 229 -13.23 13.05 -16.06
C ARG A 229 -13.17 12.36 -14.69
N GLN A 230 -14.24 12.42 -13.93
CA GLN A 230 -14.22 11.88 -12.56
C GLN A 230 -14.39 10.35 -12.50
N ALA A 231 -15.06 9.77 -13.50
CA ALA A 231 -15.16 8.31 -13.63
C ALA A 231 -13.77 7.74 -13.92
N LYS A 232 -13.06 8.41 -14.84
CA LYS A 232 -11.69 8.08 -15.17
C LYS A 232 -10.80 8.17 -13.95
N ARG A 233 -10.91 9.31 -13.27
CA ARG A 233 -10.17 9.53 -12.03
C ARG A 233 -10.46 8.47 -11.00
N ALA A 234 -11.70 8.09 -10.83
CA ALA A 234 -12.07 7.10 -9.83
C ALA A 234 -11.34 5.78 -10.04
N VAL A 235 -11.34 5.30 -11.29
CA VAL A 235 -10.69 4.04 -11.62
C VAL A 235 -9.14 4.15 -11.52
N ASN A 236 -8.55 5.22 -12.03
CA ASN A 236 -7.10 5.36 -12.04
C ASN A 236 -6.59 5.57 -10.61
N GLN A 237 -7.37 6.26 -9.79
CA GLN A 237 -7.02 6.48 -8.42
C GLN A 237 -7.15 5.20 -7.61
N THR A 238 -8.14 4.36 -7.92
CA THR A 238 -8.17 3.01 -7.30
C THR A 238 -6.88 2.25 -7.62
N LEU A 239 -6.43 2.32 -8.89
CA LEU A 239 -5.24 1.67 -9.30
C LEU A 239 -4.01 2.20 -8.57
N ASP A 240 -3.92 3.52 -8.46
CA ASP A 240 -2.79 4.12 -7.73
C ASP A 240 -2.78 3.77 -6.24
N VAL A 241 -3.96 3.68 -5.63
CA VAL A 241 -4.06 3.22 -4.25
C VAL A 241 -3.62 1.75 -4.13
N GLN A 242 -3.93 0.94 -5.14
CA GLN A 242 -3.50 -0.46 -5.20
C GLN A 242 -2.02 -0.57 -5.43
N GLY A 243 -1.37 0.52 -5.85
CA GLY A 243 0.09 0.56 -5.99
C GLY A 243 0.58 0.79 -7.39
N PHE A 244 -0.30 1.18 -8.32
CA PHE A 244 0.11 1.27 -9.71
C PHE A 244 1.30 2.22 -9.96
N TYR A 245 1.21 3.48 -9.52
CA TYR A 245 2.31 4.44 -9.75
C TYR A 245 3.61 3.90 -9.14
N ALA A 246 3.55 3.47 -7.88
CA ALA A 246 4.72 2.96 -7.18
C ALA A 246 5.35 1.74 -7.89
N ALA A 247 4.50 0.82 -8.34
CA ALA A 247 4.94 -0.38 -9.04
C ALA A 247 5.58 -0.04 -10.36
N ILE A 248 5.01 0.90 -11.08
CA ILE A 248 5.57 1.33 -12.37
C ILE A 248 6.97 1.87 -12.15
N GLN A 249 7.12 2.71 -11.14
CA GLN A 249 8.40 3.29 -10.81
C GLN A 249 9.39 2.18 -10.43
N SER A 250 8.93 1.23 -9.64
CA SER A 250 9.79 0.15 -9.14
C SER A 250 10.31 -0.68 -10.33
N VAL A 251 9.42 -1.04 -11.25
CA VAL A 251 9.86 -1.85 -12.40
C VAL A 251 10.72 -1.10 -13.37
N PHE A 252 10.60 0.22 -13.44
CA PHE A 252 11.51 1.00 -14.26
C PHE A 252 12.97 0.72 -13.89
N ASP A 253 13.26 0.72 -12.60
CA ASP A 253 14.61 0.46 -12.13
C ASP A 253 15.06 -0.98 -12.40
N ILE A 254 14.14 -1.94 -12.30
CA ILE A 254 14.45 -3.34 -12.66
C ILE A 254 14.82 -3.47 -14.17
N HIS A 255 14.01 -2.84 -15.01
CA HIS A 255 14.31 -2.74 -16.43
C HIS A 255 15.71 -2.15 -16.68
N GLN A 256 16.02 -1.08 -15.97
CA GLN A 256 17.33 -0.44 -16.12
C GLN A 256 18.49 -1.33 -15.68
N THR A 257 18.28 -2.24 -14.72
CA THR A 257 19.34 -3.20 -14.38
C THR A 257 19.61 -4.10 -15.63
N GLY A 258 18.58 -4.30 -16.45
CA GLY A 258 18.74 -5.02 -17.74
C GLY A 258 19.82 -4.35 -18.58
N HIS A 259 19.69 -3.05 -18.78
CA HIS A 259 20.68 -2.28 -19.53
C HIS A 259 22.05 -2.27 -18.86
N GLY A 260 22.07 -2.10 -17.54
CA GLY A 260 23.34 -2.13 -16.80
C GLY A 260 24.06 -3.44 -17.08
N ASN A 261 23.32 -4.53 -17.04
CA ASN A 261 23.94 -5.82 -17.26
C ASN A 261 24.44 -5.96 -18.69
N ALA A 262 23.60 -5.60 -19.66
CA ALA A 262 23.98 -5.68 -21.06
C ALA A 262 25.26 -4.87 -21.28
N LEU A 263 25.34 -3.69 -20.69
CA LEU A 263 26.51 -2.81 -20.88
C LEU A 263 27.77 -3.46 -20.30
N SER A 264 27.61 -4.10 -19.15
CA SER A 264 28.70 -4.77 -18.46
C SER A 264 29.22 -5.98 -19.23
N VAL A 265 28.39 -6.56 -20.10
CA VAL A 265 28.74 -7.80 -20.81
C VAL A 265 29.16 -7.53 -22.27
N SER A 266 28.35 -6.78 -23.03
CA SER A 266 28.59 -6.60 -24.49
C SER A 266 29.05 -5.19 -24.91
N GLY A 267 29.21 -4.26 -23.97
CA GLY A 267 29.45 -2.84 -24.32
C GLY A 267 28.25 -2.03 -24.85
N TRP A 268 27.12 -2.69 -25.11
CA TRP A 268 25.92 -2.07 -25.68
C TRP A 268 24.74 -2.19 -24.68
N PRO A 269 23.66 -1.40 -24.91
CA PRO A 269 22.45 -1.42 -24.03
C PRO A 269 21.59 -2.68 -24.11
N VAL A 270 21.83 -3.53 -25.10
CA VAL A 270 21.16 -4.83 -25.21
C VAL A 270 22.16 -5.94 -25.54
N LEU A 271 21.73 -7.19 -25.37
CA LEU A 271 22.62 -8.35 -25.57
C LEU A 271 22.84 -8.65 -27.06
N MET B 22 17.60 -38.89 -1.17
CA MET B 22 16.22 -38.43 -0.84
C MET B 22 15.20 -39.54 -1.06
N VAL B 23 14.36 -39.73 -0.04
CA VAL B 23 13.34 -40.79 0.02
C VAL B 23 12.05 -40.47 -0.76
N TYR B 24 11.63 -39.20 -0.72
CA TYR B 24 10.32 -38.78 -1.21
C TYR B 24 10.37 -37.87 -2.44
N ILE B 25 11.55 -37.35 -2.76
CA ILE B 25 11.71 -36.41 -3.85
C ILE B 25 12.78 -36.92 -4.79
N ASP B 26 12.46 -36.91 -6.08
CA ASP B 26 13.41 -37.23 -7.14
C ASP B 26 13.92 -35.93 -7.78
N TYR B 27 15.22 -35.84 -8.01
CA TYR B 27 15.85 -34.66 -8.63
C TYR B 27 16.69 -35.09 -9.79
N GLY B 28 16.50 -34.45 -10.95
CA GLY B 28 17.35 -34.66 -12.11
C GLY B 28 17.62 -33.37 -12.86
N VAL B 29 18.78 -33.28 -13.50
CA VAL B 29 19.10 -32.16 -14.37
C VAL B 29 19.47 -32.64 -15.76
N ALA B 30 18.84 -32.06 -16.79
CA ALA B 30 19.18 -32.33 -18.19
C ALA B 30 18.72 -31.17 -19.08
N ASP B 31 19.53 -30.84 -20.08
CA ASP B 31 19.22 -29.76 -21.03
C ASP B 31 18.89 -28.42 -20.34
N SER B 32 19.67 -28.08 -19.32
CA SER B 32 19.48 -26.88 -18.54
C SER B 32 18.19 -26.80 -17.68
N ILE B 33 17.48 -27.93 -17.54
CA ILE B 33 16.23 -28.03 -16.79
C ILE B 33 16.40 -28.95 -15.57
N ALA B 34 16.09 -28.45 -14.37
CA ALA B 34 16.01 -29.30 -13.19
C ALA B 34 14.59 -29.78 -13.05
N THR B 35 14.40 -31.09 -12.90
CA THR B 35 13.05 -31.64 -12.69
C THR B 35 12.96 -32.20 -11.29
N ILE B 36 12.00 -31.67 -10.53
CA ILE B 36 11.77 -32.04 -9.13
C ILE B 36 10.46 -32.80 -9.13
N THR B 37 10.50 -34.05 -8.70
CA THR B 37 9.36 -34.95 -8.81
C THR B 37 8.95 -35.33 -7.41
N LEU B 38 7.69 -35.04 -7.07
CA LEU B 38 7.09 -35.59 -5.84
C LEU B 38 6.93 -37.09 -6.01
N ASN B 39 7.61 -37.86 -5.17
CA ASN B 39 7.62 -39.29 -5.31
C ASN B 39 7.14 -40.05 -4.07
N ARG B 40 5.91 -39.77 -3.65
CA ARG B 40 5.25 -40.55 -2.60
C ARG B 40 3.84 -40.91 -3.10
N PRO B 41 3.77 -41.53 -4.30
CA PRO B 41 2.45 -41.84 -4.86
C PRO B 41 1.56 -42.74 -3.96
N GLU B 42 2.17 -43.56 -3.12
CA GLU B 42 1.42 -44.43 -2.22
C GLU B 42 0.54 -43.65 -1.23
N ALA B 43 0.94 -42.43 -0.89
CA ALA B 43 0.12 -41.54 -0.04
C ALA B 43 -0.53 -40.36 -0.82
N ALA B 44 -0.61 -40.50 -2.15
CA ALA B 44 -1.06 -39.40 -3.02
C ALA B 44 -0.22 -38.11 -2.83
N ASN B 45 1.07 -38.28 -2.55
CA ASN B 45 2.01 -37.17 -2.34
C ASN B 45 1.59 -36.24 -1.18
N ALA B 46 0.95 -36.83 -0.18
CA ALA B 46 0.70 -36.21 1.11
C ALA B 46 2.02 -35.77 1.71
N GLN B 47 2.04 -34.60 2.33
CA GLN B 47 3.30 -33.97 2.72
C GLN B 47 3.61 -34.11 4.19
N ASN B 48 4.55 -34.99 4.54
CA ASN B 48 5.11 -35.02 5.88
C ASN B 48 6.32 -34.07 5.98
N PRO B 49 6.86 -33.86 7.20
CA PRO B 49 7.97 -32.91 7.33
C PRO B 49 9.22 -33.30 6.53
N GLU B 50 9.47 -34.60 6.47
CA GLU B 50 10.64 -35.13 5.80
C GLU B 50 10.53 -34.82 4.30
N LEU B 51 9.36 -35.01 3.72
CA LEU B 51 9.14 -34.71 2.32
C LEU B 51 9.36 -33.22 2.07
N LEU B 52 8.84 -32.36 2.95
CA LEU B 52 8.98 -30.91 2.74
C LEU B 52 10.43 -30.45 2.86
N ASP B 53 11.17 -31.07 3.79
CA ASP B 53 12.61 -30.80 3.93
C ASP B 53 13.37 -31.23 2.70
N GLU B 54 13.06 -32.39 2.15
CA GLU B 54 13.69 -32.84 0.92
C GLU B 54 13.38 -31.93 -0.24
N LEU B 55 12.12 -31.51 -0.35
CA LEU B 55 11.67 -30.64 -1.42
C LEU B 55 12.36 -29.29 -1.36
N ASP B 56 12.53 -28.75 -0.17
CA ASP B 56 13.23 -27.50 -0.01
C ASP B 56 14.71 -27.66 -0.40
N ALA B 57 15.34 -28.78 -0.02
CA ALA B 57 16.72 -29.04 -0.46
C ALA B 57 16.82 -29.11 -2.00
N ALA B 58 15.85 -29.74 -2.64
CA ALA B 58 15.83 -29.82 -4.11
C ALA B 58 15.70 -28.44 -4.75
N TRP B 59 14.80 -27.60 -4.23
CA TRP B 59 14.68 -26.23 -4.75
C TRP B 59 15.97 -25.45 -4.60
N THR B 60 16.62 -25.58 -3.45
CA THR B 60 17.90 -24.93 -3.22
C THR B 60 18.98 -25.43 -4.21
N ARG B 61 19.09 -26.74 -4.40
CA ARG B 61 19.97 -27.30 -5.44
C ARG B 61 19.77 -26.67 -6.82
N ALA B 62 18.52 -26.60 -7.25
CA ALA B 62 18.19 -26.02 -8.55
C ALA B 62 18.57 -24.53 -8.58
N ALA B 63 18.31 -23.84 -7.48
CA ALA B 63 18.62 -22.43 -7.38
C ALA B 63 20.13 -22.19 -7.50
N GLU B 64 20.94 -23.11 -6.98
CA GLU B 64 22.39 -22.86 -6.88
C GLU B 64 23.18 -23.45 -8.01
N ASP B 65 22.56 -24.27 -8.84
CA ASP B 65 23.24 -24.89 -9.95
C ASP B 65 23.16 -23.94 -11.12
N ASN B 66 24.30 -23.35 -11.49
CA ASN B 66 24.39 -22.38 -12.60
C ASN B 66 24.07 -23.02 -13.96
N GLU B 67 24.16 -24.34 -14.06
CA GLU B 67 23.69 -25.05 -15.26
C GLU B 67 22.15 -25.06 -15.41
N VAL B 68 21.41 -24.88 -14.32
CA VAL B 68 19.94 -24.97 -14.37
C VAL B 68 19.39 -23.61 -14.72
N LYS B 69 18.64 -23.52 -15.82
CA LYS B 69 18.00 -22.28 -16.24
C LYS B 69 16.50 -22.29 -15.95
N VAL B 70 15.88 -23.48 -15.87
CA VAL B 70 14.45 -23.60 -15.60
C VAL B 70 14.18 -24.79 -14.68
N ILE B 71 13.17 -24.66 -13.83
CA ILE B 71 12.79 -25.72 -12.89
C ILE B 71 11.42 -26.23 -13.21
N ILE B 72 11.25 -27.55 -13.25
CA ILE B 72 9.94 -28.16 -13.34
C ILE B 72 9.62 -28.83 -12.03
N LEU B 73 8.42 -28.57 -11.49
CA LEU B 73 7.89 -29.32 -10.38
C LEU B 73 6.77 -30.21 -10.87
N ARG B 74 6.90 -31.51 -10.65
CA ARG B 74 5.89 -32.44 -11.10
C ARG B 74 5.70 -33.53 -10.06
N ALA B 75 4.80 -34.46 -10.33
CA ALA B 75 4.46 -35.47 -9.35
C ALA B 75 4.16 -36.82 -9.99
N ASN B 76 4.61 -37.89 -9.35
CA ASN B 76 4.28 -39.23 -9.79
C ASN B 76 2.90 -39.65 -9.28
N GLY B 77 2.26 -40.53 -10.06
CA GLY B 77 0.97 -41.12 -9.73
C GLY B 77 -0.18 -40.32 -10.30
N LYS B 78 -1.37 -40.58 -9.77
CA LYS B 78 -2.63 -40.08 -10.28
C LYS B 78 -2.87 -38.66 -9.82
N HIS B 79 -2.36 -38.33 -8.64
CA HIS B 79 -2.70 -37.07 -7.97
C HIS B 79 -1.48 -36.27 -7.62
N PHE B 80 -1.52 -34.96 -7.91
CA PHE B 80 -0.40 -34.08 -7.65
C PHE B 80 -0.04 -34.07 -6.15
N SER B 81 -1.03 -33.81 -5.29
CA SER B 81 -0.81 -33.88 -3.84
C SER B 81 -2.11 -33.79 -3.09
N ALA B 82 -2.34 -34.74 -2.17
CA ALA B 82 -3.47 -34.72 -1.24
C ALA B 82 -3.36 -33.68 -0.07
N GLY B 83 -2.23 -33.00 0.08
CA GLY B 83 -2.07 -31.93 1.09
C GLY B 83 -1.13 -32.32 2.20
N HIS B 84 -1.27 -31.70 3.37
CA HIS B 84 -0.40 -32.03 4.51
C HIS B 84 -0.80 -33.33 5.17
N ASP B 85 0.21 -34.09 5.58
CA ASP B 85 0.05 -35.38 6.23
C ASP B 85 -0.14 -35.12 7.73
N LEU B 86 -1.39 -35.18 8.20
CA LEU B 86 -1.79 -34.74 9.56
C LEU B 86 -1.26 -35.63 10.70
N LYS B 95 0.41 -31.28 26.36
CA LYS B 95 -0.32 -30.11 25.91
C LYS B 95 0.40 -29.54 24.68
N ILE B 96 -0.34 -29.38 23.59
CA ILE B 96 0.21 -28.75 22.38
C ILE B 96 -0.12 -27.26 22.47
N SER B 97 0.92 -26.42 22.46
CA SER B 97 0.72 -24.98 22.49
C SER B 97 0.57 -24.41 21.09
N LEU B 98 -0.11 -23.26 21.00
CA LEU B 98 -0.17 -22.51 19.74
C LEU B 98 1.24 -22.05 19.36
N GLU B 99 2.06 -21.67 20.34
CA GLU B 99 3.46 -21.31 20.07
C GLU B 99 4.19 -22.42 19.28
N PHE B 100 4.00 -23.67 19.69
CA PHE B 100 4.65 -24.82 19.06
C PHE B 100 4.17 -24.95 17.60
N ILE B 101 2.86 -24.82 17.41
CA ILE B 101 2.28 -24.95 16.07
C ILE B 101 2.83 -23.88 15.14
N ILE B 102 2.92 -22.67 15.65
CA ILE B 102 3.43 -21.52 14.88
C ILE B 102 4.87 -21.73 14.46
N GLN B 103 5.71 -22.17 15.39
CA GLN B 103 7.12 -22.43 15.08
C GLN B 103 7.29 -23.40 13.91
N HIS B 104 6.54 -24.50 13.92
CA HIS B 104 6.63 -25.50 12.86
C HIS B 104 6.01 -25.02 11.54
N GLU B 105 4.81 -24.43 11.61
CA GLU B 105 4.12 -23.96 10.41
C GLU B 105 4.83 -22.74 9.76
N ALA B 106 5.43 -21.86 10.54
CA ALA B 106 6.12 -20.68 9.96
C ALA B 106 7.33 -21.12 9.11
N ARG B 107 8.01 -22.15 9.58
CA ARG B 107 9.15 -22.68 8.88
C ARG B 107 8.71 -23.37 7.59
N ARG B 108 7.88 -24.41 7.70
CA ARG B 108 7.69 -25.35 6.58
C ARG B 108 6.59 -24.96 5.62
N TYR B 109 5.58 -24.21 6.10
CA TYR B 109 4.44 -23.86 5.30
C TYR B 109 4.48 -22.40 4.82
N LEU B 110 5.17 -21.52 5.55
CA LEU B 110 5.29 -20.10 5.15
C LEU B 110 6.64 -19.75 4.56
N ASP B 111 7.70 -19.85 5.34
CA ASP B 111 9.05 -19.52 4.87
C ASP B 111 9.57 -20.38 3.68
N TYR B 112 9.33 -21.69 3.72
CA TYR B 112 9.71 -22.55 2.58
C TYR B 112 8.98 -22.06 1.32
N THR B 113 7.66 -21.86 1.44
CA THR B 113 6.85 -21.53 0.29
C THR B 113 7.30 -20.23 -0.36
N LEU B 114 7.60 -19.23 0.47
CA LEU B 114 8.03 -17.93 -0.03
C LEU B 114 9.42 -18.00 -0.60
N ARG B 115 10.27 -18.81 0.00
CA ARG B 115 11.59 -19.02 -0.55
C ARG B 115 11.48 -19.63 -1.94
N TRP B 116 10.58 -20.60 -2.14
CA TRP B 116 10.45 -21.19 -3.47
C TRP B 116 9.94 -20.15 -4.49
N ARG B 117 8.94 -19.36 -4.05
CA ARG B 117 8.38 -18.29 -4.85
C ARG B 117 9.45 -17.34 -5.42
N ASN B 118 10.47 -17.06 -4.62
CA ASN B 118 11.47 -16.08 -4.94
C ASN B 118 12.76 -16.64 -5.60
N VAL B 119 12.88 -17.96 -5.78
CA VAL B 119 14.04 -18.50 -6.50
C VAL B 119 14.16 -17.76 -7.86
N PRO B 120 15.35 -17.21 -8.14
CA PRO B 120 15.55 -16.32 -9.29
C PRO B 120 15.69 -16.99 -10.67
N LYS B 121 14.90 -18.02 -10.95
CA LYS B 121 14.82 -18.60 -12.30
C LYS B 121 13.39 -19.09 -12.50
N PRO B 122 12.96 -19.21 -13.75
CA PRO B 122 11.59 -19.63 -14.03
C PRO B 122 11.27 -21.03 -13.50
N SER B 123 10.06 -21.20 -12.97
CA SER B 123 9.61 -22.49 -12.49
C SER B 123 8.21 -22.77 -13.03
N ILE B 124 7.95 -24.05 -13.33
CA ILE B 124 6.70 -24.50 -13.90
C ILE B 124 6.24 -25.70 -13.10
N ALA B 125 4.99 -25.68 -12.64
CA ALA B 125 4.36 -26.81 -11.97
C ALA B 125 3.48 -27.50 -13.00
N ALA B 126 3.56 -28.82 -13.01
CA ALA B 126 2.68 -29.68 -13.79
C ALA B 126 1.79 -30.37 -12.80
N VAL B 127 0.50 -30.10 -12.90
CA VAL B 127 -0.50 -30.57 -11.94
C VAL B 127 -1.57 -31.45 -12.58
N GLN B 128 -1.58 -32.70 -12.12
CA GLN B 128 -2.55 -33.71 -12.49
C GLN B 128 -3.37 -34.13 -11.29
N GLY B 129 -4.59 -34.55 -11.56
CA GLY B 129 -5.49 -35.07 -10.55
C GLY B 129 -5.71 -34.09 -9.42
N ARG B 130 -5.83 -34.63 -8.21
CA ARG B 130 -6.17 -33.84 -7.06
C ARG B 130 -4.99 -33.03 -6.57
N CYS B 131 -5.25 -31.74 -6.36
CA CYS B 131 -4.34 -30.86 -5.67
C CYS B 131 -5.15 -30.22 -4.55
N ILE B 132 -4.94 -30.68 -3.33
CA ILE B 132 -5.81 -30.37 -2.22
C ILE B 132 -5.08 -29.64 -1.10
N SER B 133 -5.66 -28.52 -0.65
CA SER B 133 -5.16 -27.74 0.50
C SER B 133 -3.64 -27.53 0.43
N GLY B 134 -2.88 -28.24 1.27
CA GLY B 134 -1.41 -28.18 1.23
C GLY B 134 -0.78 -28.36 -0.14
N GLY B 135 -1.42 -29.10 -1.05
CA GLY B 135 -0.90 -29.22 -2.42
C GLY B 135 -0.72 -27.87 -3.09
N LEU B 136 -1.57 -26.91 -2.74
CA LEU B 136 -1.53 -25.57 -3.32
C LEU B 136 -0.27 -24.85 -2.94
N LEU B 137 0.29 -25.16 -1.77
CA LEU B 137 1.57 -24.56 -1.36
C LEU B 137 2.76 -25.05 -2.17
N LEU B 138 2.60 -26.13 -2.93
CA LEU B 138 3.67 -26.66 -3.78
C LEU B 138 3.61 -26.06 -5.18
N CYS B 139 2.40 -25.86 -5.71
CA CYS B 139 2.27 -25.32 -7.07
C CYS B 139 2.18 -23.78 -7.12
N TRP B 140 1.55 -23.15 -6.14
CA TRP B 140 1.42 -21.68 -6.18
C TRP B 140 2.72 -20.90 -6.24
N PRO B 141 3.76 -21.38 -5.51
CA PRO B 141 5.06 -20.68 -5.60
C PRO B 141 5.77 -20.77 -6.97
N CYS B 142 5.34 -21.69 -7.83
CA CYS B 142 5.88 -21.76 -9.18
C CYS B 142 5.36 -20.60 -10.02
N ASP B 143 6.14 -20.17 -11.02
CA ASP B 143 5.74 -19.06 -11.85
C ASP B 143 4.57 -19.35 -12.74
N LEU B 144 4.63 -20.52 -13.37
CA LEU B 144 3.62 -20.97 -14.32
C LEU B 144 3.03 -22.30 -13.84
N ILE B 145 1.78 -22.56 -14.20
CA ILE B 145 1.11 -23.82 -13.85
C ILE B 145 0.47 -24.37 -15.11
N LEU B 146 0.86 -25.59 -15.48
CA LEU B 146 0.12 -26.37 -16.47
C LEU B 146 -0.64 -27.45 -15.72
N ALA B 147 -1.91 -27.64 -16.06
CA ALA B 147 -2.77 -28.62 -15.39
C ALA B 147 -3.34 -29.59 -16.41
N SER B 148 -3.46 -30.85 -16.03
CA SER B 148 -4.15 -31.78 -16.91
C SER B 148 -5.65 -31.52 -16.85
N ASP B 149 -6.35 -31.98 -17.89
CA ASP B 149 -7.80 -31.79 -17.98
C ASP B 149 -8.53 -32.38 -16.78
N ASP B 150 -7.91 -33.34 -16.11
CA ASP B 150 -8.51 -34.01 -14.95
C ASP B 150 -8.12 -33.40 -13.60
N ALA B 151 -7.36 -32.32 -13.60
CA ALA B 151 -6.93 -31.71 -12.32
C ALA B 151 -8.07 -31.06 -11.57
N LEU B 152 -8.04 -31.19 -10.25
CA LEU B 152 -9.08 -30.65 -9.38
C LEU B 152 -8.40 -29.96 -8.23
N PHE B 153 -8.64 -28.67 -8.09
CA PHE B 153 -8.01 -27.86 -7.05
C PHE B 153 -9.04 -27.55 -5.98
N SER B 154 -8.71 -27.80 -4.72
CA SER B 154 -9.62 -27.50 -3.63
C SER B 154 -8.86 -27.11 -2.39
N ASP B 155 -9.57 -26.49 -1.45
CA ASP B 155 -9.04 -26.26 -0.10
C ASP B 155 -10.20 -26.36 0.89
N PRO B 156 -10.54 -27.58 1.33
CA PRO B 156 -11.63 -27.82 2.27
C PRO B 156 -11.25 -27.81 3.76
N VAL B 157 -10.23 -27.07 4.14
CA VAL B 157 -9.77 -27.05 5.54
C VAL B 157 -10.77 -26.38 6.53
N ALA B 158 -11.73 -25.61 6.00
CA ALA B 158 -12.82 -25.12 6.85
C ALA B 158 -13.46 -26.23 7.66
N LEU B 159 -13.58 -27.43 7.08
CA LEU B 159 -14.16 -28.58 7.81
C LEU B 159 -13.42 -28.83 9.13
N MET B 160 -12.12 -28.57 9.11
CA MET B 160 -11.26 -28.74 10.29
C MET B 160 -11.20 -27.50 11.21
N GLY B 161 -11.98 -26.46 10.91
CA GLY B 161 -12.05 -25.25 11.75
C GLY B 161 -11.09 -24.10 11.38
N ILE B 162 -10.44 -24.21 10.22
CA ILE B 162 -9.38 -23.27 9.83
C ILE B 162 -9.81 -22.47 8.60
N GLY B 163 -9.48 -21.18 8.56
CA GLY B 163 -9.85 -20.30 7.43
C GLY B 163 -8.93 -20.36 6.19
N GLY B 164 -8.77 -21.55 5.62
CA GLY B 164 -7.87 -21.72 4.47
C GLY B 164 -6.45 -22.02 4.90
N VAL B 165 -5.69 -22.61 3.98
CA VAL B 165 -4.30 -23.01 4.28
C VAL B 165 -3.42 -21.80 4.68
N GLU B 166 -2.20 -22.10 5.12
CA GLU B 166 -1.28 -21.16 5.79
C GLU B 166 -0.78 -20.02 4.90
N TYR B 167 -0.64 -20.30 3.61
CA TYR B 167 -0.17 -19.36 2.61
C TYR B 167 -1.33 -19.01 1.73
N HIS B 168 -1.85 -17.80 1.91
CA HIS B 168 -3.08 -17.42 1.25
C HIS B 168 -2.90 -16.84 -0.14
N GLY B 169 -2.60 -17.71 -1.09
CA GLY B 169 -2.66 -17.34 -2.50
C GLY B 169 -4.07 -17.24 -3.07
N HIS B 170 -5.09 -17.74 -2.36
CA HIS B 170 -6.42 -17.95 -2.94
C HIS B 170 -6.94 -16.67 -3.59
N THR B 171 -6.95 -15.57 -2.84
CA THR B 171 -7.51 -14.33 -3.33
C THR B 171 -6.76 -13.79 -4.54
N TRP B 172 -5.42 -13.93 -4.54
CA TRP B 172 -4.56 -13.46 -5.62
C TRP B 172 -4.80 -14.27 -6.88
N GLU B 173 -4.85 -15.59 -6.70
CA GLU B 173 -4.95 -16.55 -7.79
C GLU B 173 -6.33 -16.67 -8.37
N LEU B 174 -7.33 -16.58 -7.51
CA LEU B 174 -8.75 -16.82 -7.93
C LEU B 174 -9.62 -15.62 -8.00
N GLY B 175 -9.22 -14.54 -7.33
CA GLY B 175 -10.12 -13.41 -7.12
C GLY B 175 -10.86 -13.68 -5.83
N PRO B 176 -11.38 -12.63 -5.16
CA PRO B 176 -11.96 -12.85 -3.85
C PRO B 176 -13.24 -13.64 -3.82
N ARG B 177 -14.10 -13.44 -4.80
CA ARG B 177 -15.40 -14.16 -4.81
C ARG B 177 -15.23 -15.66 -4.98
N LYS B 178 -14.34 -16.07 -5.88
CA LYS B 178 -14.10 -17.49 -6.13
C LYS B 178 -13.33 -18.09 -4.94
N ALA B 179 -12.41 -17.33 -4.37
CA ALA B 179 -11.67 -17.79 -3.19
C ALA B 179 -12.65 -18.07 -2.04
N LYS B 180 -13.55 -17.15 -1.73
CA LYS B 180 -14.57 -17.40 -0.74
C LYS B 180 -15.50 -18.56 -1.10
N GLU B 181 -15.85 -18.67 -2.37
CA GLU B 181 -16.70 -19.77 -2.78
C GLU B 181 -16.04 -21.11 -2.41
N ILE B 182 -14.77 -21.33 -2.77
CA ILE B 182 -14.15 -22.63 -2.52
C ILE B 182 -13.81 -22.85 -1.05
N LEU B 183 -13.51 -21.78 -0.31
CA LEU B 183 -13.29 -21.92 1.14
C LEU B 183 -14.57 -22.20 1.89
N PHE B 184 -15.66 -21.57 1.49
CA PHE B 184 -16.93 -21.71 2.20
C PHE B 184 -17.61 -23.07 1.93
N THR B 185 -17.49 -23.59 0.71
CA THR B 185 -18.20 -24.80 0.32
C THR B 185 -17.32 -26.02 0.41
N GLY B 186 -16.01 -25.83 0.30
CA GLY B 186 -15.09 -26.96 0.22
C GLY B 186 -15.10 -27.66 -1.12
N ARG B 187 -15.67 -27.04 -2.15
CA ARG B 187 -15.70 -27.68 -3.44
C ARG B 187 -14.37 -27.56 -4.20
N ALA B 188 -14.27 -28.36 -5.26
CA ALA B 188 -13.11 -28.40 -6.13
C ALA B 188 -13.38 -27.57 -7.39
N LEU B 189 -12.35 -26.89 -7.86
CA LEU B 189 -12.35 -26.23 -9.15
C LEU B 189 -11.69 -27.15 -10.18
N THR B 190 -12.33 -27.29 -11.35
CA THR B 190 -11.77 -28.01 -12.45
C THR B 190 -10.58 -27.21 -13.02
N ALA B 191 -9.79 -27.87 -13.85
CA ALA B 191 -8.65 -27.25 -14.47
C ALA B 191 -9.11 -26.06 -15.30
N GLU B 192 -10.18 -26.21 -16.06
CA GLU B 192 -10.73 -25.13 -16.91
C GLU B 192 -11.29 -23.96 -16.06
N GLU B 193 -11.97 -24.25 -14.97
CA GLU B 193 -12.34 -23.14 -14.02
C GLU B 193 -11.10 -22.35 -13.53
N ALA B 194 -10.04 -23.06 -13.16
CA ALA B 194 -8.82 -22.43 -12.68
C ALA B 194 -8.13 -21.64 -13.75
N GLU B 195 -8.19 -22.12 -14.99
CA GLU B 195 -7.64 -21.43 -16.12
C GLU B 195 -8.38 -20.10 -16.29
N ARG B 196 -9.69 -20.11 -16.09
CA ARG B 196 -10.48 -18.89 -16.23
C ARG B 196 -10.15 -17.78 -15.22
N THR B 197 -9.62 -18.11 -14.05
CA THR B 197 -9.26 -17.09 -13.07
C THR B 197 -7.83 -16.63 -13.28
N GLY B 198 -7.08 -17.32 -14.12
CA GLY B 198 -5.67 -17.00 -14.36
C GLY B 198 -4.74 -17.79 -13.45
N MET B 199 -5.28 -18.64 -12.57
CA MET B 199 -4.45 -19.48 -11.72
C MET B 199 -3.65 -20.52 -12.53
N VAL B 200 -4.26 -21.05 -13.60
CA VAL B 200 -3.61 -22.01 -14.46
C VAL B 200 -3.34 -21.34 -15.80
N ASN B 201 -2.13 -21.48 -16.29
CA ASN B 201 -1.69 -20.92 -17.57
C ASN B 201 -2.23 -21.67 -18.77
N ARG B 202 -2.27 -23.00 -18.70
CA ARG B 202 -2.68 -23.86 -19.79
C ARG B 202 -3.25 -25.20 -19.30
N VAL B 203 -4.35 -25.63 -19.90
CA VAL B 203 -4.91 -26.95 -19.62
C VAL B 203 -4.53 -27.88 -20.79
N VAL B 204 -4.05 -29.07 -20.46
CA VAL B 204 -3.53 -30.03 -21.43
C VAL B 204 -4.05 -31.44 -21.14
N ALA B 205 -4.16 -32.28 -22.17
CA ALA B 205 -4.58 -33.65 -21.97
C ALA B 205 -3.61 -34.31 -20.99
N ARG B 206 -4.15 -35.16 -20.13
CA ARG B 206 -3.39 -35.86 -19.13
C ARG B 206 -2.14 -36.54 -19.71
N ASP B 207 -2.31 -37.31 -20.79
CA ASP B 207 -1.18 -38.05 -21.39
C ASP B 207 -0.09 -37.13 -21.98
N GLU B 208 -0.40 -35.85 -22.19
CA GLU B 208 0.53 -34.90 -22.77
C GLU B 208 1.13 -33.93 -21.76
N LEU B 209 0.74 -34.01 -20.49
CA LEU B 209 1.14 -33.02 -19.48
C LEU B 209 2.67 -32.92 -19.34
N ASP B 210 3.34 -34.06 -19.19
CA ASP B 210 4.80 -34.06 -19.02
C ASP B 210 5.52 -33.57 -20.24
N ALA B 211 5.08 -34.00 -21.43
CA ALA B 211 5.71 -33.60 -22.67
C ALA B 211 5.57 -32.10 -22.90
N GLN B 212 4.35 -31.59 -22.74
CA GLN B 212 4.10 -30.16 -22.94
C GLN B 212 4.80 -29.29 -21.90
N THR B 213 4.92 -29.77 -20.67
CA THR B 213 5.71 -29.09 -19.66
C THR B 213 7.19 -28.98 -20.04
N ARG B 214 7.79 -30.09 -20.48
CA ARG B 214 9.22 -30.08 -20.80
CA ARG B 214 9.21 -30.13 -20.84
C ARG B 214 9.48 -29.20 -22.04
N GLU B 215 8.57 -29.22 -23.01
CA GLU B 215 8.69 -28.36 -24.20
C GLU B 215 8.60 -26.88 -23.85
N LEU B 216 7.70 -26.50 -22.95
CA LEU B 216 7.67 -25.11 -22.47
C LEU B 216 8.98 -24.75 -21.77
N ALA B 217 9.46 -25.63 -20.90
CA ALA B 217 10.70 -25.39 -20.16
C ALA B 217 11.88 -25.20 -21.12
N GLU B 218 11.95 -26.05 -22.17
CA GLU B 218 12.99 -25.95 -23.16
C GLU B 218 12.96 -24.63 -23.92
N GLN B 219 11.77 -24.17 -24.31
CA GLN B 219 11.64 -22.88 -24.99
C GLN B 219 12.11 -21.72 -24.09
N ILE B 220 11.73 -21.79 -22.82
CA ILE B 220 12.13 -20.75 -21.86
C ILE B 220 13.63 -20.74 -21.61
N ALA B 221 14.24 -21.93 -21.59
CA ALA B 221 15.67 -22.08 -21.38
C ALA B 221 16.55 -21.51 -22.50
N THR B 222 15.95 -21.16 -23.65
CA THR B 222 16.71 -20.50 -24.75
C THR B 222 16.89 -19.01 -24.44
N MET B 223 16.20 -18.47 -23.45
CA MET B 223 16.32 -17.05 -23.12
C MET B 223 17.53 -16.77 -22.26
N PRO B 224 18.05 -15.54 -22.31
CA PRO B 224 19.18 -15.17 -21.45
C PRO B 224 18.78 -15.23 -19.96
N PRO B 225 19.57 -15.93 -19.11
CA PRO B 225 19.17 -16.11 -17.72
C PRO B 225 18.91 -14.83 -16.94
N PHE B 226 19.70 -13.77 -17.20
CA PHE B 226 19.45 -12.51 -16.48
C PHE B 226 18.13 -11.83 -16.85
N ALA B 227 17.75 -11.93 -18.12
CA ALA B 227 16.45 -11.42 -18.58
C ALA B 227 15.29 -12.12 -17.90
N LEU B 228 15.37 -13.45 -17.81
CA LEU B 228 14.35 -14.24 -17.10
C LEU B 228 14.31 -13.87 -15.61
N ARG B 229 15.48 -13.68 -14.99
CA ARG B 229 15.54 -13.33 -13.60
C ARG B 229 14.81 -12.02 -13.36
N GLN B 230 15.09 -11.02 -14.19
CA GLN B 230 14.51 -9.71 -14.02
C GLN B 230 13.03 -9.61 -14.48
N ALA B 231 12.61 -10.42 -15.44
CA ALA B 231 11.19 -10.53 -15.79
C ALA B 231 10.40 -11.07 -14.60
N LYS B 232 10.93 -12.13 -13.98
CA LYS B 232 10.33 -12.71 -12.83
C LYS B 232 10.27 -11.69 -11.69
N ARG B 233 11.39 -11.01 -11.45
CA ARG B 233 11.46 -9.97 -10.45
C ARG B 233 10.44 -8.84 -10.68
N ALA B 234 10.25 -8.44 -11.93
CA ALA B 234 9.33 -7.37 -12.31
C ALA B 234 7.89 -7.72 -11.89
N VAL B 235 7.50 -8.95 -12.16
CA VAL B 235 6.15 -9.35 -11.89
C VAL B 235 5.94 -9.55 -10.37
N ASN B 236 6.89 -10.23 -9.74
CA ASN B 236 6.80 -10.48 -8.30
C ASN B 236 6.92 -9.21 -7.47
N GLN B 237 7.76 -8.27 -7.87
CA GLN B 237 7.87 -6.99 -7.18
C GLN B 237 6.59 -6.15 -7.36
N THR B 238 5.97 -6.18 -8.53
CA THR B 238 4.65 -5.57 -8.70
C THR B 238 3.65 -6.15 -7.69
N LEU B 239 3.60 -7.46 -7.57
CA LEU B 239 2.78 -8.12 -6.57
C LEU B 239 3.09 -7.70 -5.14
N ASP B 240 4.36 -7.57 -4.80
CA ASP B 240 4.71 -7.12 -3.47
C ASP B 240 4.36 -5.66 -3.22
N VAL B 241 4.49 -4.79 -4.22
CA VAL B 241 4.01 -3.42 -4.11
C VAL B 241 2.48 -3.43 -3.96
N GLN B 242 1.79 -4.34 -4.62
CA GLN B 242 0.34 -4.49 -4.43
C GLN B 242 -0.02 -4.99 -3.01
N GLY B 243 0.92 -5.56 -2.27
CA GLY B 243 0.71 -5.97 -0.88
C GLY B 243 0.83 -7.45 -0.67
N PHE B 244 1.36 -8.19 -1.66
CA PHE B 244 1.44 -9.67 -1.56
C PHE B 244 2.17 -10.14 -0.29
N TYR B 245 3.40 -9.71 -0.08
CA TYR B 245 4.14 -10.14 1.11
C TYR B 245 3.36 -9.85 2.37
N ALA B 246 2.85 -8.63 2.47
CA ALA B 246 2.20 -8.16 3.71
C ALA B 246 0.94 -8.96 3.92
N ALA B 247 0.21 -9.23 2.83
CA ALA B 247 -1.07 -9.94 2.91
C ALA B 247 -0.86 -11.40 3.31
N ILE B 248 0.18 -12.02 2.76
CA ILE B 248 0.54 -13.40 3.10
C ILE B 248 0.83 -13.50 4.58
N GLN B 249 1.63 -12.57 5.07
CA GLN B 249 1.92 -12.54 6.51
C GLN B 249 0.66 -12.31 7.35
N SER B 250 -0.17 -11.37 6.93
CA SER B 250 -1.41 -11.06 7.62
C SER B 250 -2.31 -12.30 7.76
N VAL B 251 -2.50 -13.01 6.66
CA VAL B 251 -3.40 -14.15 6.70
C VAL B 251 -2.80 -15.32 7.47
N PHE B 252 -1.47 -15.43 7.52
CA PHE B 252 -0.87 -16.48 8.30
C PHE B 252 -1.32 -16.34 9.75
N ASP B 253 -1.39 -15.12 10.24
CA ASP B 253 -1.92 -14.88 11.59
C ASP B 253 -3.40 -15.28 11.79
N ILE B 254 -4.22 -14.98 10.80
CA ILE B 254 -5.63 -15.36 10.83
C ILE B 254 -5.75 -16.87 10.83
N HIS B 255 -4.94 -17.54 10.02
CA HIS B 255 -4.87 -19.00 10.02
C HIS B 255 -4.58 -19.53 11.41
N GLN B 256 -3.63 -18.90 12.08
CA GLN B 256 -3.23 -19.34 13.39
C GLN B 256 -4.33 -19.19 14.45
N THR B 257 -5.20 -18.20 14.33
CA THR B 257 -6.38 -18.10 15.22
C THR B 257 -7.32 -19.31 15.06
N GLY B 258 -7.32 -19.92 13.86
CA GLY B 258 -8.03 -21.17 13.63
C GLY B 258 -7.55 -22.22 14.63
N HIS B 259 -6.23 -22.42 14.63
CA HIS B 259 -5.59 -23.38 15.50
C HIS B 259 -5.78 -23.00 16.95
N GLY B 260 -5.65 -21.71 17.27
CA GLY B 260 -5.90 -21.22 18.62
C GLY B 260 -7.31 -21.56 19.12
N ASN B 261 -8.30 -21.31 18.26
CA ASN B 261 -9.67 -21.67 18.60
C ASN B 261 -9.84 -23.18 18.78
N ALA B 262 -9.41 -23.96 17.79
CA ALA B 262 -9.43 -25.43 17.89
C ALA B 262 -8.81 -25.93 19.19
N LEU B 263 -7.64 -25.38 19.54
CA LEU B 263 -6.96 -25.77 20.79
C LEU B 263 -7.79 -25.43 22.02
N SER B 264 -8.41 -24.24 22.02
CA SER B 264 -9.19 -23.77 23.16
C SER B 264 -10.45 -24.62 23.35
N VAL B 265 -10.95 -25.22 22.28
CA VAL B 265 -12.18 -25.97 22.33
C VAL B 265 -11.94 -27.45 22.63
N SER B 266 -10.92 -28.05 22.01
CA SER B 266 -10.67 -29.52 22.09
C SER B 266 -9.28 -29.94 22.66
N GLY B 267 -8.32 -29.04 22.70
CA GLY B 267 -6.93 -29.40 23.04
C GLY B 267 -6.18 -30.00 21.86
N TRP B 268 -6.80 -30.00 20.68
CA TRP B 268 -6.17 -30.46 19.45
C TRP B 268 -6.11 -29.30 18.43
N PRO B 269 -5.12 -29.33 17.52
CA PRO B 269 -4.94 -28.22 16.55
C PRO B 269 -6.08 -28.03 15.54
N VAL B 270 -6.99 -28.99 15.45
CA VAL B 270 -8.12 -28.91 14.52
C VAL B 270 -9.39 -29.33 15.25
N LEU B 271 -10.55 -29.00 14.69
CA LEU B 271 -11.83 -29.19 15.40
C LEU B 271 -12.26 -30.65 15.50
N GLY C 20 -40.83 -10.01 12.56
CA GLY C 20 -39.46 -10.05 11.86
C GLY C 20 -39.35 -9.05 10.68
N SER C 21 -40.38 -9.00 9.87
CA SER C 21 -40.44 -8.11 8.73
C SER C 21 -40.69 -6.63 9.07
N MET C 22 -40.38 -5.77 8.11
CA MET C 22 -40.57 -4.35 8.24
C MET C 22 -41.33 -3.86 7.00
N VAL C 23 -41.42 -2.55 6.75
CA VAL C 23 -42.26 -2.03 5.67
C VAL C 23 -41.80 -2.49 4.29
N TYR C 24 -40.52 -2.26 4.00
CA TYR C 24 -39.97 -2.49 2.69
C TYR C 24 -39.04 -3.69 2.62
N ILE C 25 -38.76 -4.33 3.76
CA ILE C 25 -37.84 -5.47 3.82
C ILE C 25 -38.51 -6.62 4.52
N ASP C 26 -38.56 -7.78 3.87
CA ASP C 26 -39.01 -9.00 4.51
C ASP C 26 -37.81 -9.79 5.09
N TYR C 27 -38.00 -10.43 6.23
CA TYR C 27 -36.94 -11.07 6.99
C TYR C 27 -37.47 -12.36 7.56
N GLY C 28 -36.76 -13.46 7.35
CA GLY C 28 -37.12 -14.73 7.96
C GLY C 28 -35.87 -15.57 8.20
N VAL C 29 -35.89 -16.38 9.25
CA VAL C 29 -34.85 -17.35 9.53
C VAL C 29 -35.41 -18.77 9.50
N ALA C 30 -34.64 -19.68 8.91
CA ALA C 30 -35.01 -21.09 8.85
C ALA C 30 -33.76 -21.92 8.54
N ASP C 31 -33.56 -22.98 9.33
CA ASP C 31 -32.44 -23.88 9.21
C ASP C 31 -31.09 -23.13 9.14
N SER C 32 -30.86 -22.19 10.05
CA SER C 32 -29.61 -21.44 10.18
C SER C 32 -29.33 -20.39 9.08
N ILE C 33 -30.30 -20.18 8.19
CA ILE C 33 -30.20 -19.19 7.14
C ILE C 33 -31.14 -18.01 7.43
N ALA C 34 -30.62 -16.80 7.37
CA ALA C 34 -31.45 -15.60 7.41
C ALA C 34 -31.66 -15.14 5.98
N THR C 35 -32.91 -15.00 5.56
CA THR C 35 -33.19 -14.47 4.22
C THR C 35 -33.77 -13.06 4.31
N ILE C 36 -33.09 -12.14 3.67
CA ILE C 36 -33.45 -10.73 3.69
C ILE C 36 -33.95 -10.46 2.29
N THR C 37 -35.19 -9.96 2.20
CA THR C 37 -35.85 -9.80 0.91
C THR C 37 -36.23 -8.35 0.68
N LEU C 38 -35.70 -7.76 -0.39
CA LEU C 38 -36.15 -6.44 -0.84
C LEU C 38 -37.62 -6.57 -1.27
N ASN C 39 -38.52 -5.76 -0.68
CA ASN C 39 -39.95 -5.93 -0.91
C ASN C 39 -40.62 -4.62 -1.31
N ARG C 40 -40.14 -4.04 -2.40
CA ARG C 40 -40.71 -2.86 -2.99
C ARG C 40 -40.79 -3.05 -4.52
N PRO C 41 -41.35 -4.19 -4.95
CA PRO C 41 -41.30 -4.57 -6.37
C PRO C 41 -42.05 -3.62 -7.32
N GLU C 42 -43.06 -2.90 -6.83
CA GLU C 42 -43.80 -1.94 -7.68
C GLU C 42 -42.94 -0.76 -8.05
N ALA C 43 -41.88 -0.54 -7.28
CA ALA C 43 -40.91 0.52 -7.57
C ALA C 43 -39.58 -0.05 -8.05
N ALA C 44 -39.61 -1.30 -8.53
CA ALA C 44 -38.43 -2.05 -8.89
C ALA C 44 -37.34 -1.97 -7.82
N ASN C 45 -37.77 -2.02 -6.56
CA ASN C 45 -36.91 -1.94 -5.41
C ASN C 45 -35.98 -0.74 -5.42
N ALA C 46 -36.48 0.38 -5.95
CA ALA C 46 -35.84 1.65 -5.75
C ALA C 46 -35.68 1.92 -4.24
N GLN C 47 -34.50 2.40 -3.87
CA GLN C 47 -34.11 2.53 -2.47
C GLN C 47 -34.32 3.96 -1.95
N ASN C 48 -35.29 4.13 -1.06
CA ASN C 48 -35.44 5.38 -0.33
C ASN C 48 -34.75 5.20 1.02
N PRO C 49 -34.58 6.28 1.79
CA PRO C 49 -33.89 6.13 3.07
C PRO C 49 -34.54 5.12 4.01
N GLU C 50 -35.87 5.06 4.00
CA GLU C 50 -36.60 4.16 4.85
C GLU C 50 -36.24 2.70 4.54
N LEU C 51 -36.21 2.33 3.25
CA LEU C 51 -35.85 0.98 2.89
C LEU C 51 -34.41 0.71 3.33
N LEU C 52 -33.51 1.64 3.10
CA LEU C 52 -32.12 1.39 3.50
C LEU C 52 -31.92 1.26 5.03
N ASP C 53 -32.66 2.03 5.83
CA ASP C 53 -32.53 1.91 7.29
C ASP C 53 -33.06 0.54 7.71
N GLU C 54 -34.11 0.07 7.06
CA GLU C 54 -34.67 -1.25 7.36
C GLU C 54 -33.68 -2.36 6.92
N LEU C 55 -33.06 -2.18 5.76
CA LEU C 55 -32.11 -3.17 5.26
C LEU C 55 -30.95 -3.28 6.25
N ASP C 56 -30.47 -2.14 6.73
CA ASP C 56 -29.40 -2.13 7.72
C ASP C 56 -29.80 -2.83 8.97
N ALA C 57 -31.01 -2.58 9.46
CA ALA C 57 -31.49 -3.24 10.67
C ALA C 57 -31.63 -4.77 10.46
N ALA C 58 -31.95 -5.19 9.25
CA ALA C 58 -32.02 -6.62 8.92
C ALA C 58 -30.63 -7.27 8.93
N TRP C 59 -29.65 -6.57 8.38
CA TRP C 59 -28.29 -7.10 8.35
C TRP C 59 -27.77 -7.23 9.78
N THR C 60 -28.07 -6.24 10.62
CA THR C 60 -27.68 -6.27 12.05
C THR C 60 -28.37 -7.37 12.82
N ARG C 61 -29.67 -7.57 12.57
CA ARG C 61 -30.36 -8.68 13.20
C ARG C 61 -29.74 -10.04 12.83
N ALA C 62 -29.48 -10.29 11.56
CA ALA C 62 -28.84 -11.55 11.15
C ALA C 62 -27.43 -11.71 11.73
N ALA C 63 -26.67 -10.63 11.74
CA ALA C 63 -25.31 -10.63 12.35
C ALA C 63 -25.35 -11.02 13.83
N GLU C 64 -26.35 -10.53 14.55
CA GLU C 64 -26.38 -10.73 15.98
C GLU C 64 -27.07 -12.01 16.38
N ASP C 65 -27.81 -12.63 15.47
CA ASP C 65 -28.56 -13.82 15.81
C ASP C 65 -27.62 -15.02 15.73
N ASN C 66 -27.29 -15.58 16.89
CA ASN C 66 -26.37 -16.71 17.03
C ASN C 66 -26.87 -17.96 16.31
N GLU C 67 -28.16 -18.04 15.97
CA GLU C 67 -28.67 -19.17 15.22
C GLU C 67 -28.47 -19.01 13.73
N VAL C 68 -28.14 -17.81 13.26
CA VAL C 68 -27.95 -17.60 11.85
C VAL C 68 -26.50 -17.87 11.54
N LYS C 69 -26.30 -18.71 10.54
CA LYS C 69 -24.96 -19.09 10.06
C LYS C 69 -24.68 -18.48 8.67
N VAL C 70 -25.73 -18.24 7.87
CA VAL C 70 -25.56 -17.76 6.50
C VAL C 70 -26.67 -16.77 6.18
N ILE C 71 -26.32 -15.73 5.42
CA ILE C 71 -27.27 -14.72 5.00
C ILE C 71 -27.54 -14.76 3.51
N ILE C 72 -28.82 -14.74 3.14
CA ILE C 72 -29.22 -14.62 1.74
C ILE C 72 -29.85 -13.26 1.55
N LEU C 73 -29.39 -12.51 0.56
CA LEU C 73 -30.04 -11.29 0.15
C LEU C 73 -30.70 -11.51 -1.21
N ARG C 74 -32.01 -11.35 -1.28
CA ARG C 74 -32.75 -11.51 -2.53
C ARG C 74 -33.78 -10.38 -2.67
N ALA C 75 -34.54 -10.40 -3.76
CA ALA C 75 -35.47 -9.32 -4.10
C ALA C 75 -36.74 -9.87 -4.74
N ASN C 76 -37.90 -9.37 -4.31
CA ASN C 76 -39.16 -9.66 -4.97
C ASN C 76 -39.32 -8.91 -6.29
N GLY C 77 -40.13 -9.50 -7.17
CA GLY C 77 -40.41 -8.95 -8.49
C GLY C 77 -39.41 -9.29 -9.61
N LYS C 78 -39.49 -8.51 -10.69
CA LYS C 78 -38.75 -8.74 -11.90
C LYS C 78 -37.33 -8.22 -11.82
N HIS C 79 -37.08 -7.21 -10.98
CA HIS C 79 -35.78 -6.56 -10.92
C HIS C 79 -35.18 -6.50 -9.53
N PHE C 80 -33.88 -6.80 -9.41
CA PHE C 80 -33.19 -6.74 -8.13
C PHE C 80 -33.28 -5.36 -7.50
N SER C 81 -32.85 -4.33 -8.22
CA SER C 81 -32.98 -2.94 -7.75
C SER C 81 -32.61 -1.91 -8.78
N ALA C 82 -33.54 -0.98 -9.05
CA ALA C 82 -33.31 0.14 -9.96
C ALA C 82 -32.39 1.24 -9.42
N GLY C 83 -31.93 1.09 -8.17
CA GLY C 83 -30.98 2.00 -7.57
C GLY C 83 -31.63 2.89 -6.53
N HIS C 84 -30.99 4.02 -6.28
CA HIS C 84 -31.46 4.98 -5.30
C HIS C 84 -32.68 5.73 -5.82
N ASP C 85 -33.65 5.94 -4.95
CA ASP C 85 -34.90 6.63 -5.30
C ASP C 85 -34.62 8.13 -5.45
N LEU C 86 -34.89 8.66 -6.64
CA LEU C 86 -34.77 10.11 -6.93
C LEU C 86 -35.68 11.00 -6.06
N ARG C 87 -36.86 10.49 -5.73
CA ARG C 87 -37.92 11.24 -5.00
C ARG C 87 -37.76 11.07 -3.46
N PRO C 93 -32.34 21.99 2.50
CA PRO C 93 -33.30 21.86 1.41
C PRO C 93 -33.61 23.08 0.57
N GLU C 94 -33.79 24.27 1.15
CA GLU C 94 -33.92 25.50 0.34
C GLU C 94 -32.63 25.69 -0.48
N LYS C 95 -31.52 25.90 0.21
CA LYS C 95 -30.19 25.84 -0.43
C LYS C 95 -29.52 24.54 0.06
N ILE C 96 -29.25 23.61 -0.87
CA ILE C 96 -28.67 22.33 -0.51
C ILE C 96 -27.18 22.51 -0.56
N SER C 97 -26.50 22.27 0.56
CA SER C 97 -25.04 22.37 0.62
C SER C 97 -24.41 21.03 0.32
N LEU C 98 -23.16 21.02 -0.13
CA LEU C 98 -22.47 19.76 -0.33
C LEU C 98 -22.27 19.03 1.01
N GLU C 99 -22.06 19.79 2.07
CA GLU C 99 -21.97 19.22 3.40
C GLU C 99 -23.20 18.36 3.72
N PHE C 100 -24.39 18.83 3.36
CA PHE C 100 -25.63 18.14 3.70
C PHE C 100 -25.65 16.84 2.94
N ILE C 101 -25.28 16.90 1.68
CA ILE C 101 -25.23 15.70 0.85
C ILE C 101 -24.24 14.66 1.39
N ILE C 102 -23.04 15.09 1.74
CA ILE C 102 -22.02 14.20 2.28
C ILE C 102 -22.49 13.51 3.59
N GLN C 103 -23.13 14.26 4.48
CA GLN C 103 -23.62 13.70 5.74
C GLN C 103 -24.57 12.53 5.49
N HIS C 104 -25.51 12.74 4.57
CA HIS C 104 -26.49 11.70 4.25
C HIS C 104 -25.88 10.53 3.50
N GLU C 105 -25.06 10.83 2.49
CA GLU C 105 -24.50 9.76 1.70
C GLU C 105 -23.45 8.98 2.45
N ALA C 106 -22.61 9.63 3.27
CA ALA C 106 -21.61 8.91 4.11
C ALA C 106 -22.32 7.87 5.02
N ARG C 107 -23.46 8.23 5.57
CA ARG C 107 -24.19 7.32 6.44
C ARG C 107 -24.74 6.13 5.64
N ARG C 108 -25.55 6.38 4.63
CA ARG C 108 -26.35 5.34 4.01
C ARG C 108 -25.72 4.64 2.82
N TYR C 109 -24.80 5.29 2.13
CA TYR C 109 -24.28 4.68 0.91
C TYR C 109 -22.83 4.21 1.08
N LEU C 110 -22.12 4.76 2.06
CA LEU C 110 -20.77 4.35 2.34
C LEU C 110 -20.70 3.50 3.60
N ASP C 111 -21.09 4.06 4.76
CA ASP C 111 -20.97 3.34 6.03
C ASP C 111 -21.88 2.10 6.12
N TYR C 112 -23.13 2.19 5.68
CA TYR C 112 -23.97 0.97 5.67
C TYR C 112 -23.32 -0.13 4.85
N THR C 113 -22.87 0.19 3.65
CA THR C 113 -22.40 -0.80 2.71
C THR C 113 -21.14 -1.49 3.26
N LEU C 114 -20.22 -0.71 3.79
CA LEU C 114 -19.01 -1.29 4.42
C LEU C 114 -19.35 -2.16 5.61
N ARG C 115 -20.33 -1.74 6.40
CA ARG C 115 -20.72 -2.56 7.54
C ARG C 115 -21.27 -3.93 7.07
N TRP C 116 -22.08 -3.93 6.02
CA TRP C 116 -22.61 -5.19 5.52
C TRP C 116 -21.48 -6.09 5.00
N ARG C 117 -20.55 -5.48 4.28
CA ARG C 117 -19.36 -6.18 3.75
C ARG C 117 -18.64 -6.93 4.86
N ASN C 118 -18.57 -6.31 6.05
CA ASN C 118 -17.80 -6.82 7.19
C ASN C 118 -18.57 -7.71 8.14
N VAL C 119 -19.84 -7.97 7.87
CA VAL C 119 -20.59 -8.89 8.75
C VAL C 119 -19.90 -10.24 8.79
N PRO C 120 -19.57 -10.75 10.00
CA PRO C 120 -18.70 -11.95 10.10
C PRO C 120 -19.36 -13.33 9.87
N LYS C 121 -20.18 -13.43 8.83
CA LYS C 121 -20.87 -14.65 8.45
C LYS C 121 -20.97 -14.57 6.92
N PRO C 122 -20.97 -15.71 6.23
CA PRO C 122 -21.16 -15.70 4.79
C PRO C 122 -22.48 -15.14 4.35
N SER C 123 -22.43 -14.35 3.29
CA SER C 123 -23.61 -13.78 2.68
C SER C 123 -23.60 -14.03 1.18
N ILE C 124 -24.80 -14.25 0.63
CA ILE C 124 -25.02 -14.54 -0.80
C ILE C 124 -26.12 -13.63 -1.35
N ALA C 125 -25.83 -12.90 -2.43
CA ALA C 125 -26.83 -12.10 -3.14
C ALA C 125 -27.37 -12.94 -4.29
N ALA C 126 -28.69 -12.99 -4.41
CA ALA C 126 -29.39 -13.55 -5.57
C ALA C 126 -29.94 -12.40 -6.40
N VAL C 127 -29.39 -12.21 -7.60
CA VAL C 127 -29.68 -11.04 -8.42
C VAL C 127 -30.39 -11.41 -9.73
N GLN C 128 -31.62 -10.92 -9.88
CA GLN C 128 -32.41 -11.10 -11.10
C GLN C 128 -32.66 -9.74 -11.75
N GLY C 129 -32.86 -9.75 -13.07
CA GLY C 129 -33.23 -8.55 -13.80
C GLY C 129 -32.27 -7.39 -13.60
N ARG C 130 -32.80 -6.18 -13.51
CA ARG C 130 -31.96 -5.03 -13.48
C ARG C 130 -31.37 -4.77 -12.10
N CYS C 131 -30.07 -4.56 -12.09
CA CYS C 131 -29.34 -4.07 -10.96
C CYS C 131 -28.56 -2.85 -11.41
N ILE C 132 -29.06 -1.66 -11.07
CA ILE C 132 -28.64 -0.39 -11.65
C ILE C 132 -28.12 0.54 -10.56
N SER C 133 -26.89 1.02 -10.78
CA SER C 133 -26.26 2.01 -9.92
C SER C 133 -26.30 1.64 -8.45
N GLY C 134 -27.14 2.29 -7.67
CA GLY C 134 -27.29 1.96 -6.26
C GLY C 134 -27.62 0.52 -5.94
N GLY C 135 -28.19 -0.21 -6.90
CA GLY C 135 -28.41 -1.65 -6.77
C GLY C 135 -27.14 -2.41 -6.46
N LEU C 136 -26.02 -1.95 -7.06
CA LEU C 136 -24.71 -2.56 -6.89
C LEU C 136 -24.25 -2.47 -5.46
N LEU C 137 -24.66 -1.40 -4.75
CA LEU C 137 -24.31 -1.28 -3.33
C LEU C 137 -24.98 -2.32 -2.45
N LEU C 138 -26.02 -2.99 -2.95
CA LEU C 138 -26.71 -4.00 -2.16
C LEU C 138 -26.10 -5.37 -2.34
N CYS C 139 -25.69 -5.72 -3.56
CA CYS C 139 -25.10 -7.02 -3.84
C CYS C 139 -23.56 -7.08 -3.65
N TRP C 140 -22.85 -6.02 -4.00
CA TRP C 140 -21.41 -6.04 -3.87
C TRP C 140 -20.88 -6.35 -2.48
N PRO C 141 -21.57 -5.88 -1.41
CA PRO C 141 -21.06 -6.20 -0.05
C PRO C 141 -21.29 -7.66 0.36
N CYS C 142 -22.14 -8.38 -0.38
CA CYS C 142 -22.31 -9.80 -0.11
C CYS C 142 -21.04 -10.54 -0.58
N ASP C 143 -20.77 -11.68 0.04
CA ASP C 143 -19.57 -12.46 -0.31
C ASP C 143 -19.65 -13.09 -1.67
N LEU C 144 -20.81 -13.69 -1.96
CA LEU C 144 -21.05 -14.42 -3.19
C LEU C 144 -22.25 -13.81 -3.91
N ILE C 145 -22.22 -13.84 -5.24
CA ILE C 145 -23.32 -13.36 -6.04
C ILE C 145 -23.72 -14.44 -7.04
N LEU C 146 -24.97 -14.84 -7.00
CA LEU C 146 -25.58 -15.65 -8.02
C LEU C 146 -26.49 -14.76 -8.83
N ALA C 147 -26.40 -14.84 -10.15
CA ALA C 147 -27.26 -14.04 -11.02
C ALA C 147 -28.10 -14.89 -11.98
N SER C 148 -29.34 -14.51 -12.22
CA SER C 148 -30.13 -15.18 -13.26
C SER C 148 -29.60 -14.81 -14.61
N ASP C 149 -29.91 -15.62 -15.62
CA ASP C 149 -29.39 -15.36 -16.97
C ASP C 149 -29.94 -14.05 -17.52
N ASP C 150 -31.06 -13.55 -16.99
CA ASP C 150 -31.59 -12.26 -17.45
C ASP C 150 -31.10 -11.05 -16.64
N ALA C 151 -30.17 -11.26 -15.70
CA ALA C 151 -29.62 -10.16 -14.92
C ALA C 151 -28.82 -9.20 -15.79
N LEU C 152 -28.94 -7.92 -15.50
CA LEU C 152 -28.25 -6.85 -16.16
C LEU C 152 -27.70 -5.86 -15.15
N PHE C 153 -26.37 -5.68 -15.18
CA PHE C 153 -25.69 -4.81 -14.24
C PHE C 153 -25.21 -3.54 -14.93
N SER C 154 -25.51 -2.37 -14.37
CA SER C 154 -25.08 -1.13 -15.01
C SER C 154 -24.93 -0.04 -13.97
N ASP C 155 -24.21 1.03 -14.33
CA ASP C 155 -24.13 2.23 -13.52
C ASP C 155 -24.02 3.43 -14.45
N PRO C 156 -25.16 3.89 -14.99
CA PRO C 156 -25.17 5.01 -15.90
C PRO C 156 -25.20 6.39 -15.24
N VAL C 157 -24.74 6.51 -14.00
CA VAL C 157 -24.85 7.78 -13.26
C VAL C 157 -24.03 8.96 -13.84
N ALA C 158 -23.14 8.64 -14.78
CA ALA C 158 -22.43 9.68 -15.54
C ALA C 158 -23.43 10.61 -16.21
N LEU C 159 -24.59 10.09 -16.60
CA LEU C 159 -25.62 10.91 -17.24
C LEU C 159 -26.08 12.03 -16.29
N MET C 160 -25.99 11.78 -14.97
CA MET C 160 -26.36 12.76 -13.97
C MET C 160 -25.18 13.65 -13.54
N GLY C 161 -24.04 13.51 -14.20
CA GLY C 161 -22.86 14.33 -13.89
C GLY C 161 -21.89 13.75 -12.88
N ILE C 162 -22.11 12.49 -12.48
CA ILE C 162 -21.35 11.88 -11.38
C ILE C 162 -20.44 10.74 -11.89
N GLY C 163 -19.25 10.62 -11.34
CA GLY C 163 -18.31 9.55 -11.74
C GLY C 163 -18.45 8.19 -11.06
N GLY C 164 -19.59 7.54 -11.28
CA GLY C 164 -19.88 6.25 -10.68
C GLY C 164 -20.50 6.43 -9.32
N VAL C 165 -21.18 5.38 -8.82
CA VAL C 165 -21.83 5.41 -7.49
C VAL C 165 -20.84 5.58 -6.34
N GLU C 166 -21.37 5.73 -5.13
CA GLU C 166 -20.63 6.23 -3.96
C GLU C 166 -19.58 5.24 -3.45
N TYR C 167 -19.85 3.95 -3.62
CA TYR C 167 -18.97 2.89 -3.16
C TYR C 167 -18.40 2.28 -4.41
N HIS C 168 -17.12 2.57 -4.66
CA HIS C 168 -16.49 2.20 -5.93
C HIS C 168 -15.98 0.77 -5.90
N GLY C 169 -16.90 -0.16 -6.00
CA GLY C 169 -16.56 -1.58 -6.26
C GLY C 169 -16.15 -1.91 -7.67
N HIS C 170 -16.37 -0.98 -8.59
CA HIS C 170 -16.32 -1.27 -10.04
C HIS C 170 -14.97 -1.84 -10.48
N THR C 171 -13.90 -1.12 -10.15
CA THR C 171 -12.54 -1.50 -10.55
C THR C 171 -12.14 -2.82 -9.93
N TRP C 172 -12.57 -3.08 -8.68
CA TRP C 172 -12.26 -4.33 -8.00
C TRP C 172 -13.05 -5.49 -8.63
N GLU C 173 -14.31 -5.27 -8.95
CA GLU C 173 -15.20 -6.34 -9.38
C GLU C 173 -15.05 -6.65 -10.85
N LEU C 174 -14.80 -5.61 -11.65
CA LEU C 174 -14.81 -5.74 -13.11
C LEU C 174 -13.44 -5.63 -13.78
N GLY C 175 -12.46 -5.11 -13.05
CA GLY C 175 -11.20 -4.67 -13.68
C GLY C 175 -11.34 -3.24 -14.15
N PRO C 176 -10.24 -2.52 -14.27
CA PRO C 176 -10.31 -1.12 -14.65
C PRO C 176 -10.84 -0.83 -16.03
N ARG C 177 -10.51 -1.62 -17.03
CA ARG C 177 -10.95 -1.31 -18.38
C ARG C 177 -12.47 -1.50 -18.52
N LYS C 178 -13.01 -2.58 -17.97
CA LYS C 178 -14.45 -2.81 -18.04
C LYS C 178 -15.20 -1.80 -17.17
N ALA C 179 -14.61 -1.42 -16.03
CA ALA C 179 -15.21 -0.43 -15.15
C ALA C 179 -15.33 0.90 -15.88
N LYS C 180 -14.24 1.31 -16.54
CA LYS C 180 -14.30 2.53 -17.32
C LYS C 180 -15.25 2.40 -18.47
N GLU C 181 -15.31 1.22 -19.10
CA GLU C 181 -16.25 1.04 -20.21
C GLU C 181 -17.68 1.30 -19.78
N ILE C 182 -18.12 0.66 -18.70
CA ILE C 182 -19.52 0.78 -18.32
C ILE C 182 -19.85 2.18 -17.75
N LEU C 183 -18.88 2.85 -17.14
CA LEU C 183 -19.12 4.19 -16.62
C LEU C 183 -19.14 5.24 -17.73
N PHE C 184 -18.24 5.09 -18.71
CA PHE C 184 -18.19 5.99 -19.87
C PHE C 184 -19.41 5.88 -20.82
N THR C 185 -19.94 4.67 -20.97
CA THR C 185 -21.00 4.39 -21.96
C THR C 185 -22.35 4.33 -21.35
N GLY C 186 -22.40 3.94 -20.09
CA GLY C 186 -23.63 3.71 -19.39
C GLY C 186 -24.33 2.41 -19.78
N ARG C 187 -23.62 1.50 -20.41
CA ARG C 187 -24.24 0.26 -20.87
C ARG C 187 -24.35 -0.78 -19.75
N ALA C 188 -25.17 -1.80 -20.02
CA ALA C 188 -25.36 -2.92 -19.10
C ALA C 188 -24.41 -4.06 -19.41
N LEU C 189 -23.95 -4.76 -18.37
CA LEU C 189 -23.28 -6.05 -18.53
C LEU C 189 -24.30 -7.15 -18.29
N THR C 190 -24.28 -8.18 -19.15
CA THR C 190 -25.11 -9.36 -18.94
C THR C 190 -24.52 -10.17 -17.78
N ALA C 191 -25.33 -11.09 -17.26
CA ALA C 191 -24.90 -11.96 -16.18
C ALA C 191 -23.64 -12.74 -16.60
N GLU C 192 -23.60 -13.22 -17.84
CA GLU C 192 -22.45 -13.98 -18.34
C GLU C 192 -21.21 -13.09 -18.45
N GLU C 193 -21.37 -11.84 -18.87
CA GLU C 193 -20.22 -10.92 -18.87
C GLU C 193 -19.68 -10.67 -17.48
N ALA C 194 -20.57 -10.53 -16.51
CA ALA C 194 -20.17 -10.24 -15.14
C ALA C 194 -19.48 -11.46 -14.55
N GLU C 195 -19.95 -12.65 -14.89
CA GLU C 195 -19.29 -13.88 -14.45
C GLU C 195 -17.83 -13.94 -14.94
N ARG C 196 -17.59 -13.52 -16.19
CA ARG C 196 -16.25 -13.60 -16.75
C ARG C 196 -15.26 -12.66 -16.03
N THR C 197 -15.72 -11.57 -15.40
CA THR C 197 -14.80 -10.71 -14.66
C THR C 197 -14.60 -11.25 -13.24
N GLY C 198 -15.38 -12.24 -12.82
CA GLY C 198 -15.34 -12.66 -11.40
C GLY C 198 -16.31 -11.94 -10.43
N MET C 199 -17.11 -11.00 -10.94
CA MET C 199 -18.10 -10.32 -10.12
C MET C 199 -19.26 -11.23 -9.73
N VAL C 200 -19.64 -12.13 -10.64
CA VAL C 200 -20.72 -13.09 -10.44
C VAL C 200 -20.07 -14.48 -10.28
N ASN C 201 -20.44 -15.18 -9.21
CA ASN C 201 -19.96 -16.52 -8.93
C ASN C 201 -20.56 -17.57 -9.85
N ARG C 202 -21.87 -17.49 -10.08
CA ARG C 202 -22.56 -18.46 -10.90
C ARG C 202 -23.78 -17.81 -11.58
N VAL C 203 -24.04 -18.18 -12.82
CA VAL C 203 -25.19 -17.69 -13.56
C VAL C 203 -26.18 -18.85 -13.65
N VAL C 204 -27.45 -18.62 -13.33
CA VAL C 204 -28.45 -19.70 -13.28
C VAL C 204 -29.75 -19.28 -13.99
N ALA C 205 -30.55 -20.27 -14.37
CA ALA C 205 -31.86 -20.01 -14.96
C ALA C 205 -32.69 -19.21 -13.97
N ARG C 206 -33.41 -18.23 -14.50
CA ARG C 206 -34.26 -17.36 -13.68
C ARG C 206 -35.14 -18.15 -12.70
N ASP C 207 -35.79 -19.20 -13.18
CA ASP C 207 -36.72 -19.96 -12.34
C ASP C 207 -36.03 -20.83 -11.30
N GLU C 208 -34.72 -21.00 -11.41
CA GLU C 208 -33.96 -21.80 -10.45
C GLU C 208 -33.09 -20.95 -9.51
N LEU C 209 -33.09 -19.63 -9.71
CA LEU C 209 -32.20 -18.74 -8.93
C LEU C 209 -32.42 -18.91 -7.42
N ASP C 210 -33.68 -18.89 -6.99
CA ASP C 210 -33.96 -18.98 -5.54
C ASP C 210 -33.58 -20.34 -4.96
N ALA C 211 -33.91 -21.42 -5.68
CA ALA C 211 -33.60 -22.78 -5.23
C ALA C 211 -32.10 -22.99 -5.13
N GLN C 212 -31.36 -22.56 -6.14
CA GLN C 212 -29.90 -22.74 -6.12
C GLN C 212 -29.23 -21.90 -5.04
N THR C 213 -29.74 -20.71 -4.79
CA THR C 213 -29.19 -19.88 -3.73
C THR C 213 -29.38 -20.53 -2.36
N ARG C 214 -30.58 -21.08 -2.12
CA ARG C 214 -30.89 -21.77 -0.86
CA ARG C 214 -30.86 -21.74 -0.84
C ARG C 214 -30.03 -23.01 -0.68
N GLU C 215 -29.88 -23.79 -1.74
CA GLU C 215 -29.05 -24.98 -1.73
C GLU C 215 -27.56 -24.65 -1.43
N LEU C 216 -27.05 -23.61 -2.05
CA LEU C 216 -25.68 -23.17 -1.74
C LEU C 216 -25.59 -22.72 -0.29
N ALA C 217 -26.59 -21.95 0.18
CA ALA C 217 -26.59 -21.46 1.56
C ALA C 217 -26.62 -22.60 2.59
N GLU C 218 -27.43 -23.62 2.31
CA GLU C 218 -27.52 -24.79 3.19
C GLU C 218 -26.20 -25.55 3.27
N GLN C 219 -25.54 -25.75 2.14
CA GLN C 219 -24.23 -26.41 2.11
C GLN C 219 -23.21 -25.61 2.94
N ILE C 220 -23.18 -24.31 2.73
CA ILE C 220 -22.25 -23.45 3.46
C ILE C 220 -22.50 -23.53 4.98
N ALA C 221 -23.77 -23.59 5.37
CA ALA C 221 -24.18 -23.64 6.77
C ALA C 221 -23.80 -24.93 7.52
N THR C 222 -23.38 -25.97 6.81
CA THR C 222 -22.89 -27.17 7.48
C THR C 222 -21.45 -26.97 7.98
N MET C 223 -20.78 -25.89 7.59
CA MET C 223 -19.40 -25.68 8.01
C MET C 223 -19.33 -25.04 9.39
N PRO C 224 -18.20 -25.22 10.08
CA PRO C 224 -18.02 -24.57 11.41
C PRO C 224 -18.04 -23.04 11.30
N PRO C 225 -18.88 -22.35 12.10
CA PRO C 225 -19.00 -20.92 11.95
C PRO C 225 -17.69 -20.14 12.09
N PHE C 226 -16.78 -20.60 12.93
CA PHE C 226 -15.55 -19.84 13.11
C PHE C 226 -14.59 -20.05 11.91
N ALA C 227 -14.68 -21.18 11.24
CA ALA C 227 -13.89 -21.42 10.03
C ALA C 227 -14.37 -20.51 8.91
N LEU C 228 -15.68 -20.39 8.74
CA LEU C 228 -16.28 -19.44 7.80
C LEU C 228 -15.91 -17.98 8.10
N ARG C 229 -15.98 -17.60 9.37
CA ARG C 229 -15.61 -16.26 9.82
C ARG C 229 -14.18 -15.93 9.43
N GLN C 230 -13.25 -16.83 9.73
CA GLN C 230 -11.86 -16.58 9.43
C GLN C 230 -11.49 -16.70 7.92
N ALA C 231 -12.15 -17.58 7.18
CA ALA C 231 -12.03 -17.60 5.70
C ALA C 231 -12.48 -16.26 5.07
N LYS C 232 -13.66 -15.80 5.46
CA LYS C 232 -14.14 -14.50 5.04
C LYS C 232 -13.13 -13.40 5.38
N ARG C 233 -12.65 -13.43 6.61
CA ARG C 233 -11.66 -12.46 7.04
C ARG C 233 -10.35 -12.51 6.25
N ALA C 234 -9.86 -13.71 5.97
CA ALA C 234 -8.64 -13.86 5.17
C ALA C 234 -8.74 -13.15 3.82
N VAL C 235 -9.86 -13.35 3.13
CA VAL C 235 -10.04 -12.76 1.84
C VAL C 235 -10.26 -11.24 1.94
N ASN C 236 -11.15 -10.82 2.85
CA ASN C 236 -11.42 -9.38 2.99
C ASN C 236 -10.21 -8.61 3.48
N GLN C 237 -9.41 -9.23 4.34
CA GLN C 237 -8.20 -8.56 4.84
C GLN C 237 -7.11 -8.49 3.75
N THR C 238 -7.03 -9.50 2.91
CA THR C 238 -6.16 -9.41 1.75
C THR C 238 -6.56 -8.20 0.91
N LEU C 239 -7.86 -8.07 0.62
CA LEU C 239 -8.39 -6.89 -0.09
C LEU C 239 -8.04 -5.59 0.56
N ASP C 240 -8.18 -5.54 1.89
CA ASP C 240 -7.82 -4.31 2.58
C ASP C 240 -6.31 -3.99 2.55
N VAL C 241 -5.46 -5.02 2.62
CA VAL C 241 -4.04 -4.83 2.47
C VAL C 241 -3.71 -4.37 1.04
N GLN C 242 -4.44 -4.92 0.05
CA GLN C 242 -4.32 -4.42 -1.33
C GLN C 242 -4.78 -2.97 -1.52
N GLY C 243 -5.53 -2.42 -0.57
CA GLY C 243 -5.93 -1.03 -0.62
C GLY C 243 -7.44 -0.81 -0.69
N PHE C 244 -8.26 -1.85 -0.51
CA PHE C 244 -9.68 -1.71 -0.65
C PHE C 244 -10.37 -0.60 0.22
N TYR C 245 -10.23 -0.65 1.55
CA TYR C 245 -10.81 0.38 2.39
C TYR C 245 -10.39 1.79 1.94
N ALA C 246 -9.07 1.98 1.79
CA ALA C 246 -8.50 3.28 1.39
C ALA C 246 -9.00 3.74 0.03
N ALA C 247 -9.13 2.81 -0.92
CA ALA C 247 -9.61 3.19 -2.25
C ALA C 247 -11.11 3.57 -2.23
N ILE C 248 -11.91 2.85 -1.44
CA ILE C 248 -13.33 3.14 -1.34
C ILE C 248 -13.46 4.55 -0.76
N GLN C 249 -12.66 4.88 0.25
CA GLN C 249 -12.74 6.21 0.87
C GLN C 249 -12.32 7.27 -0.13
N SER C 250 -11.28 6.99 -0.88
CA SER C 250 -10.75 7.92 -1.86
C SER C 250 -11.77 8.22 -2.92
N VAL C 251 -12.39 7.19 -3.47
CA VAL C 251 -13.39 7.44 -4.50
C VAL C 251 -14.66 8.09 -3.98
N PHE C 252 -15.05 7.84 -2.74
CA PHE C 252 -16.16 8.61 -2.17
C PHE C 252 -15.97 10.12 -2.32
N ASP C 253 -14.77 10.63 -2.08
CA ASP C 253 -14.51 12.04 -2.27
C ASP C 253 -14.61 12.51 -3.73
N ILE C 254 -14.12 11.67 -4.65
CA ILE C 254 -14.25 11.93 -6.09
C ILE C 254 -15.72 12.02 -6.48
N HIS C 255 -16.49 11.08 -5.98
CA HIS C 255 -17.94 11.09 -6.18
C HIS C 255 -18.56 12.42 -5.74
N GLN C 256 -18.20 12.86 -4.54
CA GLN C 256 -18.74 14.10 -3.98
C GLN C 256 -18.35 15.33 -4.78
N THR C 257 -17.18 15.31 -5.45
CA THR C 257 -16.82 16.42 -6.35
C THR C 257 -17.84 16.51 -7.47
N GLY C 258 -18.46 15.37 -7.82
CA GLY C 258 -19.52 15.38 -8.82
C GLY C 258 -20.73 16.17 -8.36
N HIS C 259 -21.13 15.94 -7.11
CA HIS C 259 -22.24 16.67 -6.54
C HIS C 259 -21.87 18.15 -6.40
N GLY C 260 -20.63 18.39 -5.96
CA GLY C 260 -20.09 19.73 -5.85
C GLY C 260 -20.20 20.50 -7.16
N ASN C 261 -19.81 19.85 -8.25
CA ASN C 261 -19.91 20.49 -9.56
C ASN C 261 -21.36 20.74 -9.92
N ALA C 262 -22.19 19.72 -9.77
CA ALA C 262 -23.62 19.88 -10.12
C ALA C 262 -24.20 21.06 -9.37
N LEU C 263 -23.94 21.12 -8.06
CA LEU C 263 -24.50 22.20 -7.24
C LEU C 263 -24.03 23.57 -7.74
N SER C 264 -22.76 23.68 -8.11
CA SER C 264 -22.17 24.95 -8.59
C SER C 264 -22.71 25.39 -9.95
N VAL C 265 -23.23 24.44 -10.73
CA VAL C 265 -23.71 24.74 -12.07
C VAL C 265 -25.24 24.98 -12.09
N SER C 266 -25.99 24.29 -11.24
CA SER C 266 -27.48 24.32 -11.29
C SER C 266 -28.16 24.53 -9.94
N GLY C 267 -27.43 24.41 -8.84
CA GLY C 267 -28.05 24.40 -7.51
C GLY C 267 -28.78 23.10 -7.14
N TRP C 268 -28.66 22.09 -7.99
CA TRP C 268 -29.19 20.76 -7.72
C TRP C 268 -27.95 19.80 -7.61
N PRO C 269 -28.06 18.69 -6.86
CA PRO C 269 -26.90 17.75 -6.70
C PRO C 269 -26.53 16.86 -7.90
N VAL C 270 -27.36 16.89 -8.93
CA VAL C 270 -27.12 16.15 -10.17
C VAL C 270 -27.48 17.06 -11.33
N LEU C 271 -27.05 16.73 -12.55
CA LEU C 271 -27.35 17.55 -13.74
C LEU C 271 -28.77 17.30 -14.28
N MET D 22 12.61 37.03 -15.49
CA MET D 22 11.23 37.37 -15.89
C MET D 22 10.64 38.31 -14.80
N VAL D 23 9.31 38.48 -14.76
CA VAL D 23 8.72 39.54 -13.92
C VAL D 23 8.79 39.28 -12.41
N TYR D 24 8.56 38.04 -11.99
CA TYR D 24 8.41 37.68 -10.57
C TYR D 24 9.52 36.79 -9.99
N ILE D 25 10.28 36.15 -10.87
CA ILE D 25 11.28 35.14 -10.49
C ILE D 25 12.64 35.51 -11.09
N ASP D 26 13.68 35.55 -10.25
CA ASP D 26 15.05 35.69 -10.75
C ASP D 26 15.67 34.30 -10.85
N TYR D 27 16.41 34.06 -11.92
CA TYR D 27 17.08 32.79 -12.15
C TYR D 27 18.56 33.08 -12.45
N GLY D 28 19.47 32.38 -11.79
CA GLY D 28 20.91 32.48 -12.12
C GLY D 28 21.64 31.17 -11.88
N VAL D 29 22.68 30.90 -12.67
CA VAL D 29 23.52 29.71 -12.50
C VAL D 29 24.96 30.12 -12.26
N ALA D 30 25.61 29.46 -11.30
CA ALA D 30 27.03 29.74 -11.01
C ALA D 30 27.62 28.60 -10.18
N ASP D 31 28.74 28.05 -10.64
CA ASP D 31 29.45 26.96 -9.96
C ASP D 31 28.52 25.79 -9.74
N SER D 32 27.78 25.42 -10.79
CA SER D 32 26.94 24.23 -10.85
C SER D 32 25.68 24.31 -9.96
N ILE D 33 25.36 25.50 -9.49
CA ILE D 33 24.19 25.71 -8.65
C ILE D 33 23.24 26.67 -9.37
N ALA D 34 22.00 26.24 -9.57
CA ALA D 34 20.95 27.14 -10.06
C ALA D 34 20.18 27.74 -8.88
N THR D 35 20.18 29.07 -8.76
CA THR D 35 19.45 29.76 -7.71
C THR D 35 18.17 30.35 -8.30
N ILE D 36 17.04 29.88 -7.79
CA ILE D 36 15.71 30.38 -8.14
C ILE D 36 15.22 31.28 -6.98
N THR D 37 14.99 32.56 -7.25
CA THR D 37 14.61 33.52 -6.21
C THR D 37 13.19 34.08 -6.43
N LEU D 38 12.35 33.93 -5.40
CA LEU D 38 11.04 34.56 -5.41
C LEU D 38 11.30 36.05 -5.22
N ASN D 39 10.89 36.84 -6.20
CA ASN D 39 11.19 38.27 -6.21
C ASN D 39 9.94 39.13 -6.32
N ARG D 40 9.00 38.89 -5.42
CA ARG D 40 7.81 39.72 -5.32
C ARG D 40 7.63 40.20 -3.87
N PRO D 41 8.70 40.78 -3.30
CA PRO D 41 8.66 41.13 -1.87
C PRO D 41 7.54 42.09 -1.50
N GLU D 42 7.13 42.94 -2.45
CA GLU D 42 6.03 43.93 -2.27
C GLU D 42 4.63 43.33 -2.02
N ALA D 43 4.43 42.05 -2.34
CA ALA D 43 3.19 41.33 -1.98
C ALA D 43 3.55 40.14 -1.09
N ALA D 44 4.69 40.22 -0.40
CA ALA D 44 5.14 39.13 0.47
C ALA D 44 5.19 37.81 -0.31
N ASN D 45 5.63 37.89 -1.57
CA ASN D 45 5.76 36.74 -2.45
C ASN D 45 4.49 35.91 -2.57
N ALA D 46 3.36 36.59 -2.49
CA ALA D 46 2.07 35.99 -2.77
C ALA D 46 2.04 35.51 -4.22
N GLN D 47 1.39 34.38 -4.44
CA GLN D 47 1.53 33.65 -5.71
C GLN D 47 0.32 33.83 -6.62
N ASN D 48 0.48 34.60 -7.69
CA ASN D 48 -0.52 34.65 -8.76
C ASN D 48 -0.14 33.64 -9.86
N PRO D 49 -1.03 33.42 -10.84
CA PRO D 49 -0.68 32.44 -11.89
C PRO D 49 0.61 32.78 -12.66
N GLU D 50 0.82 34.05 -12.99
CA GLU D 50 2.02 34.48 -13.69
C GLU D 50 3.30 34.09 -12.92
N LEU D 51 3.31 34.33 -11.61
CA LEU D 51 4.49 33.99 -10.80
C LEU D 51 4.70 32.48 -10.85
N LEU D 52 3.63 31.71 -10.70
CA LEU D 52 3.75 30.25 -10.67
C LEU D 52 4.28 29.69 -12.00
N ASP D 53 3.82 30.28 -13.11
CA ASP D 53 4.26 29.84 -14.42
C ASP D 53 5.72 30.14 -14.62
N GLU D 54 6.16 31.32 -14.18
CA GLU D 54 7.59 31.65 -14.23
C GLU D 54 8.45 30.74 -13.34
N LEU D 55 7.95 30.45 -12.13
CA LEU D 55 8.62 29.49 -11.24
C LEU D 55 8.78 28.13 -11.87
N ASP D 56 7.72 27.65 -12.51
CA ASP D 56 7.76 26.33 -13.14
C ASP D 56 8.77 26.29 -14.26
N ALA D 57 8.78 27.36 -15.07
CA ALA D 57 9.78 27.52 -16.15
C ALA D 57 11.20 27.53 -15.59
N ALA D 58 11.39 28.16 -14.43
CA ALA D 58 12.70 28.19 -13.76
C ALA D 58 13.11 26.80 -13.31
N TRP D 59 12.19 26.06 -12.70
CA TRP D 59 12.52 24.68 -12.29
C TRP D 59 12.95 23.81 -13.47
N THR D 60 12.18 23.90 -14.55
CA THR D 60 12.45 23.18 -15.79
C THR D 60 13.80 23.56 -16.40
N ARG D 61 14.08 24.85 -16.46
CA ARG D 61 15.37 25.30 -16.99
C ARG D 61 16.52 24.71 -16.17
N ALA D 62 16.40 24.71 -14.84
CA ALA D 62 17.43 24.12 -13.99
C ALA D 62 17.53 22.60 -14.21
N ALA D 63 16.37 21.94 -14.32
CA ALA D 63 16.29 20.50 -14.58
C ALA D 63 16.99 20.11 -15.86
N GLU D 64 16.78 20.88 -16.92
CA GLU D 64 17.29 20.56 -18.25
C GLU D 64 18.74 20.99 -18.50
N ASP D 65 19.31 21.82 -17.63
CA ASP D 65 20.68 22.30 -17.81
C ASP D 65 21.68 21.35 -17.17
N ASN D 66 22.54 20.75 -18.00
CA ASN D 66 23.43 19.69 -17.49
C ASN D 66 24.58 20.26 -16.66
N GLU D 67 24.80 21.56 -16.74
CA GLU D 67 25.76 22.23 -15.86
C GLU D 67 25.21 22.40 -14.42
N VAL D 68 23.88 22.30 -14.25
CA VAL D 68 23.29 22.44 -12.93
C VAL D 68 23.27 21.09 -12.24
N LYS D 69 23.95 21.02 -11.09
CA LYS D 69 23.94 19.85 -10.22
C LYS D 69 23.01 20.01 -8.98
N VAL D 70 22.81 21.23 -8.50
CA VAL D 70 22.01 21.51 -7.31
C VAL D 70 21.18 22.78 -7.52
N ILE D 71 19.98 22.76 -6.93
CA ILE D 71 19.01 23.85 -6.99
C ILE D 71 18.75 24.43 -5.61
N ILE D 72 18.83 25.77 -5.51
CA ILE D 72 18.45 26.53 -4.32
C ILE D 72 17.18 27.32 -4.65
N LEU D 73 16.15 27.17 -3.81
CA LEU D 73 14.93 27.99 -3.91
C LEU D 73 14.93 28.91 -2.71
N ARG D 74 14.86 30.20 -2.96
CA ARG D 74 14.97 31.19 -1.90
C ARG D 74 14.06 32.36 -2.23
N ALA D 75 14.00 33.35 -1.34
CA ALA D 75 13.02 34.45 -1.44
C ALA D 75 13.61 35.77 -0.97
N ASN D 76 13.32 36.85 -1.68
CA ASN D 76 13.69 38.20 -1.25
C ASN D 76 12.67 38.80 -0.26
N GLY D 77 13.12 39.77 0.53
CA GLY D 77 12.24 40.44 1.49
C GLY D 77 12.17 39.64 2.78
N LYS D 78 11.18 39.97 3.59
CA LYS D 78 11.16 39.51 4.97
C LYS D 78 10.45 38.17 5.09
N HIS D 79 9.61 37.84 4.10
CA HIS D 79 8.79 36.64 4.12
C HIS D 79 8.95 35.73 2.88
N PHE D 80 9.12 34.45 3.15
CA PHE D 80 9.28 33.49 2.09
C PHE D 80 8.07 33.56 1.15
N SER D 81 6.85 33.42 1.69
CA SER D 81 5.64 33.51 0.88
C SER D 81 4.36 33.56 1.72
N ALA D 82 3.53 34.56 1.44
CA ALA D 82 2.19 34.64 2.03
C ALA D 82 1.19 33.66 1.43
N GLY D 83 1.59 32.87 0.43
CA GLY D 83 0.67 31.88 -0.15
C GLY D 83 0.04 32.37 -1.44
N HIS D 84 -1.08 31.76 -1.84
CA HIS D 84 -1.71 32.08 -3.12
C HIS D 84 -2.41 33.43 -3.08
N ASP D 85 -2.25 34.18 -4.18
CA ASP D 85 -2.83 35.52 -4.32
C ASP D 85 -4.29 35.40 -4.77
N LEU D 86 -5.25 35.55 -3.87
CA LEU D 86 -6.67 35.27 -4.22
C LEU D 86 -7.27 36.22 -5.27
N PRO D 93 -15.42 35.27 -14.47
CA PRO D 93 -16.50 34.53 -15.11
C PRO D 93 -17.71 34.41 -14.17
N GLU D 94 -18.91 34.60 -14.72
CA GLU D 94 -20.12 34.80 -13.91
C GLU D 94 -20.35 33.70 -12.84
N LYS D 95 -20.81 32.52 -13.27
CA LYS D 95 -20.93 31.38 -12.36
C LYS D 95 -19.62 30.58 -12.45
N ILE D 96 -18.97 30.36 -11.30
CA ILE D 96 -17.72 29.63 -11.25
C ILE D 96 -18.11 28.19 -10.95
N SER D 97 -17.74 27.28 -11.83
CA SER D 97 -18.00 25.84 -11.60
C SER D 97 -16.87 25.21 -10.78
N LEU D 98 -17.18 24.12 -10.09
CA LEU D 98 -16.12 23.30 -9.47
C LEU D 98 -15.13 22.77 -10.52
N GLU D 99 -15.65 22.33 -11.67
CA GLU D 99 -14.81 21.86 -12.76
C GLU D 99 -13.74 22.90 -13.16
N PHE D 100 -14.16 24.17 -13.30
CA PHE D 100 -13.23 25.27 -13.62
C PHE D 100 -12.13 25.37 -12.57
N ILE D 101 -12.52 25.32 -11.30
CA ILE D 101 -11.54 25.42 -10.23
C ILE D 101 -10.57 24.23 -10.28
N ILE D 102 -11.12 23.04 -10.43
CA ILE D 102 -10.31 21.83 -10.51
C ILE D 102 -9.27 21.91 -11.64
N GLN D 103 -9.69 22.33 -12.84
CA GLN D 103 -8.78 22.42 -14.00
C GLN D 103 -7.56 23.30 -13.69
N HIS D 104 -7.81 24.48 -13.14
CA HIS D 104 -6.73 25.42 -12.79
C HIS D 104 -5.89 24.92 -11.66
N GLU D 105 -6.53 24.41 -10.60
CA GLU D 105 -5.78 23.98 -9.42
C GLU D 105 -4.96 22.69 -9.68
N ALA D 106 -5.51 21.76 -10.45
CA ALA D 106 -4.82 20.53 -10.81
C ALA D 106 -3.49 20.86 -11.54
N ARG D 107 -3.53 21.85 -12.41
CA ARG D 107 -2.32 22.24 -13.13
C ARG D 107 -1.31 22.94 -12.19
N ARG D 108 -1.71 24.04 -11.57
CA ARG D 108 -0.71 24.93 -10.99
C ARG D 108 -0.34 24.58 -9.57
N TYR D 109 -1.25 23.93 -8.84
CA TYR D 109 -1.01 23.61 -7.42
C TYR D 109 -0.69 22.13 -7.19
N LEU D 110 -1.09 21.26 -8.11
CA LEU D 110 -0.87 19.84 -7.97
C LEU D 110 0.22 19.39 -8.92
N ASP D 111 0.00 19.49 -10.24
CA ASP D 111 0.98 18.98 -11.22
C ASP D 111 2.35 19.70 -11.16
N TYR D 112 2.34 21.02 -11.03
CA TYR D 112 3.59 21.79 -10.92
C TYR D 112 4.33 21.29 -9.70
N THR D 113 3.64 21.18 -8.57
CA THR D 113 4.32 20.87 -7.33
C THR D 113 4.96 19.47 -7.38
N LEU D 114 4.25 18.50 -7.93
CA LEU D 114 4.80 17.15 -8.07
C LEU D 114 5.97 17.11 -9.04
N ARG D 115 5.90 17.89 -10.09
CA ARG D 115 6.96 17.96 -11.03
C ARG D 115 8.24 18.50 -10.37
N TRP D 116 8.13 19.53 -9.56
CA TRP D 116 9.30 20.08 -8.86
C TRP D 116 9.92 19.02 -7.93
N ARG D 117 9.02 18.35 -7.23
CA ARG D 117 9.35 17.25 -6.31
C ARG D 117 10.22 16.20 -6.99
N ASN D 118 9.91 15.89 -8.25
CA ASN D 118 10.57 14.80 -8.97
C ASN D 118 11.78 15.23 -9.82
N VAL D 119 12.13 16.51 -9.86
CA VAL D 119 13.31 16.95 -10.63
C VAL D 119 14.53 16.15 -10.15
N PRO D 120 15.26 15.52 -11.07
CA PRO D 120 16.27 14.55 -10.67
C PRO D 120 17.65 15.14 -10.29
N LYS D 121 17.64 16.16 -9.43
CA LYS D 121 18.84 16.84 -8.90
C LYS D 121 18.46 17.30 -7.50
N PRO D 122 19.42 17.36 -6.58
CA PRO D 122 19.07 17.83 -5.24
C PRO D 122 18.58 19.27 -5.26
N SER D 123 17.59 19.57 -4.43
CA SER D 123 17.12 20.93 -4.26
C SER D 123 17.02 21.32 -2.79
N ILE D 124 17.29 22.60 -2.50
CA ILE D 124 17.28 23.10 -1.12
C ILE D 124 16.45 24.35 -1.04
N ALA D 125 15.43 24.35 -0.19
CA ALA D 125 14.64 25.55 0.07
C ALA D 125 15.22 26.32 1.26
N ALA D 126 15.35 27.64 1.08
CA ALA D 126 15.76 28.53 2.15
C ALA D 126 14.55 29.35 2.60
N VAL D 127 14.08 29.13 3.82
CA VAL D 127 12.82 29.77 4.24
C VAL D 127 13.01 30.74 5.38
N GLN D 128 12.67 32.00 5.14
CA GLN D 128 12.70 33.02 6.19
C GLN D 128 11.32 33.55 6.40
N GLY D 129 11.06 34.00 7.63
CA GLY D 129 9.82 34.68 7.94
C GLY D 129 8.62 33.77 7.72
N ARG D 130 7.52 34.39 7.30
CA ARG D 130 6.26 33.70 7.15
C ARG D 130 6.22 32.85 5.87
N CYS D 131 5.90 31.57 6.03
CA CYS D 131 5.57 30.68 4.93
C CYS D 131 4.15 30.17 5.20
N ILE D 132 3.17 30.72 4.48
CA ILE D 132 1.74 30.52 4.79
C ILE D 132 0.99 29.78 3.66
N SER D 133 0.30 28.71 4.05
CA SER D 133 -0.57 27.92 3.16
C SER D 133 0.11 27.55 1.85
N GLY D 134 -0.23 28.24 0.77
CA GLY D 134 0.37 27.94 -0.54
C GLY D 134 1.89 28.10 -0.57
N GLY D 135 2.44 28.89 0.36
CA GLY D 135 3.90 28.96 0.54
C GLY D 135 4.54 27.59 0.76
N LEU D 136 3.82 26.71 1.45
CA LEU D 136 4.29 25.35 1.70
C LEU D 136 4.46 24.51 0.42
N LEU D 137 3.66 24.81 -0.61
CA LEU D 137 3.79 24.15 -1.91
C LEU D 137 5.08 24.49 -2.61
N LEU D 138 5.72 25.60 -2.22
CA LEU D 138 7.00 25.95 -2.84
C LEU D 138 8.17 25.25 -2.18
N CYS D 139 8.16 25.10 -0.85
CA CYS D 139 9.32 24.52 -0.17
C CYS D 139 9.20 23.01 0.04
N TRP D 140 8.01 22.49 0.23
CA TRP D 140 7.86 21.03 0.45
C TRP D 140 8.39 20.13 -0.69
N PRO D 141 8.19 20.53 -1.94
CA PRO D 141 8.78 19.76 -3.02
C PRO D 141 10.34 19.76 -3.08
N CYS D 142 11.01 20.67 -2.38
CA CYS D 142 12.47 20.62 -2.32
C CYS D 142 12.92 19.46 -1.42
N ASP D 143 14.13 18.95 -1.65
CA ASP D 143 14.62 17.81 -0.89
C ASP D 143 14.96 18.15 0.53
N LEU D 144 15.62 19.30 0.70
CA LEU D 144 16.06 19.76 1.99
C LEU D 144 15.49 21.17 2.27
N ILE D 145 15.22 21.47 3.54
CA ILE D 145 14.75 22.80 3.90
C ILE D 145 15.60 23.34 5.04
N LEU D 146 16.13 24.54 4.86
CA LEU D 146 16.82 25.26 5.89
C LEU D 146 15.95 26.46 6.21
N ALA D 147 15.72 26.70 7.50
CA ALA D 147 14.85 27.79 7.93
C ALA D 147 15.60 28.72 8.87
N SER D 148 15.37 30.03 8.75
CA SER D 148 15.95 30.98 9.73
C SER D 148 15.25 30.77 11.06
N ASP D 149 15.82 31.24 12.15
CA ASP D 149 15.14 31.05 13.44
C ASP D 149 13.84 31.84 13.59
N ASP D 150 13.61 32.84 12.73
CA ASP D 150 12.33 33.59 12.71
C ASP D 150 11.26 32.98 11.78
N ALA D 151 11.54 31.87 11.12
CA ALA D 151 10.59 31.33 10.13
C ALA D 151 9.33 30.84 10.84
N LEU D 152 8.17 31.08 10.23
CA LEU D 152 6.88 30.65 10.78
C LEU D 152 6.05 29.95 9.70
N PHE D 153 5.70 28.68 9.93
CA PHE D 153 4.98 27.90 8.93
C PHE D 153 3.53 27.70 9.37
N SER D 154 2.59 27.99 8.49
CA SER D 154 1.19 27.82 8.84
C SER D 154 0.34 27.45 7.64
N ASP D 155 -0.85 26.94 7.92
CA ASP D 155 -1.86 26.73 6.91
C ASP D 155 -3.24 26.98 7.51
N PRO D 156 -3.63 28.26 7.61
CA PRO D 156 -4.90 28.61 8.24
C PRO D 156 -6.08 28.60 7.26
N VAL D 157 -6.01 27.81 6.21
CA VAL D 157 -7.02 27.88 5.14
C VAL D 157 -8.40 27.28 5.59
N ALA D 158 -8.42 26.60 6.75
CA ALA D 158 -9.69 26.20 7.35
C ALA D 158 -10.57 27.43 7.54
N LEU D 159 -9.98 28.58 7.82
CA LEU D 159 -10.72 29.84 7.94
C LEU D 159 -11.63 30.07 6.73
N MET D 160 -11.17 29.67 5.55
CA MET D 160 -11.91 29.85 4.30
C MET D 160 -12.83 28.68 3.92
N GLY D 161 -12.97 27.70 4.80
CA GLY D 161 -13.84 26.55 4.58
C GLY D 161 -13.18 25.31 3.96
N ILE D 162 -11.85 25.31 3.85
CA ILE D 162 -11.10 24.26 3.12
C ILE D 162 -10.22 23.46 4.05
N GLY D 163 -10.12 22.15 3.81
CA GLY D 163 -9.35 21.22 4.66
C GLY D 163 -7.84 21.11 4.41
N GLY D 164 -7.16 22.24 4.49
CA GLY D 164 -5.74 22.32 4.16
C GLY D 164 -5.52 22.60 2.67
N VAL D 165 -4.32 23.04 2.32
CA VAL D 165 -3.96 23.32 0.91
C VAL D 165 -3.97 22.07 0.01
N GLU D 166 -3.78 22.31 -1.29
CA GLU D 166 -4.09 21.34 -2.35
C GLU D 166 -3.18 20.10 -2.36
N TYR D 167 -1.95 20.29 -1.93
CA TYR D 167 -0.92 19.29 -1.86
C TYR D 167 -0.64 19.01 -0.39
N HIS D 168 -1.12 17.85 0.05
CA HIS D 168 -1.18 17.54 1.46
C HIS D 168 0.12 16.91 1.92
N GLY D 169 1.15 17.73 2.06
CA GLY D 169 2.40 17.29 2.69
C GLY D 169 2.32 17.21 4.19
N HIS D 170 1.27 17.79 4.77
CA HIS D 170 1.25 18.10 6.20
C HIS D 170 1.49 16.85 7.02
N THR D 171 0.73 15.81 6.75
CA THR D 171 0.81 14.57 7.51
C THR D 171 2.17 13.90 7.39
N TRP D 172 2.76 14.00 6.20
CA TRP D 172 4.07 13.39 5.93
C TRP D 172 5.17 14.16 6.65
N GLU D 173 5.06 15.49 6.61
CA GLU D 173 6.12 16.38 7.09
C GLU D 173 6.08 16.55 8.59
N LEU D 174 4.87 16.55 9.16
CA LEU D 174 4.65 16.93 10.55
C LEU D 174 4.22 15.78 11.45
N GLY D 175 3.78 14.69 10.83
CA GLY D 175 3.02 13.68 11.57
C GLY D 175 1.54 14.09 11.65
N PRO D 176 0.64 13.12 11.86
CA PRO D 176 -0.79 13.40 11.84
C PRO D 176 -1.28 14.28 12.96
N ARG D 177 -0.79 14.12 14.19
CA ARG D 177 -1.31 14.94 15.27
C ARG D 177 -0.93 16.42 15.14
N LYS D 178 0.30 16.70 14.75
CA LYS D 178 0.72 18.08 14.53
C LYS D 178 0.04 18.69 13.31
N ALA D 179 -0.17 17.89 12.26
CA ALA D 179 -0.88 18.33 11.06
C ALA D 179 -2.32 18.74 11.38
N LYS D 180 -3.04 17.88 12.11
CA LYS D 180 -4.39 18.23 12.56
C LYS D 180 -4.37 19.51 13.42
N GLU D 181 -3.40 19.58 14.33
CA GLU D 181 -3.31 20.73 15.22
C GLU D 181 -3.21 22.03 14.43
N ILE D 182 -2.31 22.10 13.45
CA ILE D 182 -2.14 23.38 12.76
C ILE D 182 -3.30 23.67 11.81
N LEU D 183 -3.90 22.61 11.26
CA LEU D 183 -5.10 22.81 10.40
C LEU D 183 -6.34 23.21 11.19
N PHE D 184 -6.50 22.60 12.38
CA PHE D 184 -7.64 22.88 13.24
C PHE D 184 -7.57 24.28 13.84
N THR D 185 -6.36 24.74 14.19
CA THR D 185 -6.21 26.01 14.91
C THR D 185 -5.83 27.19 14.04
N GLY D 186 -5.22 26.94 12.89
CA GLY D 186 -4.61 27.99 12.07
C GLY D 186 -3.33 28.60 12.64
N ARG D 187 -2.72 27.96 13.65
CA ARG D 187 -1.55 28.54 14.31
C ARG D 187 -0.29 28.28 13.51
N ALA D 188 0.73 29.08 13.79
CA ALA D 188 2.01 28.93 13.12
C ALA D 188 2.96 28.05 13.93
N LEU D 189 3.79 27.28 13.23
CA LEU D 189 4.90 26.57 13.85
C LEU D 189 6.16 27.38 13.67
N THR D 190 6.97 27.46 14.71
CA THR D 190 8.31 28.04 14.58
C THR D 190 9.27 27.09 13.88
N ALA D 191 10.42 27.64 13.50
CA ALA D 191 11.49 26.90 12.86
C ALA D 191 11.86 25.68 13.70
N GLU D 192 12.05 25.90 15.00
CA GLU D 192 12.46 24.83 15.92
C GLU D 192 11.37 23.71 16.04
N GLU D 193 10.10 24.08 16.04
CA GLU D 193 9.05 23.07 16.08
C GLU D 193 9.04 22.24 14.81
N ALA D 194 9.22 22.91 13.68
CA ALA D 194 9.28 22.22 12.40
C ALA D 194 10.49 21.30 12.32
N GLU D 195 11.64 21.74 12.80
CA GLU D 195 12.83 20.89 12.86
C GLU D 195 12.56 19.62 13.69
N ARG D 196 11.82 19.73 14.79
CA ARG D 196 11.58 18.55 15.64
C ARG D 196 10.68 17.48 14.99
N THR D 197 9.85 17.85 14.02
CA THR D 197 9.08 16.87 13.26
C THR D 197 9.85 16.31 12.04
N GLY D 198 10.97 16.93 11.71
CA GLY D 198 11.75 16.53 10.55
C GLY D 198 11.41 17.28 9.27
N MET D 199 10.46 18.21 9.32
CA MET D 199 10.13 19.03 8.14
C MET D 199 11.27 19.98 7.74
N VAL D 200 12.00 20.48 8.73
CA VAL D 200 13.09 21.39 8.50
C VAL D 200 14.37 20.64 8.84
N ASN D 201 15.35 20.69 7.94
CA ASN D 201 16.61 20.00 8.14
C ASN D 201 17.52 20.68 9.13
N ARG D 202 17.45 22.01 9.16
CA ARG D 202 18.38 22.80 9.96
C ARG D 202 17.84 24.21 10.17
N VAL D 203 17.87 24.66 11.42
CA VAL D 203 17.53 26.03 11.77
C VAL D 203 18.83 26.85 11.86
N VAL D 204 18.81 28.05 11.30
CA VAL D 204 20.00 28.88 11.23
C VAL D 204 19.66 30.34 11.54
N ALA D 205 20.65 31.11 11.97
CA ALA D 205 20.44 32.54 12.21
C ALA D 205 19.97 33.21 10.92
N ARG D 206 19.01 34.12 11.01
CA ARG D 206 18.51 34.82 9.82
C ARG D 206 19.63 35.37 8.94
N ASP D 207 20.58 36.10 9.54
CA ASP D 207 21.68 36.71 8.78
CA ASP D 207 21.68 36.71 8.78
C ASP D 207 22.55 35.68 8.05
N GLU D 208 22.46 34.42 8.46
CA GLU D 208 23.31 33.36 7.90
C GLU D 208 22.58 32.40 6.98
N LEU D 209 21.27 32.57 6.82
CA LEU D 209 20.48 31.63 6.04
C LEU D 209 21.08 31.41 4.64
N ASP D 210 21.28 32.49 3.88
CA ASP D 210 21.79 32.35 2.50
C ASP D 210 23.16 31.70 2.41
N ALA D 211 24.09 32.15 3.25
CA ALA D 211 25.48 31.66 3.19
C ALA D 211 25.49 30.16 3.45
N GLN D 212 24.81 29.73 4.50
CA GLN D 212 24.83 28.33 4.88
C GLN D 212 24.10 27.46 3.87
N THR D 213 23.12 28.04 3.18
CA THR D 213 22.41 27.29 2.14
C THR D 213 23.33 27.04 0.98
N ARG D 214 24.02 28.10 0.60
CA ARG D 214 24.94 28.13 -0.52
C ARG D 214 26.09 27.14 -0.29
N GLU D 215 26.63 27.12 0.93
CA GLU D 215 27.71 26.18 1.29
C GLU D 215 27.22 24.73 1.25
N LEU D 216 26.01 24.51 1.76
CA LEU D 216 25.43 23.18 1.67
C LEU D 216 25.32 22.78 0.20
N ALA D 217 24.79 23.66 -0.64
CA ALA D 217 24.65 23.36 -2.07
C ALA D 217 26.01 23.00 -2.65
N GLU D 218 27.01 23.80 -2.31
CA GLU D 218 28.32 23.61 -2.90
C GLU D 218 28.90 22.26 -2.52
N GLN D 219 28.72 21.87 -1.26
CA GLN D 219 29.24 20.57 -0.81
C GLN D 219 28.53 19.40 -1.52
N ILE D 220 27.23 19.53 -1.71
CA ILE D 220 26.45 18.50 -2.37
C ILE D 220 26.84 18.43 -3.84
N ALA D 221 27.14 19.59 -4.44
CA ALA D 221 27.51 19.66 -5.85
C ALA D 221 28.85 19.03 -6.19
N THR D 222 29.61 18.58 -5.20
CA THR D 222 30.85 17.87 -5.43
C THR D 222 30.61 16.37 -5.60
N MET D 223 29.41 15.89 -5.33
CA MET D 223 29.11 14.47 -5.50
C MET D 223 28.81 14.16 -6.98
N PRO D 224 29.00 12.89 -7.38
CA PRO D 224 28.65 12.47 -8.74
C PRO D 224 27.14 12.64 -9.00
N PRO D 225 26.76 13.30 -10.09
CA PRO D 225 25.35 13.59 -10.32
C PRO D 225 24.43 12.37 -10.29
N PHE D 226 24.86 11.25 -10.85
CA PHE D 226 24.05 10.02 -10.86
C PHE D 226 23.89 9.40 -9.48
N ALA D 227 24.91 9.48 -8.62
CA ALA D 227 24.74 9.08 -7.22
C ALA D 227 23.63 9.92 -6.55
N LEU D 228 23.68 11.25 -6.74
CA LEU D 228 22.66 12.14 -6.16
C LEU D 228 21.26 11.82 -6.69
N ARG D 229 21.14 11.57 -7.99
CA ARG D 229 19.84 11.24 -8.61
C ARG D 229 19.23 9.99 -7.97
N GLN D 230 20.03 8.95 -7.77
CA GLN D 230 19.52 7.69 -7.32
C GLN D 230 19.31 7.73 -5.77
N ALA D 231 20.11 8.51 -5.05
CA ALA D 231 19.83 8.76 -3.62
C ALA D 231 18.46 9.41 -3.50
N LYS D 232 18.22 10.44 -4.29
CA LYS D 232 16.96 11.11 -4.28
C LYS D 232 15.84 10.15 -4.65
N ARG D 233 16.06 9.37 -5.70
CA ARG D 233 15.05 8.44 -6.15
C ARG D 233 14.77 7.37 -5.10
N ALA D 234 15.80 6.89 -4.43
CA ALA D 234 15.65 5.88 -3.34
C ALA D 234 14.66 6.35 -2.26
N VAL D 235 14.90 7.56 -1.75
CA VAL D 235 14.03 8.14 -0.73
C VAL D 235 12.59 8.41 -1.27
N ASN D 236 12.49 9.05 -2.42
CA ASN D 236 11.21 9.41 -2.97
C ASN D 236 10.39 8.19 -3.34
N GLN D 237 11.07 7.17 -3.84
CA GLN D 237 10.40 5.93 -4.20
C GLN D 237 9.96 5.19 -2.94
N THR D 238 10.72 5.24 -1.87
CA THR D 238 10.25 4.69 -0.58
C THR D 238 8.96 5.40 -0.17
N LEU D 239 8.96 6.73 -0.24
CA LEU D 239 7.73 7.48 0.00
C LEU D 239 6.58 7.04 -0.89
N ASP D 240 6.83 6.88 -2.19
CA ASP D 240 5.73 6.48 -3.05
C ASP D 240 5.21 5.06 -2.75
N VAL D 241 6.10 4.13 -2.39
CA VAL D 241 5.68 2.79 -1.97
C VAL D 241 4.84 2.89 -0.67
N GLN D 242 5.24 3.80 0.23
CA GLN D 242 4.47 4.09 1.44
C GLN D 242 3.09 4.70 1.16
N GLY D 243 2.88 5.26 -0.04
CA GLY D 243 1.59 5.76 -0.42
C GLY D 243 1.60 7.23 -0.75
N PHE D 244 2.78 7.86 -0.89
CA PHE D 244 2.78 9.32 -1.03
C PHE D 244 1.97 9.84 -2.24
N TYR D 245 2.29 9.36 -3.44
CA TYR D 245 1.55 9.76 -4.62
C TYR D 245 0.05 9.54 -4.48
N ALA D 246 -0.34 8.34 -4.06
CA ALA D 246 -1.75 8.00 -3.96
C ALA D 246 -2.45 8.91 -2.94
N ALA D 247 -1.75 9.21 -1.83
CA ALA D 247 -2.34 10.04 -0.77
C ALA D 247 -2.50 11.49 -1.20
N ILE D 248 -1.51 12.02 -1.91
CA ILE D 248 -1.55 13.36 -2.45
C ILE D 248 -2.74 13.48 -3.41
N GLN D 249 -2.91 12.50 -4.27
CA GLN D 249 -4.08 12.51 -5.16
C GLN D 249 -5.40 12.42 -4.36
N SER D 250 -5.43 11.60 -3.32
CA SER D 250 -6.63 11.41 -2.52
C SER D 250 -7.03 12.69 -1.80
N VAL D 251 -6.07 13.40 -1.19
CA VAL D 251 -6.39 14.63 -0.47
C VAL D 251 -6.69 15.78 -1.42
N PHE D 252 -6.21 15.74 -2.66
CA PHE D 252 -6.55 16.78 -3.61
C PHE D 252 -8.05 16.80 -3.80
N ASP D 253 -8.65 15.63 -3.91
CA ASP D 253 -10.11 15.54 -4.00
C ASP D 253 -10.84 16.01 -2.73
N ILE D 254 -10.30 15.69 -1.57
CA ILE D 254 -10.90 16.14 -0.32
C ILE D 254 -10.92 17.69 -0.28
N HIS D 255 -9.79 18.27 -0.65
CA HIS D 255 -9.66 19.71 -0.78
C HIS D 255 -10.75 20.26 -1.70
N GLN D 256 -10.94 19.60 -2.84
CA GLN D 256 -11.92 20.11 -3.79
C GLN D 256 -13.36 20.06 -3.25
N THR D 257 -13.65 19.13 -2.33
CA THR D 257 -14.97 19.10 -1.68
C THR D 257 -15.18 20.39 -0.90
N GLY D 258 -14.08 20.99 -0.45
CA GLY D 258 -14.12 22.29 0.20
C GLY D 258 -14.66 23.39 -0.69
N HIS D 259 -14.12 23.46 -1.89
CA HIS D 259 -14.55 24.44 -2.86
C HIS D 259 -15.98 24.16 -3.26
N GLY D 260 -16.28 22.88 -3.47
CA GLY D 260 -17.65 22.44 -3.75
C GLY D 260 -18.64 22.93 -2.71
N ASN D 261 -18.32 22.72 -1.43
CA ASN D 261 -19.23 23.19 -0.38
C ASN D 261 -19.34 24.72 -0.38
N ALA D 262 -18.20 25.42 -0.47
CA ALA D 262 -18.21 26.87 -0.50
C ALA D 262 -19.07 27.39 -1.65
N LEU D 263 -18.93 26.78 -2.82
CA LEU D 263 -19.74 27.19 -3.96
C LEU D 263 -21.22 26.96 -3.67
N SER D 264 -21.56 25.77 -3.19
CA SER D 264 -22.97 25.44 -2.91
C SER D 264 -23.60 26.38 -1.89
N VAL D 265 -22.81 26.99 -1.02
CA VAL D 265 -23.30 27.82 0.08
C VAL D 265 -23.26 29.35 -0.18
N SER D 266 -22.32 29.80 -1.03
CA SER D 266 -22.12 31.25 -1.25
C SER D 266 -21.99 31.63 -2.71
N GLY D 267 -21.77 30.68 -3.61
CA GLY D 267 -21.42 30.98 -5.00
C GLY D 267 -19.97 31.42 -5.21
N TRP D 268 -19.16 31.40 -4.14
CA TRP D 268 -17.73 31.71 -4.21
C TRP D 268 -16.92 30.48 -3.76
N PRO D 269 -15.70 30.32 -4.28
CA PRO D 269 -14.92 29.11 -3.97
C PRO D 269 -14.40 28.96 -2.53
N VAL D 270 -14.52 30.04 -1.76
CA VAL D 270 -14.09 30.06 -0.37
C VAL D 270 -15.18 30.74 0.45
N LEU D 271 -15.30 30.41 1.73
CA LEU D 271 -16.39 30.96 2.57
C LEU D 271 -16.11 32.42 2.94
N MET E 22 -26.30 7.01 32.99
CA MET E 22 -24.86 6.54 32.92
C MET E 22 -24.21 6.54 34.34
N VAL E 23 -23.55 5.44 34.66
CA VAL E 23 -22.91 5.25 35.95
C VAL E 23 -21.47 5.78 35.95
N TYR E 24 -20.72 5.57 34.87
CA TYR E 24 -19.26 5.79 34.90
C TYR E 24 -18.73 6.94 34.05
N ILE E 25 -19.55 7.45 33.15
CA ILE E 25 -19.17 8.48 32.21
C ILE E 25 -20.02 9.75 32.45
N ASP E 26 -19.37 10.91 32.64
CA ASP E 26 -20.06 12.19 32.67
C ASP E 26 -20.02 12.78 31.26
N TYR E 27 -21.08 13.47 30.90
CA TYR E 27 -21.28 14.07 29.62
C TYR E 27 -21.90 15.46 29.79
N GLY E 28 -21.25 16.48 29.23
CA GLY E 28 -21.76 17.83 29.27
C GLY E 28 -21.47 18.61 28.01
N VAL E 29 -22.35 19.56 27.70
CA VAL E 29 -22.18 20.43 26.56
C VAL E 29 -22.23 21.87 27.01
N ALA E 30 -21.27 22.65 26.56
CA ALA E 30 -21.22 24.08 26.83
C ALA E 30 -20.47 24.77 25.71
N ASP E 31 -21.03 25.84 25.18
CA ASP E 31 -20.36 26.69 24.18
C ASP E 31 -19.82 25.90 22.96
N SER E 32 -20.64 25.03 22.38
CA SER E 32 -20.25 24.18 21.23
C SER E 32 -19.29 23.05 21.50
N ILE E 33 -18.99 22.82 22.77
CA ILE E 33 -18.04 21.79 23.14
C ILE E 33 -18.71 20.72 23.95
N ALA E 34 -18.56 19.46 23.52
CA ALA E 34 -19.00 18.32 24.35
C ALA E 34 -17.83 17.79 25.16
N THR E 35 -17.99 17.62 26.46
CA THR E 35 -16.94 17.05 27.27
C THR E 35 -17.38 15.70 27.79
N ILE E 36 -16.55 14.70 27.51
CA ILE E 36 -16.79 13.31 27.89
C ILE E 36 -15.78 12.96 28.99
N THR E 37 -16.29 12.57 30.18
CA THR E 37 -15.41 12.39 31.35
C THR E 37 -15.48 10.97 31.88
N LEU E 38 -14.32 10.35 32.01
CA LEU E 38 -14.20 9.06 32.66
C LEU E 38 -14.32 9.32 34.17
N ASN E 39 -15.37 8.75 34.78
CA ASN E 39 -15.70 9.02 36.17
C ASN E 39 -15.79 7.75 36.98
N ARG E 40 -14.71 6.98 36.93
CA ARG E 40 -14.53 5.83 37.80
C ARG E 40 -13.16 5.91 38.49
N PRO E 41 -12.88 7.05 39.16
CA PRO E 41 -11.57 7.21 39.81
C PRO E 41 -11.28 6.21 40.93
N GLU E 42 -12.33 5.64 41.52
CA GLU E 42 -12.16 4.62 42.58
C GLU E 42 -11.49 3.33 42.06
N ALA E 43 -11.55 3.08 40.75
CA ALA E 43 -10.83 1.98 40.12
C ALA E 43 -9.81 2.51 39.10
N ALA E 44 -9.32 3.73 39.33
CA ALA E 44 -8.36 4.38 38.43
C ALA E 44 -8.85 4.34 36.97
N ASN E 45 -10.18 4.51 36.80
CA ASN E 45 -10.83 4.49 35.49
C ASN E 45 -10.51 3.21 34.70
N ALA E 46 -10.43 2.08 35.42
CA ALA E 46 -10.33 0.78 34.75
C ALA E 46 -11.65 0.56 33.99
N GLN E 47 -11.54 -0.09 32.83
CA GLN E 47 -12.62 -0.17 31.88
C GLN E 47 -13.33 -1.52 31.87
N ASN E 48 -14.53 -1.57 32.39
CA ASN E 48 -15.32 -2.76 32.24
C ASN E 48 -16.25 -2.59 31.01
N PRO E 49 -16.98 -3.65 30.65
CA PRO E 49 -17.82 -3.50 29.46
C PRO E 49 -18.87 -2.41 29.65
N GLU E 50 -19.33 -2.20 30.87
CA GLU E 50 -20.37 -1.23 31.12
C GLU E 50 -19.85 0.20 30.88
N LEU E 51 -18.62 0.47 31.32
CA LEU E 51 -17.99 1.78 31.10
C LEU E 51 -17.76 2.05 29.63
N LEU E 52 -17.31 1.02 28.92
CA LEU E 52 -17.04 1.15 27.47
C LEU E 52 -18.32 1.37 26.66
N ASP E 53 -19.41 0.70 27.03
CA ASP E 53 -20.69 0.87 26.33
C ASP E 53 -21.24 2.26 26.58
N GLU E 54 -21.11 2.77 27.80
CA GLU E 54 -21.46 4.13 28.11
C GLU E 54 -20.56 5.13 27.39
N LEU E 55 -19.27 4.85 27.34
CA LEU E 55 -18.37 5.75 26.63
C LEU E 55 -18.71 5.83 25.14
N ASP E 56 -18.96 4.67 24.53
CA ASP E 56 -19.42 4.68 23.14
C ASP E 56 -20.73 5.47 22.94
N ALA E 57 -21.67 5.34 23.87
CA ALA E 57 -22.94 6.09 23.78
C ALA E 57 -22.67 7.60 23.85
N ALA E 58 -21.75 8.01 24.71
CA ALA E 58 -21.34 9.43 24.80
C ALA E 58 -20.71 9.94 23.52
N TRP E 59 -19.82 9.17 22.91
CA TRP E 59 -19.23 9.58 21.64
C TRP E 59 -20.28 9.78 20.57
N THR E 60 -21.24 8.87 20.52
CA THR E 60 -22.36 8.97 19.60
C THR E 60 -23.22 10.19 19.87
N ARG E 61 -23.49 10.49 21.14
CA ARG E 61 -24.27 11.65 21.45
C ARG E 61 -23.61 12.91 20.94
N ALA E 62 -22.30 13.06 21.18
CA ALA E 62 -21.56 14.21 20.68
C ALA E 62 -21.52 14.28 19.16
N ALA E 63 -21.36 13.14 18.52
CA ALA E 63 -21.30 13.08 17.05
C ALA E 63 -22.61 13.54 16.43
N GLU E 64 -23.72 13.23 17.11
CA GLU E 64 -25.05 13.44 16.54
C GLU E 64 -25.66 14.78 16.93
N ASP E 65 -25.09 15.47 17.91
CA ASP E 65 -25.60 16.75 18.33
C ASP E 65 -25.00 17.83 17.45
N ASN E 66 -25.84 18.45 16.65
CA ASN E 66 -25.41 19.50 15.69
C ASN E 66 -24.80 20.73 16.33
N GLU E 67 -25.12 20.96 17.60
CA GLU E 67 -24.57 22.09 18.32
C GLU E 67 -23.17 21.77 18.85
N VAL E 68 -22.75 20.50 18.80
CA VAL E 68 -21.41 20.18 19.26
C VAL E 68 -20.45 20.33 18.08
N LYS E 69 -19.41 21.17 18.24
CA LYS E 69 -18.36 21.32 17.20
C LYS E 69 -17.03 20.64 17.53
N VAL E 70 -16.68 20.56 18.83
CA VAL E 70 -15.47 19.92 19.30
C VAL E 70 -15.77 19.03 20.51
N ILE E 71 -15.05 17.89 20.60
CA ILE E 71 -15.21 16.93 21.69
C ILE E 71 -13.93 16.94 22.54
N ILE E 72 -14.09 16.99 23.87
CA ILE E 72 -13.00 16.77 24.82
C ILE E 72 -13.23 15.45 25.52
N LEU E 73 -12.19 14.65 25.59
CA LEU E 73 -12.22 13.43 26.37
C LEU E 73 -11.23 13.59 27.50
N ARG E 74 -11.72 13.40 28.73
CA ARG E 74 -10.91 13.63 29.92
C ARG E 74 -11.31 12.61 31.01
N ALA E 75 -10.67 12.74 32.17
CA ALA E 75 -10.86 11.78 33.23
C ALA E 75 -10.72 12.45 34.60
N ASN E 76 -11.57 12.07 35.55
CA ASN E 76 -11.42 12.54 36.95
C ASN E 76 -10.41 11.71 37.73
N GLY E 77 -9.81 12.35 38.74
CA GLY E 77 -8.86 11.69 39.62
C GLY E 77 -7.42 11.86 39.17
N LYS E 78 -6.56 11.06 39.75
CA LYS E 78 -5.12 11.18 39.52
C LYS E 78 -4.68 10.50 38.25
N HIS E 79 -5.44 9.51 37.78
CA HIS E 79 -5.02 8.67 36.65
C HIS E 79 -6.06 8.65 35.55
N PHE E 80 -5.60 8.84 34.32
CA PHE E 80 -6.46 8.82 33.14
C PHE E 80 -7.16 7.48 32.99
N SER E 81 -6.41 6.38 32.91
CA SER E 81 -6.99 5.03 32.90
C SER E 81 -5.99 3.92 33.14
N ALA E 82 -6.25 3.10 34.15
CA ALA E 82 -5.46 1.90 34.41
C ALA E 82 -5.66 0.79 33.34
N GLY E 83 -6.55 1.00 32.36
CA GLY E 83 -6.75 0.01 31.28
C GLY E 83 -7.98 -0.87 31.44
N HIS E 84 -7.97 -2.03 30.80
CA HIS E 84 -9.13 -2.93 30.84
C HIS E 84 -9.26 -3.59 32.21
N ASP E 85 -10.48 -3.63 32.73
CA ASP E 85 -10.76 -4.22 34.03
C ASP E 85 -10.75 -5.76 33.89
N LEU E 86 -9.64 -6.37 34.33
CA LEU E 86 -9.47 -7.84 34.29
C LEU E 86 -10.32 -8.51 35.37
N PRO E 93 -18.71 -18.94 31.86
CA PRO E 93 -18.14 -19.73 30.74
C PRO E 93 -16.93 -20.59 31.15
N GLU E 94 -17.17 -21.86 31.47
CA GLU E 94 -16.12 -22.79 31.96
C GLU E 94 -14.93 -22.85 31.00
N LYS E 95 -15.17 -23.37 29.80
CA LYS E 95 -14.14 -23.41 28.75
C LYS E 95 -14.30 -22.19 27.81
N ILE E 96 -13.47 -21.15 27.99
CA ILE E 96 -13.52 -19.98 27.11
C ILE E 96 -12.91 -20.37 25.76
N SER E 97 -13.64 -20.16 24.67
CA SER E 97 -13.10 -20.37 23.31
C SER E 97 -12.46 -19.08 22.78
N LEU E 98 -11.48 -19.20 21.89
CA LEU E 98 -10.87 -18.00 21.31
C LEU E 98 -11.91 -17.25 20.48
N GLU E 99 -12.81 -17.99 19.84
CA GLU E 99 -13.98 -17.41 19.16
C GLU E 99 -14.75 -16.41 20.03
N PHE E 100 -15.09 -16.83 21.24
CA PHE E 100 -15.80 -16.00 22.20
C PHE E 100 -15.00 -14.74 22.54
N ILE E 101 -13.69 -14.90 22.76
CA ILE E 101 -12.85 -13.75 23.06
C ILE E 101 -12.86 -12.78 21.90
N ILE E 102 -12.62 -13.30 20.70
CA ILE E 102 -12.61 -12.48 19.50
C ILE E 102 -13.89 -11.65 19.33
N GLN E 103 -15.05 -12.27 19.52
CA GLN E 103 -16.34 -11.59 19.34
C GLN E 103 -16.45 -10.37 20.26
N HIS E 104 -16.04 -10.54 21.52
CA HIS E 104 -16.14 -9.48 22.50
C HIS E 104 -15.08 -8.43 22.25
N GLU E 105 -13.86 -8.84 21.95
CA GLU E 105 -12.83 -7.83 21.76
C GLU E 105 -13.01 -7.07 20.45
N ALA E 106 -13.46 -7.75 19.39
CA ALA E 106 -13.70 -7.10 18.11
C ALA E 106 -14.73 -5.97 18.27
N ARG E 107 -15.76 -6.20 19.07
CA ARG E 107 -16.79 -5.17 19.26
C ARG E 107 -16.23 -3.98 20.07
N ARG E 108 -15.71 -4.25 21.26
CA ARG E 108 -15.46 -3.18 22.22
C ARG E 108 -14.09 -2.53 22.13
N TYR E 109 -13.10 -3.28 21.65
CA TYR E 109 -11.75 -2.76 21.63
C TYR E 109 -11.29 -2.36 20.24
N LEU E 110 -11.94 -2.88 19.21
CA LEU E 110 -11.53 -2.60 17.84
C LEU E 110 -12.56 -1.71 17.19
N ASP E 111 -13.78 -2.21 17.03
CA ASP E 111 -14.84 -1.44 16.36
C ASP E 111 -15.18 -0.12 17.07
N TYR E 112 -15.33 -0.12 18.39
CA TYR E 112 -15.59 1.11 19.11
C TYR E 112 -14.46 2.09 18.86
N THR E 113 -13.22 1.65 19.03
CA THR E 113 -12.07 2.54 18.92
C THR E 113 -11.97 3.19 17.54
N LEU E 114 -12.20 2.41 16.49
CA LEU E 114 -12.17 2.93 15.14
C LEU E 114 -13.35 3.86 14.87
N ARG E 115 -14.51 3.54 15.42
CA ARG E 115 -15.63 4.44 15.28
C ARG E 115 -15.34 5.81 15.92
N TRP E 116 -14.72 5.82 17.10
CA TRP E 116 -14.35 7.10 17.73
C TRP E 116 -13.38 7.87 16.87
N ARG E 117 -12.37 7.16 16.37
CA ARG E 117 -11.36 7.74 15.50
C ARG E 117 -11.98 8.48 14.32
N ASN E 118 -13.06 7.94 13.75
CA ASN E 118 -13.66 8.48 12.56
C ASN E 118 -14.78 9.50 12.78
N VAL E 119 -15.10 9.83 14.04
CA VAL E 119 -16.17 10.82 14.30
C VAL E 119 -15.81 12.13 13.55
N PRO E 120 -16.70 12.67 12.74
CA PRO E 120 -16.30 13.79 11.87
C PRO E 120 -16.25 15.19 12.52
N LYS E 121 -15.69 15.28 13.73
CA LYS E 121 -15.55 16.54 14.49
C LYS E 121 -14.21 16.42 15.17
N PRO E 122 -13.51 17.54 15.39
CA PRO E 122 -12.25 17.38 16.17
C PRO E 122 -12.44 16.86 17.60
N SER E 123 -11.50 16.06 18.09
CA SER E 123 -11.53 15.58 19.46
C SER E 123 -10.17 15.78 20.09
N ILE E 124 -10.13 16.00 21.39
CA ILE E 124 -8.90 16.24 22.12
C ILE E 124 -8.96 15.43 23.40
N ALA E 125 -7.95 14.60 23.63
CA ALA E 125 -7.83 13.88 24.88
C ALA E 125 -6.95 14.66 25.86
N ALA E 126 -7.39 14.79 27.11
CA ALA E 126 -6.60 15.40 28.16
C ALA E 126 -6.13 14.28 29.08
N VAL E 127 -4.83 13.96 29.11
CA VAL E 127 -4.34 12.78 29.81
C VAL E 127 -3.46 13.16 31.00
N GLN E 128 -3.91 12.75 32.19
CA GLN E 128 -3.11 12.91 33.38
C GLN E 128 -2.71 11.56 33.97
N GLY E 129 -1.58 11.55 34.66
CA GLY E 129 -1.10 10.36 35.36
C GLY E 129 -0.93 9.12 34.50
N ARG E 130 -1.31 7.97 35.05
CA ARG E 130 -1.11 6.71 34.33
C ARG E 130 -2.14 6.49 33.23
N CYS E 131 -1.62 6.23 32.05
CA CYS E 131 -2.42 5.74 30.95
C CYS E 131 -1.81 4.40 30.54
N ILE E 132 -2.49 3.31 30.93
CA ILE E 132 -1.90 1.97 30.82
C ILE E 132 -2.72 1.07 29.90
N SER E 133 -2.04 0.50 28.91
CA SER E 133 -2.57 -0.52 28.01
C SER E 133 -3.89 -0.08 27.40
N GLY E 134 -5.01 -0.64 27.87
CA GLY E 134 -6.32 -0.25 27.36
C GLY E 134 -6.60 1.23 27.42
N GLY E 135 -5.98 1.93 28.37
CA GLY E 135 -6.09 3.39 28.45
C GLY E 135 -5.72 4.07 27.14
N LEU E 136 -4.72 3.49 26.45
CA LEU E 136 -4.26 3.98 25.17
C LEU E 136 -5.34 3.94 24.08
N LEU E 137 -6.27 3.01 24.19
CA LEU E 137 -7.38 2.89 23.27
C LEU E 137 -8.42 3.98 23.46
N LEU E 138 -8.39 4.68 24.59
CA LEU E 138 -9.29 5.77 24.78
C LEU E 138 -8.78 7.07 24.20
N CYS E 139 -7.48 7.34 24.34
CA CYS E 139 -6.88 8.59 23.88
C CYS E 139 -6.36 8.56 22.44
N TRP E 140 -5.86 7.43 21.99
CA TRP E 140 -5.32 7.36 20.63
C TRP E 140 -6.31 7.68 19.52
N PRO E 141 -7.59 7.23 19.64
CA PRO E 141 -8.57 7.66 18.65
C PRO E 141 -8.90 9.15 18.62
N CYS E 142 -8.54 9.90 19.67
CA CYS E 142 -8.70 11.36 19.63
C CYS E 142 -7.71 11.95 18.63
N ASP E 143 -8.09 13.10 18.06
CA ASP E 143 -7.26 13.80 17.11
C ASP E 143 -6.01 14.39 17.74
N LEU E 144 -6.20 15.06 18.86
CA LEU E 144 -5.12 15.74 19.58
C LEU E 144 -5.00 15.16 20.98
N ILE E 145 -3.79 15.14 21.53
CA ILE E 145 -3.60 14.72 22.92
C ILE E 145 -2.80 15.79 23.68
N LEU E 146 -3.38 16.31 24.76
CA LEU E 146 -2.63 17.09 25.76
C LEU E 146 -2.41 16.23 26.98
N ALA E 147 -1.19 16.28 27.48
CA ALA E 147 -0.78 15.49 28.63
C ALA E 147 -0.24 16.39 29.75
N SER E 148 -0.55 16.08 30.99
CA SER E 148 0.11 16.81 32.12
C SER E 148 1.53 16.31 32.26
N ASP E 149 2.41 17.07 32.90
CA ASP E 149 3.80 16.62 33.01
C ASP E 149 3.95 15.32 33.78
N ASP E 150 2.94 14.95 34.57
CA ASP E 150 3.00 13.71 35.35
C ASP E 150 2.45 12.49 34.57
N ALA E 151 2.02 12.68 33.32
CA ALA E 151 1.44 11.59 32.56
C ALA E 151 2.49 10.49 32.27
N LEU E 152 2.09 9.23 32.36
CA LEU E 152 2.96 8.09 32.10
C LEU E 152 2.22 7.12 31.19
N PHE E 153 2.75 6.92 29.99
CA PHE E 153 2.12 6.02 29.01
C PHE E 153 2.86 4.70 28.96
N SER E 154 2.13 3.57 29.06
CA SER E 154 2.74 2.23 29.07
C SER E 154 1.78 1.19 28.51
N ASP E 155 2.35 0.07 28.05
CA ASP E 155 1.58 -1.10 27.70
C ASP E 155 2.34 -2.37 28.06
N PRO E 156 2.28 -2.79 29.34
CA PRO E 156 3.04 -3.96 29.77
C PRO E 156 2.28 -5.28 29.65
N VAL E 157 1.36 -5.38 28.69
CA VAL E 157 0.61 -6.61 28.48
C VAL E 157 1.47 -7.82 28.04
N ALA E 158 2.72 -7.61 27.63
CA ALA E 158 3.62 -8.73 27.37
C ALA E 158 3.74 -9.62 28.61
N LEU E 159 3.69 -9.03 29.80
CA LEU E 159 3.69 -9.77 31.06
C LEU E 159 2.57 -10.84 31.13
N MET E 160 1.44 -10.56 30.49
CA MET E 160 0.30 -11.47 30.43
C MET E 160 0.32 -12.42 29.22
N GLY E 161 1.39 -12.37 28.42
CA GLY E 161 1.57 -13.27 27.28
C GLY E 161 1.07 -12.73 25.94
N ILE E 162 0.74 -11.43 25.91
CA ILE E 162 0.13 -10.79 24.73
C ILE E 162 1.06 -9.73 24.10
N GLY E 163 1.15 -9.67 22.77
CA GLY E 163 2.00 -8.69 22.07
C GLY E 163 1.35 -7.33 21.82
N GLY E 164 1.10 -6.61 22.91
CA GLY E 164 0.48 -5.29 22.84
C GLY E 164 -1.04 -5.35 22.80
N VAL E 165 -1.68 -4.23 23.10
CA VAL E 165 -3.16 -4.17 23.15
C VAL E 165 -3.77 -4.36 21.74
N GLU E 166 -5.10 -4.44 21.71
CA GLU E 166 -5.87 -4.87 20.54
C GLU E 166 -5.79 -3.95 19.32
N TYR E 167 -5.57 -2.66 19.58
CA TYR E 167 -5.53 -1.59 18.59
C TYR E 167 -4.11 -1.08 18.60
N HIS E 168 -3.38 -1.44 17.55
CA HIS E 168 -1.97 -1.21 17.54
C HIS E 168 -1.66 0.14 16.97
N GLY E 169 -1.93 1.17 17.74
CA GLY E 169 -1.43 2.49 17.41
C GLY E 169 0.06 2.67 17.70
N HIS E 170 0.67 1.76 18.46
CA HIS E 170 2.04 1.98 19.01
C HIS E 170 3.05 2.39 17.93
N THR E 171 3.13 1.61 16.84
CA THR E 171 4.13 1.86 15.81
C THR E 171 3.89 3.21 15.14
N TRP E 172 2.63 3.52 14.90
CA TRP E 172 2.25 4.78 14.25
C TRP E 172 2.56 6.00 15.16
N GLU E 173 2.26 5.88 16.45
CA GLU E 173 2.35 6.98 17.44
C GLU E 173 3.78 7.19 17.89
N LEU E 174 4.52 6.09 18.04
CA LEU E 174 5.84 6.12 18.68
C LEU E 174 7.02 5.89 17.77
N GLY E 175 6.78 5.33 16.57
CA GLY E 175 7.85 4.86 15.71
C GLY E 175 8.15 3.42 16.14
N PRO E 176 8.69 2.60 15.25
CA PRO E 176 8.82 1.16 15.55
C PRO E 176 9.77 0.77 16.68
N ARG E 177 10.86 1.51 16.83
CA ARG E 177 11.85 1.23 17.84
C ARG E 177 11.38 1.55 19.25
N LYS E 178 10.73 2.69 19.41
CA LYS E 178 10.15 3.06 20.68
C LYS E 178 8.96 2.13 21.06
N ALA E 179 8.15 1.74 20.07
CA ALA E 179 7.07 0.75 20.27
C ALA E 179 7.63 -0.57 20.78
N LYS E 180 8.63 -1.12 20.09
CA LYS E 180 9.26 -2.37 20.49
C LYS E 180 9.87 -2.22 21.89
N GLU E 181 10.49 -1.07 22.16
CA GLU E 181 11.08 -0.81 23.47
C GLU E 181 10.09 -0.89 24.62
N ILE E 182 8.97 -0.18 24.51
CA ILE E 182 7.97 -0.20 25.57
C ILE E 182 7.22 -1.55 25.65
N LEU E 183 7.00 -2.22 24.51
CA LEU E 183 6.38 -3.55 24.54
C LEU E 183 7.30 -4.63 25.15
N PHE E 184 8.60 -4.60 24.79
CA PHE E 184 9.57 -5.57 25.29
C PHE E 184 9.93 -5.39 26.80
N THR E 185 9.91 -4.15 27.30
CA THR E 185 10.32 -3.88 28.67
C THR E 185 9.16 -3.70 29.65
N GLY E 186 8.00 -3.37 29.10
CA GLY E 186 6.85 -2.98 29.91
C GLY E 186 7.03 -1.63 30.59
N ARG E 187 8.03 -0.85 30.20
CA ARG E 187 8.27 0.43 30.88
C ARG E 187 7.31 1.54 30.45
N ALA E 188 7.31 2.61 31.25
CA ALA E 188 6.47 3.77 31.01
C ALA E 188 7.24 4.87 30.26
N LEU E 189 6.54 5.57 29.36
CA LEU E 189 7.07 6.77 28.71
C LEU E 189 6.56 7.98 29.43
N THR E 190 7.43 8.94 29.72
CA THR E 190 6.96 10.21 30.29
C THR E 190 6.17 11.02 29.24
N ALA E 191 5.43 12.03 29.68
CA ALA E 191 4.73 12.94 28.78
C ALA E 191 5.68 13.62 27.82
N GLU E 192 6.83 14.05 28.33
CA GLU E 192 7.91 14.64 27.50
C GLU E 192 8.47 13.65 26.47
N GLU E 193 8.73 12.41 26.86
CA GLU E 193 9.16 11.42 25.86
C GLU E 193 8.10 11.26 24.78
N ALA E 194 6.83 11.16 25.18
CA ALA E 194 5.73 10.97 24.22
C ALA E 194 5.56 12.17 23.27
N GLU E 195 5.75 13.37 23.80
CA GLU E 195 5.70 14.57 22.97
C GLU E 195 6.77 14.47 21.90
N ARG E 196 7.94 13.96 22.26
CA ARG E 196 9.04 13.91 21.31
C ARG E 196 8.80 12.98 20.11
N THR E 197 7.97 11.95 20.30
CA THR E 197 7.64 11.02 19.21
C THR E 197 6.49 11.57 18.38
N GLY E 198 5.75 12.53 18.92
CA GLY E 198 4.66 13.15 18.21
C GLY E 198 3.31 12.60 18.69
N MET E 199 3.32 11.63 19.60
CA MET E 199 2.09 11.07 20.19
C MET E 199 1.31 12.09 21.02
N VAL E 200 2.02 12.99 21.68
CA VAL E 200 1.45 14.05 22.48
C VAL E 200 1.70 15.38 21.82
N ASN E 201 0.66 16.18 21.65
CA ASN E 201 0.76 17.51 21.03
C ASN E 201 1.40 18.53 21.94
N ARG E 202 1.09 18.46 23.23
CA ARG E 202 1.57 19.45 24.16
C ARG E 202 1.63 18.87 25.56
N VAL E 203 2.63 19.28 26.31
CA VAL E 203 2.77 18.88 27.69
C VAL E 203 2.44 20.12 28.54
N VAL E 204 1.62 19.97 29.58
CA VAL E 204 1.20 21.14 30.40
C VAL E 204 1.18 20.79 31.88
N ALA E 205 1.26 21.81 32.74
CA ALA E 205 1.15 21.58 34.19
C ALA E 205 -0.18 20.87 34.55
N ARG E 206 -0.11 19.98 35.52
CA ARG E 206 -1.26 19.20 35.96
C ARG E 206 -2.50 20.06 36.29
N ASP E 207 -2.29 21.19 36.95
CA ASP E 207 -3.41 22.02 37.39
C ASP E 207 -3.92 22.95 36.30
N GLU E 208 -3.28 22.94 35.12
CA GLU E 208 -3.76 23.68 33.97
C GLU E 208 -4.25 22.81 32.83
N LEU E 209 -4.24 21.49 33.04
CA LEU E 209 -4.59 20.55 31.98
C LEU E 209 -6.01 20.78 31.48
N ASP E 210 -6.99 20.81 32.38
CA ASP E 210 -8.37 21.03 31.92
C ASP E 210 -8.58 22.41 31.28
N ALA E 211 -7.97 23.45 31.86
CA ALA E 211 -8.10 24.82 31.32
C ALA E 211 -7.52 24.98 29.89
N GLN E 212 -6.29 24.50 29.68
CA GLN E 212 -5.66 24.61 28.36
C GLN E 212 -6.38 23.76 27.30
N THR E 213 -6.86 22.58 27.70
CA THR E 213 -7.68 21.77 26.81
C THR E 213 -8.95 22.51 26.37
N ARG E 214 -9.62 23.18 27.32
CA ARG E 214 -10.84 23.90 26.96
CA ARG E 214 -10.83 23.95 27.03
C ARG E 214 -10.51 25.12 26.11
N GLU E 215 -9.46 25.86 26.44
CA GLU E 215 -9.05 26.97 25.59
C GLU E 215 -8.76 26.53 24.12
N LEU E 216 -8.05 25.41 23.97
CA LEU E 216 -7.77 24.89 22.66
C LEU E 216 -9.08 24.51 21.96
N ALA E 217 -9.96 23.78 22.66
CA ALA E 217 -11.24 23.36 22.09
C ALA E 217 -12.03 24.57 21.58
N GLU E 218 -12.09 25.60 22.41
CA GLU E 218 -12.79 26.86 22.06
C GLU E 218 -12.24 27.54 20.81
N GLN E 219 -10.91 27.56 20.68
CA GLN E 219 -10.26 28.18 19.51
C GLN E 219 -10.60 27.36 18.24
N ILE E 220 -10.53 26.04 18.34
CA ILE E 220 -10.93 25.19 17.22
C ILE E 220 -12.40 25.34 16.84
N ALA E 221 -13.27 25.47 17.85
CA ALA E 221 -14.72 25.61 17.63
C ALA E 221 -15.13 26.91 16.90
N THR E 222 -14.23 27.89 16.76
CA THR E 222 -14.48 29.05 15.93
C THR E 222 -14.30 28.77 14.42
N MET E 223 -13.79 27.61 14.03
CA MET E 223 -13.58 27.30 12.62
C MET E 223 -14.87 26.76 11.97
N PRO E 224 -15.04 26.95 10.65
CA PRO E 224 -16.19 26.32 10.01
C PRO E 224 -16.17 24.79 10.17
N PRO E 225 -17.31 24.19 10.60
CA PRO E 225 -17.39 22.76 10.84
C PRO E 225 -16.99 21.87 9.62
N PHE E 226 -17.38 22.27 8.43
CA PHE E 226 -17.06 21.45 7.28
C PHE E 226 -15.55 21.52 6.96
N ALA E 227 -14.91 22.65 7.25
CA ALA E 227 -13.46 22.75 7.06
C ALA E 227 -12.76 21.79 8.03
N LEU E 228 -13.22 21.77 9.26
CA LEU E 228 -12.68 20.90 10.31
C LEU E 228 -12.90 19.44 9.97
N ARG E 229 -14.07 19.14 9.45
CA ARG E 229 -14.38 17.79 9.01
C ARG E 229 -13.40 17.30 7.89
N GLN E 230 -13.15 18.13 6.89
CA GLN E 230 -12.33 17.71 5.75
C GLN E 230 -10.81 17.78 6.08
N ALA E 231 -10.37 18.67 6.99
CA ALA E 231 -8.99 18.64 7.51
C ALA E 231 -8.74 17.30 8.22
N LYS E 232 -9.66 16.89 9.09
CA LYS E 232 -9.55 15.63 9.79
C LYS E 232 -9.52 14.46 8.79
N ARG E 233 -10.42 14.53 7.82
CA ARG E 233 -10.49 13.53 6.77
C ARG E 233 -9.21 13.46 5.98
N ALA E 234 -8.63 14.61 5.64
CA ALA E 234 -7.36 14.64 4.88
C ALA E 234 -6.25 13.87 5.60
N VAL E 235 -6.09 14.12 6.90
CA VAL E 235 -5.00 13.51 7.63
C VAL E 235 -5.34 12.01 7.85
N ASN E 236 -6.57 11.70 8.26
CA ASN E 236 -6.92 10.30 8.51
C ASN E 236 -6.90 9.44 7.25
N GLN E 237 -7.28 10.03 6.11
CA GLN E 237 -7.25 9.32 4.84
C GLN E 237 -5.80 9.10 4.38
N THR E 238 -4.94 10.07 4.61
CA THR E 238 -3.53 9.87 4.35
C THR E 238 -3.00 8.65 5.13
N LEU E 239 -3.33 8.61 6.42
CA LEU E 239 -2.98 7.47 7.24
C LEU E 239 -3.55 6.15 6.69
N ASP E 240 -4.82 6.16 6.27
CA ASP E 240 -5.39 4.92 5.69
C ASP E 240 -4.72 4.50 4.36
N VAL E 241 -4.32 5.48 3.56
CA VAL E 241 -3.60 5.19 2.34
C VAL E 241 -2.20 4.61 2.72
N GLN E 242 -1.61 5.10 3.78
CA GLN E 242 -0.31 4.59 4.26
C GLN E 242 -0.43 3.17 4.85
N GLY E 243 -1.67 2.75 5.14
CA GLY E 243 -1.95 1.37 5.56
C GLY E 243 -2.54 1.25 6.95
N PHE E 244 -2.99 2.35 7.56
CA PHE E 244 -3.45 2.31 8.95
C PHE E 244 -4.61 1.32 9.17
N TYR E 245 -5.70 1.44 8.43
CA TYR E 245 -6.81 0.51 8.64
C TYR E 245 -6.34 -0.93 8.50
N ALA E 246 -5.62 -1.22 7.42
CA ALA E 246 -5.17 -2.60 7.14
C ALA E 246 -4.22 -3.11 8.25
N ALA E 247 -3.36 -2.23 8.74
CA ALA E 247 -2.39 -2.61 9.75
C ALA E 247 -3.07 -2.86 11.09
N ILE E 248 -4.03 -2.01 11.45
CA ILE E 248 -4.82 -2.21 12.64
C ILE E 248 -5.51 -3.57 12.59
N GLN E 249 -6.09 -3.92 11.45
CA GLN E 249 -6.78 -5.19 11.34
C GLN E 249 -5.79 -6.35 11.44
N SER E 250 -4.63 -6.17 10.80
CA SER E 250 -3.57 -7.15 10.85
C SER E 250 -3.08 -7.46 12.26
N VAL E 251 -2.80 -6.45 13.04
CA VAL E 251 -2.29 -6.70 14.37
C VAL E 251 -3.35 -7.23 15.35
N PHE E 252 -4.61 -6.90 15.13
CA PHE E 252 -5.67 -7.49 15.92
C PHE E 252 -5.59 -9.03 15.92
N ASP E 253 -5.35 -9.62 14.75
CA ASP E 253 -5.17 -11.07 14.63
C ASP E 253 -3.92 -11.57 15.36
N ILE E 254 -2.82 -10.82 15.29
CA ILE E 254 -1.58 -11.15 16.02
C ILE E 254 -1.87 -11.14 17.54
N HIS E 255 -2.53 -10.09 18.00
CA HIS E 255 -3.03 -10.01 19.37
C HIS E 255 -3.81 -11.26 19.75
N GLN E 256 -4.72 -11.68 18.87
CA GLN E 256 -5.58 -12.83 19.19
C GLN E 256 -4.78 -14.14 19.28
N THR E 257 -3.67 -14.27 18.55
CA THR E 257 -2.80 -15.47 18.72
C THR E 257 -2.22 -15.57 20.15
N GLY E 258 -2.00 -14.40 20.78
CA GLY E 258 -1.64 -14.31 22.18
C GLY E 258 -2.64 -14.99 23.07
N HIS E 259 -3.92 -14.68 22.87
CA HIS E 259 -4.98 -15.31 23.66
C HIS E 259 -5.03 -16.77 23.31
N GLY E 260 -4.87 -17.10 22.04
CA GLY E 260 -4.86 -18.50 21.59
C GLY E 260 -3.81 -19.31 22.33
N ASN E 261 -2.62 -18.74 22.44
CA ASN E 261 -1.52 -19.45 23.06
C ASN E 261 -1.79 -19.63 24.56
N ALA E 262 -2.29 -18.58 25.20
CA ALA E 262 -2.56 -18.64 26.63
C ALA E 262 -3.65 -19.67 26.92
N LEU E 263 -4.69 -19.70 26.07
CA LEU E 263 -5.78 -20.68 26.25
C LEU E 263 -5.21 -22.10 26.11
N SER E 264 -4.34 -22.28 25.12
CA SER E 264 -3.71 -23.59 24.89
C SER E 264 -2.81 -24.05 26.05
N VAL E 265 -2.19 -23.11 26.74
CA VAL E 265 -1.23 -23.41 27.83
C VAL E 265 -1.90 -23.57 29.21
N SER E 266 -2.87 -22.70 29.52
CA SER E 266 -3.48 -22.64 30.86
C SER E 266 -5.00 -22.85 30.89
N GLY E 267 -5.69 -22.69 29.76
CA GLY E 267 -7.17 -22.65 29.77
C GLY E 267 -7.74 -21.27 30.10
N TRP E 268 -6.87 -20.28 30.27
CA TRP E 268 -7.24 -18.88 30.54
C TRP E 268 -6.71 -17.98 29.40
N PRO E 269 -7.38 -16.81 29.15
CA PRO E 269 -6.99 -15.95 28.02
C PRO E 269 -5.65 -15.18 28.15
N VAL E 270 -5.12 -15.14 29.38
CA VAL E 270 -3.85 -14.48 29.70
C VAL E 270 -2.99 -15.42 30.58
N LEU E 271 -1.67 -15.22 30.57
CA LEU E 271 -0.72 -16.15 31.23
C LEU E 271 -0.64 -15.98 32.76
N MET F 22 34.27 -18.63 15.55
CA MET F 22 35.20 -18.89 14.43
C MET F 22 36.15 -17.69 14.31
N VAL F 23 36.52 -17.29 13.09
CA VAL F 23 37.64 -16.34 12.87
C VAL F 23 37.33 -14.86 13.14
N TYR F 24 36.12 -14.40 12.84
CA TYR F 24 35.77 -12.97 12.97
C TYR F 24 34.61 -12.66 13.93
N ILE F 25 33.89 -13.68 14.40
CA ILE F 25 32.70 -13.50 15.24
C ILE F 25 32.83 -14.35 16.50
N ASP F 26 32.76 -13.71 17.67
CA ASP F 26 32.62 -14.43 18.95
C ASP F 26 31.12 -14.61 19.26
N TYR F 27 30.77 -15.79 19.76
CA TYR F 27 29.40 -16.15 20.11
C TYR F 27 29.44 -16.74 21.52
N GLY F 28 28.52 -16.29 22.37
CA GLY F 28 28.41 -16.82 23.73
C GLY F 28 26.97 -16.75 24.23
N VAL F 29 26.63 -17.67 25.14
CA VAL F 29 25.31 -17.67 25.76
C VAL F 29 25.46 -17.68 27.27
N ALA F 30 24.80 -16.74 27.92
CA ALA F 30 24.81 -16.65 29.39
C ALA F 30 23.45 -16.06 29.82
N ASP F 31 22.74 -16.78 30.71
CA ASP F 31 21.52 -16.32 31.36
C ASP F 31 20.45 -15.93 30.34
N SER F 32 20.18 -16.86 29.42
CA SER F 32 19.19 -16.69 28.37
C SER F 32 19.49 -15.60 27.32
N ILE F 33 20.73 -15.10 27.31
CA ILE F 33 21.13 -14.06 26.38
C ILE F 33 22.25 -14.56 25.47
N ALA F 34 22.08 -14.36 24.17
CA ALA F 34 23.12 -14.71 23.22
C ALA F 34 23.82 -13.43 22.79
N THR F 35 25.13 -13.35 23.01
CA THR F 35 25.91 -12.17 22.62
C THR F 35 26.78 -12.50 21.40
N ILE F 36 26.52 -11.79 20.30
CA ILE F 36 27.30 -11.89 19.06
C ILE F 36 28.20 -10.68 19.04
N THR F 37 29.51 -10.91 19.03
CA THR F 37 30.51 -9.83 18.97
C THR F 37 31.28 -9.80 17.65
N LEU F 38 31.28 -8.66 16.97
CA LEU F 38 32.14 -8.46 15.80
C LEU F 38 33.57 -8.33 16.32
N ASN F 39 34.43 -9.26 15.90
CA ASN F 39 35.80 -9.36 16.39
C ASN F 39 36.87 -9.21 15.28
N ARG F 40 36.82 -8.09 14.57
CA ARG F 40 37.85 -7.75 13.58
C ARG F 40 38.24 -6.27 13.76
N PRO F 41 38.59 -5.90 15.02
CA PRO F 41 38.92 -4.51 15.36
C PRO F 41 40.15 -3.96 14.61
N GLU F 42 41.09 -4.84 14.27
CA GLU F 42 42.27 -4.42 13.51
C GLU F 42 41.89 -3.86 12.11
N ALA F 43 40.73 -4.26 11.57
CA ALA F 43 40.17 -3.63 10.38
C ALA F 43 38.86 -2.84 10.67
N ALA F 44 38.75 -2.31 11.88
CA ALA F 44 37.56 -1.55 12.32
C ALA F 44 36.25 -2.32 12.01
N ASN F 45 36.32 -3.65 12.16
CA ASN F 45 35.22 -4.56 11.86
C ASN F 45 34.66 -4.40 10.45
N ALA F 46 35.53 -4.12 9.50
CA ALA F 46 35.13 -4.07 8.10
C ALA F 46 34.67 -5.47 7.68
N GLN F 47 33.64 -5.52 6.83
CA GLN F 47 32.94 -6.77 6.52
C GLN F 47 33.39 -7.46 5.22
N ASN F 48 34.14 -8.55 5.33
CA ASN F 48 34.39 -9.39 4.16
C ASN F 48 33.28 -10.44 4.10
N PRO F 49 33.25 -11.28 3.05
CA PRO F 49 32.21 -12.30 2.95
C PRO F 49 32.32 -13.36 4.04
N GLU F 50 33.54 -13.68 4.45
CA GLU F 50 33.77 -14.64 5.54
C GLU F 50 33.15 -14.11 6.84
N LEU F 51 33.33 -12.83 7.13
CA LEU F 51 32.79 -12.25 8.35
C LEU F 51 31.27 -12.31 8.29
N LEU F 52 30.71 -11.95 7.14
CA LEU F 52 29.24 -11.98 6.97
C LEU F 52 28.64 -13.39 7.10
N ASP F 53 29.35 -14.40 6.59
CA ASP F 53 28.88 -15.76 6.68
C ASP F 53 28.95 -16.25 8.12
N GLU F 54 30.02 -15.94 8.83
CA GLU F 54 30.10 -16.28 10.24
C GLU F 54 29.03 -15.52 11.07
N LEU F 55 28.76 -14.26 10.70
CA LEU F 55 27.69 -13.47 11.35
C LEU F 55 26.30 -14.10 11.14
N ASP F 56 25.98 -14.43 9.90
CA ASP F 56 24.72 -15.12 9.63
C ASP F 56 24.60 -16.44 10.41
N ALA F 57 25.70 -17.17 10.52
CA ALA F 57 25.72 -18.40 11.30
C ALA F 57 25.45 -18.14 12.78
N ALA F 58 26.03 -17.07 13.34
CA ALA F 58 25.75 -16.71 14.75
C ALA F 58 24.25 -16.37 14.98
N TRP F 59 23.64 -15.61 14.07
CA TRP F 59 22.21 -15.27 14.17
C TRP F 59 21.33 -16.52 14.12
N THR F 60 21.68 -17.45 13.25
CA THR F 60 20.93 -18.70 13.12
C THR F 60 21.13 -19.54 14.39
N ARG F 61 22.35 -19.62 14.89
CA ARG F 61 22.57 -20.37 16.13
C ARG F 61 21.77 -19.76 17.29
N ALA F 62 21.78 -18.44 17.41
CA ALA F 62 20.94 -17.74 18.42
C ALA F 62 19.43 -17.96 18.23
N ALA F 63 18.96 -17.91 17.00
CA ALA F 63 17.54 -18.11 16.70
C ALA F 63 17.08 -19.54 17.02
N GLU F 64 17.94 -20.53 16.81
CA GLU F 64 17.55 -21.95 16.93
C GLU F 64 17.67 -22.48 18.37
N ASP F 65 18.43 -21.79 19.22
CA ASP F 65 18.64 -22.19 20.62
C ASP F 65 17.45 -21.73 21.50
N ASN F 66 16.60 -22.68 21.91
CA ASN F 66 15.50 -22.40 22.85
C ASN F 66 15.93 -21.70 24.15
N GLU F 67 17.15 -21.92 24.60
CA GLU F 67 17.62 -21.26 25.82
C GLU F 67 17.93 -19.78 25.59
N VAL F 68 18.11 -19.38 24.33
CA VAL F 68 18.32 -17.98 24.02
C VAL F 68 16.97 -17.25 23.91
N LYS F 69 16.74 -16.29 24.80
CA LYS F 69 15.54 -15.45 24.75
C LYS F 69 15.81 -14.06 24.13
N VAL F 70 17.01 -13.53 24.28
CA VAL F 70 17.38 -12.21 23.73
C VAL F 70 18.78 -12.25 23.09
N ILE F 71 18.95 -11.46 22.03
CA ILE F 71 20.20 -11.37 21.32
C ILE F 71 20.78 -9.99 21.46
N ILE F 72 22.08 -9.94 21.77
CA ILE F 72 22.85 -8.70 21.73
C ILE F 72 23.84 -8.78 20.58
N LEU F 73 23.91 -7.72 19.76
CA LEU F 73 24.99 -7.53 18.77
C LEU F 73 25.89 -6.38 19.20
N ARG F 74 27.16 -6.69 19.35
CA ARG F 74 28.13 -5.73 19.79
C ARG F 74 29.41 -5.94 18.99
N ALA F 75 30.42 -5.12 19.27
CA ALA F 75 31.66 -5.12 18.50
C ALA F 75 32.82 -4.71 19.40
N ASN F 76 33.95 -5.41 19.25
CA ASN F 76 35.19 -5.03 19.92
C ASN F 76 35.85 -3.83 19.24
N GLY F 77 36.60 -3.05 20.01
CA GLY F 77 37.44 -1.97 19.47
C GLY F 77 36.77 -0.61 19.58
N LYS F 78 37.32 0.39 18.89
CA LYS F 78 36.81 1.76 18.97
C LYS F 78 35.56 1.98 18.10
N HIS F 79 35.38 1.15 17.07
CA HIS F 79 34.40 1.41 16.02
C HIS F 79 33.54 0.18 15.78
N PHE F 80 32.22 0.41 15.69
CA PHE F 80 31.25 -0.65 15.44
C PHE F 80 31.56 -1.37 14.11
N SER F 81 31.63 -0.62 13.01
CA SER F 81 31.93 -1.21 11.70
C SER F 81 32.17 -0.11 10.68
N ALA F 82 33.34 -0.15 10.03
CA ALA F 82 33.62 0.73 8.89
C ALA F 82 32.88 0.27 7.61
N GLY F 83 32.15 -0.85 7.71
CA GLY F 83 31.28 -1.28 6.62
C GLY F 83 31.90 -2.35 5.74
N HIS F 84 31.48 -2.39 4.48
CA HIS F 84 31.87 -3.45 3.53
C HIS F 84 33.34 -3.33 3.09
N ASP F 85 34.12 -4.35 3.44
CA ASP F 85 35.52 -4.48 3.00
C ASP F 85 35.53 -4.69 1.47
N LEU F 86 35.92 -3.65 0.73
CA LEU F 86 35.87 -3.73 -0.75
C LEU F 86 37.08 -4.47 -1.36
N ARG F 87 38.24 -4.45 -0.68
CA ARG F 87 39.48 -5.11 -1.13
C ARG F 87 40.06 -6.03 -0.03
N PRO F 93 37.81 -12.12 -10.54
CA PRO F 93 36.58 -11.90 -11.32
C PRO F 93 36.90 -11.30 -12.70
N GLU F 94 36.86 -12.14 -13.74
CA GLU F 94 37.46 -11.83 -15.06
C GLU F 94 36.88 -10.56 -15.73
N LYS F 95 35.68 -10.66 -16.30
CA LYS F 95 34.93 -9.47 -16.73
C LYS F 95 33.71 -9.40 -15.83
N ILE F 96 33.56 -8.30 -15.09
CA ILE F 96 32.47 -8.19 -14.10
C ILE F 96 31.11 -7.86 -14.74
N SER F 97 30.14 -8.76 -14.62
CA SER F 97 28.75 -8.46 -15.05
C SER F 97 27.91 -7.89 -13.89
N LEU F 98 26.87 -7.10 -14.20
CA LEU F 98 25.97 -6.64 -13.14
C LEU F 98 25.30 -7.85 -12.47
N GLU F 99 24.97 -8.85 -13.25
CA GLU F 99 24.35 -10.09 -12.80
C GLU F 99 25.18 -10.68 -11.66
N PHE F 100 26.50 -10.76 -11.87
CA PHE F 100 27.43 -11.29 -10.87
C PHE F 100 27.33 -10.50 -9.57
N ILE F 101 27.31 -9.18 -9.66
CA ILE F 101 27.21 -8.34 -8.46
C ILE F 101 25.88 -8.56 -7.73
N ILE F 102 24.82 -8.64 -8.51
CA ILE F 102 23.49 -8.82 -7.96
C ILE F 102 23.39 -10.13 -7.23
N GLN F 103 23.91 -11.20 -7.83
CA GLN F 103 23.88 -12.52 -7.22
C GLN F 103 24.55 -12.48 -5.85
N HIS F 104 25.74 -11.90 -5.78
CA HIS F 104 26.44 -11.76 -4.50
C HIS F 104 25.77 -10.82 -3.48
N GLU F 105 25.37 -9.62 -3.90
CA GLU F 105 24.77 -8.64 -2.99
C GLU F 105 23.39 -9.04 -2.53
N ALA F 106 22.58 -9.61 -3.43
CA ALA F 106 21.25 -10.15 -3.04
C ALA F 106 21.41 -11.16 -1.88
N ARG F 107 22.40 -12.06 -1.97
CA ARG F 107 22.62 -13.00 -0.87
C ARG F 107 23.06 -12.31 0.45
N ARG F 108 24.17 -11.60 0.44
CA ARG F 108 24.82 -11.21 1.71
C ARG F 108 24.40 -9.86 2.30
N TYR F 109 23.86 -8.98 1.45
CA TYR F 109 23.48 -7.64 1.89
C TYR F 109 21.99 -7.44 1.99
N LEU F 110 21.22 -8.19 1.22
CA LEU F 110 19.79 -8.10 1.25
C LEU F 110 19.17 -9.24 2.06
N ASP F 111 19.36 -10.49 1.60
CA ASP F 111 18.74 -11.65 2.24
C ASP F 111 19.20 -11.92 3.67
N TYR F 112 20.51 -11.82 3.93
CA TYR F 112 21.01 -11.95 5.29
C TYR F 112 20.29 -10.94 6.19
N THR F 113 20.31 -9.68 5.75
CA THR F 113 19.87 -8.58 6.57
C THR F 113 18.37 -8.73 6.93
N LEU F 114 17.56 -9.07 5.93
CA LEU F 114 16.11 -9.31 6.18
C LEU F 114 15.94 -10.53 7.08
N ARG F 115 16.77 -11.55 6.91
CA ARG F 115 16.61 -12.72 7.74
C ARG F 115 16.84 -12.37 9.20
N TRP F 116 17.85 -11.54 9.45
CA TRP F 116 18.17 -11.14 10.81
C TRP F 116 17.03 -10.29 11.39
N ARG F 117 16.53 -9.39 10.55
CA ARG F 117 15.40 -8.53 10.90
C ARG F 117 14.21 -9.36 11.43
N ASN F 118 14.00 -10.52 10.81
CA ASN F 118 12.84 -11.34 11.13
C ASN F 118 13.05 -12.40 12.19
N VAL F 119 14.25 -12.53 12.77
CA VAL F 119 14.47 -13.56 13.78
C VAL F 119 13.42 -13.33 14.88
N PRO F 120 12.72 -14.39 15.31
CA PRO F 120 11.57 -14.16 16.18
C PRO F 120 11.91 -14.04 17.67
N LYS F 121 12.95 -13.28 17.98
CA LYS F 121 13.38 -12.99 19.36
C LYS F 121 13.92 -11.57 19.34
N PRO F 122 13.78 -10.84 20.46
CA PRO F 122 14.30 -9.50 20.53
C PRO F 122 15.81 -9.44 20.38
N SER F 123 16.27 -8.43 19.66
CA SER F 123 17.67 -8.22 19.40
C SER F 123 18.00 -6.77 19.67
N ILE F 124 19.21 -6.53 20.20
CA ILE F 124 19.69 -5.22 20.59
C ILE F 124 21.08 -5.00 20.02
N ALA F 125 21.27 -3.92 19.27
CA ALA F 125 22.62 -3.53 18.83
C ALA F 125 23.20 -2.51 19.80
N ALA F 126 24.49 -2.68 20.14
CA ALA F 126 25.24 -1.72 20.94
C ALA F 126 26.28 -1.13 20.00
N VAL F 127 26.10 0.14 19.63
CA VAL F 127 26.94 0.76 18.61
C VAL F 127 27.87 1.79 19.22
N GLN F 128 29.17 1.52 19.15
CA GLN F 128 30.20 2.47 19.55
C GLN F 128 30.93 3.03 18.32
N GLY F 129 31.41 4.26 18.45
CA GLY F 129 32.23 4.89 17.42
C GLY F 129 31.60 4.90 16.03
N ARG F 130 32.43 4.74 15.01
CA ARG F 130 32.01 4.85 13.61
C ARG F 130 31.15 3.64 13.19
N CYS F 131 29.98 3.94 12.63
CA CYS F 131 29.13 2.97 11.92
C CYS F 131 28.86 3.54 10.52
N ILE F 132 29.55 3.00 9.52
CA ILE F 132 29.61 3.62 8.18
C ILE F 132 29.02 2.68 7.12
N SER F 133 28.04 3.18 6.36
CA SER F 133 27.51 2.47 5.20
C SER F 133 27.06 1.03 5.55
N GLY F 134 27.79 0.01 5.12
CA GLY F 134 27.40 -1.39 5.39
C GLY F 134 27.33 -1.73 6.88
N GLY F 135 27.97 -0.93 7.72
CA GLY F 135 27.78 -1.03 9.16
C GLY F 135 26.31 -0.91 9.56
N LEU F 136 25.56 -0.09 8.84
CA LEU F 136 24.12 0.12 9.12
C LEU F 136 23.31 -1.15 8.90
N LEU F 137 23.79 -1.98 7.98
CA LEU F 137 23.17 -3.26 7.68
C LEU F 137 23.27 -4.26 8.81
N LEU F 138 24.18 -4.04 9.75
CA LEU F 138 24.38 -4.92 10.89
C LEU F 138 23.48 -4.51 12.06
N CYS F 139 23.29 -3.20 12.27
CA CYS F 139 22.48 -2.74 13.41
C CYS F 139 21.01 -2.46 13.09
N TRP F 140 20.73 -1.94 11.90
CA TRP F 140 19.33 -1.70 11.52
C TRP F 140 18.39 -2.92 11.63
N PRO F 141 18.86 -4.14 11.31
CA PRO F 141 17.95 -5.28 11.52
C PRO F 141 17.67 -5.64 12.99
N CYS F 142 18.43 -5.10 13.93
CA CYS F 142 18.17 -5.36 15.32
C CYS F 142 16.96 -4.51 15.72
N ASP F 143 16.25 -4.97 16.76
CA ASP F 143 15.00 -4.32 17.20
C ASP F 143 15.24 -2.98 17.86
N LEU F 144 16.25 -2.96 18.73
CA LEU F 144 16.61 -1.77 19.50
C LEU F 144 18.08 -1.43 19.27
N ILE F 145 18.42 -0.15 19.36
CA ILE F 145 19.78 0.28 19.20
C ILE F 145 20.16 1.21 20.35
N LEU F 146 21.18 0.82 21.08
CA LEU F 146 21.80 1.70 22.08
C LEU F 146 23.11 2.17 21.49
N ALA F 147 23.39 3.47 21.59
CA ALA F 147 24.58 4.07 21.01
C ALA F 147 25.40 4.75 22.09
N SER F 148 26.72 4.59 22.06
CA SER F 148 27.57 5.43 22.91
C SER F 148 27.50 6.87 22.43
N ASP F 149 27.79 7.81 23.33
CA ASP F 149 27.78 9.23 22.95
C ASP F 149 28.83 9.57 21.90
N ASP F 150 29.83 8.69 21.73
CA ASP F 150 30.84 8.87 20.69
C ASP F 150 30.41 8.35 19.31
N ALA F 151 29.25 7.71 19.22
CA ALA F 151 28.84 7.04 17.99
C ALA F 151 28.51 8.00 16.86
N LEU F 152 28.94 7.64 15.65
CA LEU F 152 28.76 8.45 14.45
C LEU F 152 28.23 7.56 13.36
N PHE F 153 27.06 7.91 12.83
CA PHE F 153 26.39 7.13 11.78
C PHE F 153 26.49 7.87 10.46
N SER F 154 26.88 7.20 9.38
CA SER F 154 26.98 7.85 8.09
C SER F 154 26.83 6.82 6.98
N ASP F 155 26.48 7.29 5.78
CA ASP F 155 26.49 6.46 4.58
C ASP F 155 26.96 7.33 3.42
N PRO F 156 28.28 7.50 3.27
CA PRO F 156 28.86 8.35 2.24
C PRO F 156 29.07 7.61 0.90
N VAL F 157 28.25 6.61 0.61
CA VAL F 157 28.50 5.75 -0.56
C VAL F 157 28.21 6.45 -1.91
N ALA F 158 27.56 7.64 -1.87
CA ALA F 158 27.40 8.49 -3.05
C ALA F 158 28.76 8.89 -3.64
N LEU F 159 29.79 8.99 -2.79
CA LEU F 159 31.17 9.23 -3.28
C LEU F 159 31.58 8.15 -4.31
N MET F 160 31.08 6.92 -4.15
CA MET F 160 31.41 5.80 -5.05
C MET F 160 30.43 5.66 -6.26
N GLY F 161 29.49 6.60 -6.40
CA GLY F 161 28.55 6.56 -7.52
C GLY F 161 27.20 5.91 -7.22
N ILE F 162 26.96 5.51 -5.98
CA ILE F 162 25.82 4.65 -5.60
C ILE F 162 24.83 5.41 -4.70
N GLY F 163 23.53 5.18 -4.87
CA GLY F 163 22.47 5.90 -4.12
C GLY F 163 22.14 5.30 -2.75
N GLY F 164 23.12 5.26 -1.86
CA GLY F 164 22.92 4.66 -0.54
C GLY F 164 23.15 3.16 -0.55
N VAL F 165 23.33 2.58 0.63
CA VAL F 165 23.59 1.14 0.74
C VAL F 165 22.40 0.26 0.30
N GLU F 166 22.65 -1.04 0.20
CA GLU F 166 21.80 -1.99 -0.49
C GLU F 166 20.41 -2.18 0.17
N TYR F 167 20.35 -1.98 1.49
CA TYR F 167 19.15 -2.20 2.29
C TYR F 167 18.79 -0.83 2.78
N HIS F 168 17.74 -0.25 2.21
CA HIS F 168 17.46 1.15 2.45
C HIS F 168 16.59 1.36 3.67
N GLY F 169 17.22 1.26 4.83
CA GLY F 169 16.53 1.63 6.05
C GLY F 169 16.49 3.13 6.30
N HIS F 170 17.23 3.89 5.51
CA HIS F 170 17.47 5.32 5.79
C HIS F 170 16.19 6.11 5.97
N THR F 171 15.29 5.99 5.01
CA THR F 171 14.06 6.77 5.00
C THR F 171 13.15 6.40 6.17
N TRP F 172 13.17 5.13 6.52
CA TRP F 172 12.37 4.61 7.63
C TRP F 172 12.89 5.05 8.97
N GLU F 173 14.22 5.00 9.11
CA GLU F 173 14.89 5.22 10.37
C GLU F 173 15.05 6.67 10.66
N LEU F 174 15.27 7.47 9.61
CA LEU F 174 15.62 8.86 9.77
C LEU F 174 14.59 9.87 9.32
N GLY F 175 13.57 9.41 8.59
CA GLY F 175 12.69 10.32 7.85
C GLY F 175 13.35 10.70 6.54
N PRO F 176 12.54 11.11 5.54
CA PRO F 176 13.13 11.36 4.22
C PRO F 176 14.05 12.57 4.11
N ARG F 177 13.83 13.64 4.86
CA ARG F 177 14.68 14.80 4.63
C ARG F 177 16.07 14.59 5.22
N LYS F 178 16.12 13.95 6.41
CA LYS F 178 17.40 13.62 7.04
C LYS F 178 18.16 12.54 6.25
N ALA F 179 17.43 11.58 5.66
CA ALA F 179 18.04 10.53 4.83
C ALA F 179 18.66 11.18 3.60
N LYS F 180 17.93 12.08 2.94
CA LYS F 180 18.51 12.74 1.76
C LYS F 180 19.71 13.57 2.16
N GLU F 181 19.64 14.24 3.31
CA GLU F 181 20.75 15.08 3.76
C GLU F 181 22.03 14.25 3.95
N ILE F 182 21.90 13.12 4.63
CA ILE F 182 23.09 12.33 4.89
C ILE F 182 23.60 11.66 3.60
N LEU F 183 22.69 11.26 2.70
CA LEU F 183 23.12 10.67 1.42
C LEU F 183 23.75 11.73 0.51
N PHE F 184 23.18 12.94 0.45
CA PHE F 184 23.70 13.99 -0.43
C PHE F 184 25.04 14.60 0.03
N THR F 185 25.26 14.68 1.34
CA THR F 185 26.43 15.31 1.91
C THR F 185 27.52 14.32 2.29
N GLY F 186 27.14 13.08 2.59
CA GLY F 186 28.09 12.11 3.13
C GLY F 186 28.46 12.38 4.60
N ARG F 187 27.72 13.23 5.30
CA ARG F 187 28.10 13.55 6.68
C ARG F 187 27.64 12.47 7.67
N ALA F 188 28.25 12.52 8.85
CA ALA F 188 27.90 11.65 9.96
C ALA F 188 26.81 12.29 10.86
N LEU F 189 25.92 11.46 11.42
CA LEU F 189 25.01 11.88 12.47
C LEU F 189 25.58 11.47 13.81
N THR F 190 25.56 12.36 14.78
CA THR F 190 25.91 11.98 16.15
C THR F 190 24.86 11.05 16.73
N ALA F 191 25.23 10.40 17.84
CA ALA F 191 24.33 9.52 18.58
C ALA F 191 23.05 10.29 18.91
N GLU F 192 23.22 11.55 19.33
CA GLU F 192 22.13 12.40 19.77
C GLU F 192 21.18 12.78 18.63
N GLU F 193 21.74 13.09 17.44
CA GLU F 193 20.93 13.33 16.23
C GLU F 193 20.14 12.10 15.85
N ALA F 194 20.76 10.93 15.94
CA ALA F 194 20.09 9.69 15.55
C ALA F 194 18.95 9.38 16.49
N GLU F 195 19.16 9.66 17.77
CA GLU F 195 18.13 9.49 18.77
C GLU F 195 16.93 10.38 18.46
N ARG F 196 17.17 11.59 17.97
CA ARG F 196 16.07 12.52 17.68
C ARG F 196 15.19 12.11 16.50
N THR F 197 15.68 11.21 15.65
CA THR F 197 14.85 10.72 14.55
C THR F 197 14.15 9.42 14.93
N GLY F 198 14.52 8.81 16.04
CA GLY F 198 13.97 7.51 16.43
C GLY F 198 14.85 6.33 16.04
N MET F 199 15.95 6.57 15.33
CA MET F 199 16.85 5.51 14.95
C MET F 199 17.57 4.87 16.15
N VAL F 200 17.94 5.69 17.12
CA VAL F 200 18.61 5.20 18.32
C VAL F 200 17.63 5.26 19.47
N ASN F 201 17.49 4.17 20.23
CA ASN F 201 16.60 4.12 21.40
C ASN F 201 17.14 4.90 22.58
N ARG F 202 18.43 4.73 22.87
CA ARG F 202 19.08 5.41 23.97
C ARG F 202 20.55 5.69 23.71
N VAL F 203 21.03 6.81 24.22
CA VAL F 203 22.43 7.18 24.13
C VAL F 203 23.02 7.06 25.54
N VAL F 204 24.17 6.38 25.66
CA VAL F 204 24.78 6.14 26.94
C VAL F 204 26.27 6.47 26.88
N ALA F 205 26.87 6.68 28.06
CA ALA F 205 28.31 6.91 28.16
C ALA F 205 29.04 5.73 27.54
N ARG F 206 30.09 5.99 26.77
CA ARG F 206 30.84 4.90 26.13
C ARG F 206 31.23 3.82 27.15
N ASP F 207 31.67 4.22 28.34
CA ASP F 207 32.03 3.29 29.42
C ASP F 207 30.86 2.41 29.93
N GLU F 208 29.62 2.88 29.78
CA GLU F 208 28.47 2.15 30.31
C GLU F 208 27.71 1.38 29.21
N LEU F 209 28.13 1.52 27.95
CA LEU F 209 27.40 0.91 26.85
C LEU F 209 27.15 -0.58 27.08
N ASP F 210 28.22 -1.35 27.27
CA ASP F 210 28.12 -2.80 27.42
C ASP F 210 27.25 -3.19 28.61
N ALA F 211 27.50 -2.54 29.76
CA ALA F 211 26.70 -2.76 30.97
C ALA F 211 25.21 -2.40 30.76
N GLN F 212 24.92 -1.24 30.22
CA GLN F 212 23.52 -0.85 30.00
C GLN F 212 22.80 -1.73 28.97
N THR F 213 23.52 -2.21 27.97
CA THR F 213 22.95 -3.13 27.00
C THR F 213 22.60 -4.47 27.66
N ARG F 214 23.48 -4.97 28.52
CA ARG F 214 23.25 -6.24 29.18
CA ARG F 214 23.24 -6.26 29.15
C ARG F 214 22.07 -6.13 30.12
N GLU F 215 22.02 -5.04 30.87
CA GLU F 215 20.91 -4.77 31.77
C GLU F 215 19.57 -4.71 31.04
N LEU F 216 19.55 -4.05 29.89
CA LEU F 216 18.33 -4.00 29.08
C LEU F 216 17.93 -5.40 28.58
N ALA F 217 18.91 -6.21 28.17
CA ALA F 217 18.63 -7.56 27.68
C ALA F 217 18.09 -8.47 28.78
N GLU F 218 18.68 -8.39 29.97
CA GLU F 218 18.19 -9.17 31.11
C GLU F 218 16.74 -8.82 31.49
N GLN F 219 16.44 -7.53 31.56
CA GLN F 219 15.08 -7.05 31.80
C GLN F 219 14.08 -7.63 30.79
N ILE F 220 14.43 -7.57 29.50
CA ILE F 220 13.56 -8.07 28.44
C ILE F 220 13.44 -9.60 28.51
N ALA F 221 14.52 -10.26 28.91
CA ALA F 221 14.57 -11.72 29.05
C ALA F 221 13.66 -12.29 30.16
N THR F 222 13.15 -11.46 31.05
CA THR F 222 12.18 -11.94 32.03
C THR F 222 10.77 -12.07 31.43
N MET F 223 10.54 -11.51 30.24
CA MET F 223 9.22 -11.58 29.62
C MET F 223 8.93 -12.95 28.97
N PRO F 224 7.66 -13.33 28.87
CA PRO F 224 7.28 -14.56 28.15
C PRO F 224 7.79 -14.55 26.69
N PRO F 225 8.52 -15.58 26.27
CA PRO F 225 9.06 -15.55 24.91
C PRO F 225 7.99 -15.34 23.79
N PHE F 226 6.81 -15.92 23.95
CA PHE F 226 5.81 -15.82 22.89
C PHE F 226 5.17 -14.42 22.85
N ALA F 227 5.04 -13.78 24.00
CA ALA F 227 4.65 -12.38 24.05
C ALA F 227 5.63 -11.49 23.30
N LEU F 228 6.91 -11.68 23.53
CA LEU F 228 7.95 -10.89 22.88
C LEU F 228 7.94 -11.13 21.36
N ARG F 229 7.70 -12.38 20.96
CA ARG F 229 7.69 -12.76 19.56
C ARG F 229 6.54 -12.04 18.85
N GLN F 230 5.36 -12.05 19.43
CA GLN F 230 4.22 -11.44 18.81
C GLN F 230 4.25 -9.89 18.92
N ALA F 231 4.83 -9.33 19.98
CA ALA F 231 5.12 -7.89 19.99
C ALA F 231 6.04 -7.44 18.84
N LYS F 232 7.14 -8.17 18.64
CA LYS F 232 8.06 -7.90 17.56
C LYS F 232 7.32 -8.00 16.21
N ARG F 233 6.53 -9.06 16.07
CA ARG F 233 5.72 -9.33 14.89
C ARG F 233 4.68 -8.25 14.60
N ALA F 234 4.01 -7.79 15.65
CA ALA F 234 3.06 -6.69 15.53
C ALA F 234 3.69 -5.44 14.93
N VAL F 235 4.83 -5.04 15.44
CA VAL F 235 5.51 -3.85 14.92
C VAL F 235 6.09 -4.07 13.49
N ASN F 236 6.76 -5.18 13.27
CA ASN F 236 7.33 -5.47 11.97
C ASN F 236 6.28 -5.66 10.88
N GLN F 237 5.13 -6.26 11.25
CA GLN F 237 4.07 -6.46 10.29
C GLN F 237 3.37 -5.13 9.98
N THR F 238 3.29 -4.24 10.95
CA THR F 238 2.81 -2.88 10.65
C THR F 238 3.72 -2.22 9.63
N LEU F 239 5.03 -2.31 9.86
CA LEU F 239 6.01 -1.81 8.89
C LEU F 239 5.85 -2.42 7.49
N ASP F 240 5.64 -3.72 7.41
CA ASP F 240 5.49 -4.35 6.09
C ASP F 240 4.16 -3.95 5.42
N VAL F 241 3.10 -3.78 6.21
CA VAL F 241 1.83 -3.26 5.66
C VAL F 241 2.05 -1.81 5.14
N GLN F 242 2.83 -1.04 5.88
CA GLN F 242 3.24 0.31 5.41
C GLN F 242 4.10 0.34 4.14
N GLY F 243 4.64 -0.82 3.76
CA GLY F 243 5.41 -0.94 2.55
C GLY F 243 6.90 -1.24 2.75
N PHE F 244 7.32 -1.60 3.95
CA PHE F 244 8.72 -1.86 4.23
C PHE F 244 9.37 -2.91 3.29
N TYR F 245 8.83 -4.12 3.27
CA TYR F 245 9.41 -5.14 2.41
C TYR F 245 9.45 -4.68 0.97
N ALA F 246 8.33 -4.16 0.46
CA ALA F 246 8.29 -3.75 -0.97
C ALA F 246 9.26 -2.61 -1.23
N ALA F 247 9.39 -1.68 -0.30
CA ALA F 247 10.28 -0.53 -0.52
C ALA F 247 11.76 -0.99 -0.49
N ILE F 248 12.09 -1.88 0.43
CA ILE F 248 13.47 -2.41 0.50
C ILE F 248 13.83 -3.07 -0.83
N GLN F 249 12.91 -3.86 -1.38
CA GLN F 249 13.13 -4.51 -2.68
C GLN F 249 13.32 -3.50 -3.80
N SER F 250 12.49 -2.48 -3.81
CA SER F 250 12.49 -1.45 -4.86
C SER F 250 13.83 -0.72 -4.86
N VAL F 251 14.30 -0.34 -3.67
CA VAL F 251 15.57 0.40 -3.56
C VAL F 251 16.78 -0.47 -3.81
N PHE F 252 16.67 -1.77 -3.54
CA PHE F 252 17.74 -2.66 -3.94
C PHE F 252 18.05 -2.54 -5.44
N ASP F 253 17.03 -2.46 -6.26
CA ASP F 253 17.20 -2.32 -7.69
C ASP F 253 17.77 -0.95 -8.04
N ILE F 254 17.34 0.09 -7.32
CA ILE F 254 17.90 1.42 -7.53
C ILE F 254 19.42 1.44 -7.23
N HIS F 255 19.80 0.80 -6.12
CA HIS F 255 21.21 0.63 -5.77
C HIS F 255 21.96 -0.04 -6.93
N GLN F 256 21.36 -1.07 -7.51
CA GLN F 256 22.02 -1.84 -8.57
C GLN F 256 22.19 -1.04 -9.85
N THR F 257 21.34 -0.05 -10.11
CA THR F 257 21.55 0.82 -11.26
C THR F 257 22.83 1.64 -11.07
N GLY F 258 23.18 1.88 -9.80
CA GLY F 258 24.45 2.56 -9.46
C GLY F 258 25.67 1.77 -9.87
N HIS F 259 25.61 0.46 -9.62
CA HIS F 259 26.68 -0.44 -10.06
C HIS F 259 26.65 -0.57 -11.59
N GLY F 260 25.45 -0.61 -12.19
CA GLY F 260 25.33 -0.65 -13.66
C GLY F 260 25.99 0.56 -14.29
N ASN F 261 25.72 1.72 -13.72
CA ASN F 261 26.31 2.93 -14.27
C ASN F 261 27.83 2.96 -14.12
N ALA F 262 28.32 2.58 -12.93
CA ALA F 262 29.75 2.55 -12.63
C ALA F 262 30.48 1.59 -13.56
N LEU F 263 29.94 0.40 -13.74
CA LEU F 263 30.49 -0.54 -14.72
C LEU F 263 30.55 0.11 -16.10
N SER F 264 29.48 0.79 -16.52
CA SER F 264 29.42 1.45 -17.84
C SER F 264 30.39 2.64 -18.03
N VAL F 265 30.79 3.28 -16.94
CA VAL F 265 31.65 4.50 -17.00
C VAL F 265 33.12 4.23 -16.62
N SER F 266 33.34 3.37 -15.60
CA SER F 266 34.68 3.11 -15.08
CA SER F 266 34.69 3.12 -15.12
C SER F 266 35.15 1.67 -15.35
N GLY F 267 34.27 0.81 -15.88
CA GLY F 267 34.60 -0.63 -16.05
C GLY F 267 34.66 -1.40 -14.72
N TRP F 268 34.26 -0.74 -13.63
CA TRP F 268 34.42 -1.28 -12.27
C TRP F 268 33.08 -1.10 -11.55
N PRO F 269 32.78 -1.91 -10.51
CA PRO F 269 31.44 -1.80 -9.85
C PRO F 269 31.18 -0.47 -9.11
N VAL F 270 32.23 0.27 -8.76
CA VAL F 270 32.06 1.60 -8.20
C VAL F 270 32.88 2.61 -8.99
N LEU F 271 32.54 3.90 -8.86
CA LEU F 271 33.29 4.94 -9.56
C LEU F 271 34.71 5.08 -8.97
N VAL F 272 35.69 5.29 -9.86
CA VAL F 272 37.08 5.57 -9.47
C VAL F 272 37.50 6.94 -10.05
N ASP F 273 38.43 7.66 -9.41
CA ASP F 273 39.02 8.94 -9.96
C ASP F 273 39.41 8.91 -11.47
#